data_5DMP
# 
_entry.id   5DMP 
# 
_audit_conform.dict_name       mmcif_pdbx.dic 
_audit_conform.dict_version    5.383 
_audit_conform.dict_location   http://mmcif.pdb.org/dictionaries/ascii/mmcif_pdbx.dic 
# 
loop_
_database_2.database_id 
_database_2.database_code 
_database_2.pdbx_database_accession 
_database_2.pdbx_DOI 
PDB   5DMP         pdb_00005dmp 10.2210/pdb5dmp/pdb 
WWPDB D_1000213448 ?            ?                   
# 
loop_
_pdbx_audit_revision_history.ordinal 
_pdbx_audit_revision_history.data_content_type 
_pdbx_audit_revision_history.major_revision 
_pdbx_audit_revision_history.minor_revision 
_pdbx_audit_revision_history.revision_date 
1 'Structure model' 1 0 2015-10-07 
2 'Structure model' 1 1 2016-03-30 
3 'Structure model' 1 2 2024-01-10 
# 
_pdbx_audit_revision_details.ordinal             1 
_pdbx_audit_revision_details.revision_ordinal    1 
_pdbx_audit_revision_details.data_content_type   'Structure model' 
_pdbx_audit_revision_details.provider            repository 
_pdbx_audit_revision_details.type                'Initial release' 
_pdbx_audit_revision_details.description         ? 
_pdbx_audit_revision_details.details             ? 
# 
loop_
_pdbx_audit_revision_group.ordinal 
_pdbx_audit_revision_group.revision_ordinal 
_pdbx_audit_revision_group.data_content_type 
_pdbx_audit_revision_group.group 
1 2 'Structure model' 'Database references'    
2 3 'Structure model' 'Data collection'        
3 3 'Structure model' 'Database references'    
4 3 'Structure model' 'Refinement description' 
# 
loop_
_pdbx_audit_revision_category.ordinal 
_pdbx_audit_revision_category.revision_ordinal 
_pdbx_audit_revision_category.data_content_type 
_pdbx_audit_revision_category.category 
1 3 'Structure model' chem_comp_atom                
2 3 'Structure model' chem_comp_bond                
3 3 'Structure model' database_2                    
4 3 'Structure model' pdbx_initial_refinement_model 
# 
loop_
_pdbx_audit_revision_item.ordinal 
_pdbx_audit_revision_item.revision_ordinal 
_pdbx_audit_revision_item.data_content_type 
_pdbx_audit_revision_item.item 
1 3 'Structure model' '_database_2.pdbx_DOI'                
2 3 'Structure model' '_database_2.pdbx_database_accession' 
# 
_pdbx_database_status.status_code                     REL 
_pdbx_database_status.status_code_sf                  REL 
_pdbx_database_status.status_code_mr                  ? 
_pdbx_database_status.entry_id                        5DMP 
_pdbx_database_status.recvd_initial_deposition_date   2015-09-09 
_pdbx_database_status.SG_entry                        N 
_pdbx_database_status.deposit_site                    RCSB 
_pdbx_database_status.process_site                    PDBE 
_pdbx_database_status.status_code_cs                  ? 
_pdbx_database_status.methods_development_category    ? 
_pdbx_database_status.pdb_format_compatible           Y 
_pdbx_database_status.status_code_nmr_data            ? 
# 
loop_
_audit_author.name 
_audit_author.pdbx_ordinal 
'Brissett, N.C.' 1 
'Bartlett, E.J.' 2 
'Doherty, A.J.'  3 
# 
_citation.abstract                  ? 
_citation.abstract_id_CAS           ? 
_citation.book_id_ISBN              ? 
_citation.book_publisher            ? 
_citation.book_publisher_city       ? 
_citation.book_title                ? 
_citation.coordinate_linkage        ? 
_citation.country                   UK 
_citation.database_id_Medline       ? 
_citation.details                   ? 
_citation.id                        primary 
_citation.journal_abbrev            'Nucleic Acids Res.' 
_citation.journal_id_ASTM           NARHAD 
_citation.journal_id_CSD            0389 
_citation.journal_id_ISSN           1362-4962 
_citation.journal_full              ? 
_citation.journal_issue             ? 
_citation.journal_volume            44 
_citation.language                  ? 
_citation.page_first                2173 
_citation.page_last                 2186 
_citation.title                     'Molecular basis for DNA strand displacement by NHEJ repair polymerases.' 
_citation.year                      2016 
_citation.database_id_CSD           ? 
_citation.pdbx_database_id_DOI      10.1093/nar/gkv965 
_citation.pdbx_database_id_PubMed   26405198 
_citation.unpublished_flag          ? 
# 
loop_
_citation_author.citation_id 
_citation_author.name 
_citation_author.ordinal 
_citation_author.identifier_ORCID 
primary 'Bartlett, E.J.' 1 ? 
primary 'Brissett, N.C.' 2 ? 
primary 'Plocinski, P.'  3 ? 
primary 'Carlberg, T.'   4 ? 
primary 'Doherty, A.J.'  5 ? 
# 
loop_
_entity.id 
_entity.type 
_entity.src_method 
_entity.pdbx_description 
_entity.formula_weight 
_entity.pdbx_number_of_molecules 
_entity.pdbx_ec 
_entity.pdbx_mutation 
_entity.pdbx_fragment 
_entity.details 
1 polymer     man 'Uncharacterized protein' 19062.793 1  ? ? 'UNP residues 30-198' ? 
2 non-polymer syn 1,2-ETHANEDIOL            62.068    7  ? ? ?                     ? 
3 non-polymer syn 'MAGNESIUM ION'           24.305    1  ? ? ?                     ? 
4 non-polymer syn 'oxido(dioxo)vanadium'    98.940    1  ? ? ?                     ? 
5 water       nat water                     18.015    90 ? ? ?                     ? 
# 
_entity_poly.entity_id                      1 
_entity_poly.type                           'polypeptide(L)' 
_entity_poly.nstd_linkage                   no 
_entity_poly.nstd_monomer                   no 
_entity_poly.pdbx_seq_one_letter_code       
;IKHPIYVIQKHDASHLHYDLRLEMGGVLKSWAVPKGPSLDPKVKRLAMPTEDHPIGYATFEGVIPEGQYGGGTVMVWDIG
TYRNLREEKPEGSRMTIEQSYDQGKIEVFLEGKKLKGSYALIRTGGIEKRGWLFFKMKEPHEGSYEDIEKAAPDSVLTGR
TMDEIAKEG
;
_entity_poly.pdbx_seq_one_letter_code_can   
;IKHPIYVIQKHDASHLHYDLRLEMGGVLKSWAVPKGPSLDPKVKRLAMPTEDHPIGYATFEGVIPEGQYGGGTVMVWDIG
TYRNLREEKPEGSRMTIEQSYDQGKIEVFLEGKKLKGSYALIRTGGIEKRGWLFFKMKEPHEGSYEDIEKAAPDSVLTGR
TMDEIAKEG
;
_entity_poly.pdbx_strand_id                 A 
_entity_poly.pdbx_target_identifier         ? 
# 
loop_
_pdbx_entity_nonpoly.entity_id 
_pdbx_entity_nonpoly.name 
_pdbx_entity_nonpoly.comp_id 
2 1,2-ETHANEDIOL         EDO 
3 'MAGNESIUM ION'        MG  
4 'oxido(dioxo)vanadium' VN4 
5 water                  HOH 
# 
loop_
_entity_poly_seq.entity_id 
_entity_poly_seq.num 
_entity_poly_seq.mon_id 
_entity_poly_seq.hetero 
1 1   ILE n 
1 2   LYS n 
1 3   HIS n 
1 4   PRO n 
1 5   ILE n 
1 6   TYR n 
1 7   VAL n 
1 8   ILE n 
1 9   GLN n 
1 10  LYS n 
1 11  HIS n 
1 12  ASP n 
1 13  ALA n 
1 14  SER n 
1 15  HIS n 
1 16  LEU n 
1 17  HIS n 
1 18  TYR n 
1 19  ASP n 
1 20  LEU n 
1 21  ARG n 
1 22  LEU n 
1 23  GLU n 
1 24  MET n 
1 25  GLY n 
1 26  GLY n 
1 27  VAL n 
1 28  LEU n 
1 29  LYS n 
1 30  SER n 
1 31  TRP n 
1 32  ALA n 
1 33  VAL n 
1 34  PRO n 
1 35  LYS n 
1 36  GLY n 
1 37  PRO n 
1 38  SER n 
1 39  LEU n 
1 40  ASP n 
1 41  PRO n 
1 42  LYS n 
1 43  VAL n 
1 44  LYS n 
1 45  ARG n 
1 46  LEU n 
1 47  ALA n 
1 48  MET n 
1 49  PRO n 
1 50  THR n 
1 51  GLU n 
1 52  ASP n 
1 53  HIS n 
1 54  PRO n 
1 55  ILE n 
1 56  GLY n 
1 57  TYR n 
1 58  ALA n 
1 59  THR n 
1 60  PHE n 
1 61  GLU n 
1 62  GLY n 
1 63  VAL n 
1 64  ILE n 
1 65  PRO n 
1 66  GLU n 
1 67  GLY n 
1 68  GLN n 
1 69  TYR n 
1 70  GLY n 
1 71  GLY n 
1 72  GLY n 
1 73  THR n 
1 74  VAL n 
1 75  MET n 
1 76  VAL n 
1 77  TRP n 
1 78  ASP n 
1 79  ILE n 
1 80  GLY n 
1 81  THR n 
1 82  TYR n 
1 83  ARG n 
1 84  ASN n 
1 85  LEU n 
1 86  ARG n 
1 87  GLU n 
1 88  GLU n 
1 89  LYS n 
1 90  PRO n 
1 91  GLU n 
1 92  GLY n 
1 93  SER n 
1 94  ARG n 
1 95  MET n 
1 96  THR n 
1 97  ILE n 
1 98  GLU n 
1 99  GLN n 
1 100 SER n 
1 101 TYR n 
1 102 ASP n 
1 103 GLN n 
1 104 GLY n 
1 105 LYS n 
1 106 ILE n 
1 107 GLU n 
1 108 VAL n 
1 109 PHE n 
1 110 LEU n 
1 111 GLU n 
1 112 GLY n 
1 113 LYS n 
1 114 LYS n 
1 115 LEU n 
1 116 LYS n 
1 117 GLY n 
1 118 SER n 
1 119 TYR n 
1 120 ALA n 
1 121 LEU n 
1 122 ILE n 
1 123 ARG n 
1 124 THR n 
1 125 GLY n 
1 126 GLY n 
1 127 ILE n 
1 128 GLU n 
1 129 LYS n 
1 130 ARG n 
1 131 GLY n 
1 132 TRP n 
1 133 LEU n 
1 134 PHE n 
1 135 PHE n 
1 136 LYS n 
1 137 MET n 
1 138 LYS n 
1 139 GLU n 
1 140 PRO n 
1 141 HIS n 
1 142 GLU n 
1 143 GLY n 
1 144 SER n 
1 145 TYR n 
1 146 GLU n 
1 147 ASP n 
1 148 ILE n 
1 149 GLU n 
1 150 LYS n 
1 151 ALA n 
1 152 ALA n 
1 153 PRO n 
1 154 ASP n 
1 155 SER n 
1 156 VAL n 
1 157 LEU n 
1 158 THR n 
1 159 GLY n 
1 160 ARG n 
1 161 THR n 
1 162 MET n 
1 163 ASP n 
1 164 GLU n 
1 165 ILE n 
1 166 ALA n 
1 167 LYS n 
1 168 GLU n 
1 169 GLY n 
# 
_entity_src_gen.entity_id                          1 
_entity_src_gen.pdbx_src_id                        1 
_entity_src_gen.pdbx_alt_source_flag               sample 
_entity_src_gen.pdbx_seq_type                      'Biological sequence' 
_entity_src_gen.pdbx_beg_seq_num                   1 
_entity_src_gen.pdbx_end_seq_num                   169 
_entity_src_gen.gene_src_common_name               ? 
_entity_src_gen.gene_src_genus                     ? 
_entity_src_gen.pdbx_gene_src_gene                 MCP_2127 
_entity_src_gen.gene_src_species                   ? 
_entity_src_gen.gene_src_strain                    ? 
_entity_src_gen.gene_src_tissue                    ? 
_entity_src_gen.gene_src_tissue_fraction           ? 
_entity_src_gen.gene_src_details                   ? 
_entity_src_gen.pdbx_gene_src_fragment             ? 
_entity_src_gen.pdbx_gene_src_scientific_name      'Methanocella paludicola' 
_entity_src_gen.pdbx_gene_src_ncbi_taxonomy_id     570267 
_entity_src_gen.pdbx_gene_src_variant              ? 
_entity_src_gen.pdbx_gene_src_cell_line            ? 
_entity_src_gen.pdbx_gene_src_atcc                 ? 
_entity_src_gen.pdbx_gene_src_organ                ? 
_entity_src_gen.pdbx_gene_src_organelle            ? 
_entity_src_gen.pdbx_gene_src_cell                 ? 
_entity_src_gen.pdbx_gene_src_cellular_location    ? 
_entity_src_gen.host_org_common_name               ? 
_entity_src_gen.pdbx_host_org_scientific_name      'Escherichia coli' 
_entity_src_gen.pdbx_host_org_ncbi_taxonomy_id     469008 
_entity_src_gen.host_org_genus                     ? 
_entity_src_gen.pdbx_host_org_gene                 ? 
_entity_src_gen.pdbx_host_org_organ                ? 
_entity_src_gen.host_org_species                   ? 
_entity_src_gen.pdbx_host_org_tissue               ? 
_entity_src_gen.pdbx_host_org_tissue_fraction      ? 
_entity_src_gen.pdbx_host_org_strain               'BL21(DE3)' 
_entity_src_gen.pdbx_host_org_variant              ? 
_entity_src_gen.pdbx_host_org_cell_line            ? 
_entity_src_gen.pdbx_host_org_atcc                 ? 
_entity_src_gen.pdbx_host_org_culture_collection   ? 
_entity_src_gen.pdbx_host_org_cell                 ? 
_entity_src_gen.pdbx_host_org_organelle            ? 
_entity_src_gen.pdbx_host_org_cellular_location    ? 
_entity_src_gen.pdbx_host_org_vector_type          plasmid 
_entity_src_gen.pdbx_host_org_vector               ? 
_entity_src_gen.host_org_details                   ? 
_entity_src_gen.expression_system_id               ? 
_entity_src_gen.plasmid_name                       pET28 
_entity_src_gen.plasmid_details                    ? 
_entity_src_gen.pdbx_description                   ? 
# 
loop_
_chem_comp.id 
_chem_comp.type 
_chem_comp.mon_nstd_flag 
_chem_comp.name 
_chem_comp.pdbx_synonyms 
_chem_comp.formula 
_chem_comp.formula_weight 
ALA 'L-peptide linking' y ALANINE                ?                 'C3 H7 N O2'     89.093  
ARG 'L-peptide linking' y ARGININE               ?                 'C6 H15 N4 O2 1' 175.209 
ASN 'L-peptide linking' y ASPARAGINE             ?                 'C4 H8 N2 O3'    132.118 
ASP 'L-peptide linking' y 'ASPARTIC ACID'        ?                 'C4 H7 N O4'     133.103 
EDO non-polymer         . 1,2-ETHANEDIOL         'ETHYLENE GLYCOL' 'C2 H6 O2'       62.068  
GLN 'L-peptide linking' y GLUTAMINE              ?                 'C5 H10 N2 O3'   146.144 
GLU 'L-peptide linking' y 'GLUTAMIC ACID'        ?                 'C5 H9 N O4'     147.129 
GLY 'peptide linking'   y GLYCINE                ?                 'C2 H5 N O2'     75.067  
HIS 'L-peptide linking' y HISTIDINE              ?                 'C6 H10 N3 O2 1' 156.162 
HOH non-polymer         . WATER                  ?                 'H2 O'           18.015  
ILE 'L-peptide linking' y ISOLEUCINE             ?                 'C6 H13 N O2'    131.173 
LEU 'L-peptide linking' y LEUCINE                ?                 'C6 H13 N O2'    131.173 
LYS 'L-peptide linking' y LYSINE                 ?                 'C6 H15 N2 O2 1' 147.195 
MET 'L-peptide linking' y METHIONINE             ?                 'C5 H11 N O2 S'  149.211 
MG  non-polymer         . 'MAGNESIUM ION'        ?                 'Mg 2'           24.305  
PHE 'L-peptide linking' y PHENYLALANINE          ?                 'C9 H11 N O2'    165.189 
PRO 'L-peptide linking' y PROLINE                ?                 'C5 H9 N O2'     115.130 
SER 'L-peptide linking' y SERINE                 ?                 'C3 H7 N O3'     105.093 
THR 'L-peptide linking' y THREONINE              ?                 'C4 H9 N O3'     119.119 
TRP 'L-peptide linking' y TRYPTOPHAN             ?                 'C11 H12 N2 O2'  204.225 
TYR 'L-peptide linking' y TYROSINE               ?                 'C9 H11 N O3'    181.189 
VAL 'L-peptide linking' y VALINE                 ?                 'C5 H11 N O2'    117.146 
VN4 non-polymer         . 'oxido(dioxo)vanadium' ?                 'O3 V -1'        98.940  
# 
loop_
_pdbx_poly_seq_scheme.asym_id 
_pdbx_poly_seq_scheme.entity_id 
_pdbx_poly_seq_scheme.seq_id 
_pdbx_poly_seq_scheme.mon_id 
_pdbx_poly_seq_scheme.ndb_seq_num 
_pdbx_poly_seq_scheme.pdb_seq_num 
_pdbx_poly_seq_scheme.auth_seq_num 
_pdbx_poly_seq_scheme.pdb_mon_id 
_pdbx_poly_seq_scheme.auth_mon_id 
_pdbx_poly_seq_scheme.pdb_strand_id 
_pdbx_poly_seq_scheme.pdb_ins_code 
_pdbx_poly_seq_scheme.hetero 
A 1 1   ILE 1   30  30  ILE ILE A . n 
A 1 2   LYS 2   31  31  LYS LYS A . n 
A 1 3   HIS 3   32  32  HIS HIS A . n 
A 1 4   PRO 4   33  33  PRO PRO A . n 
A 1 5   ILE 5   34  34  ILE ILE A . n 
A 1 6   TYR 6   35  35  TYR TYR A . n 
A 1 7   VAL 7   36  36  VAL VAL A . n 
A 1 8   ILE 8   37  37  ILE ILE A . n 
A 1 9   GLN 9   38  38  GLN GLN A . n 
A 1 10  LYS 10  39  39  LYS LYS A . n 
A 1 11  HIS 11  40  40  HIS HIS A . n 
A 1 12  ASP 12  41  41  ASP ASP A . n 
A 1 13  ALA 13  42  42  ALA ALA A . n 
A 1 14  SER 14  43  43  SER SER A . n 
A 1 15  HIS 15  44  44  HIS HIS A . n 
A 1 16  LEU 16  45  45  LEU LEU A . n 
A 1 17  HIS 17  46  46  HIS HIS A . n 
A 1 18  TYR 18  47  47  TYR TYR A . n 
A 1 19  ASP 19  48  48  ASP ASP A . n 
A 1 20  LEU 20  49  49  LEU LEU A . n 
A 1 21  ARG 21  50  50  ARG ARG A . n 
A 1 22  LEU 22  51  51  LEU LEU A . n 
A 1 23  GLU 23  52  52  GLU GLU A . n 
A 1 24  MET 24  53  53  MET MET A . n 
A 1 25  GLY 25  54  54  GLY GLY A . n 
A 1 26  GLY 26  55  55  GLY GLY A . n 
A 1 27  VAL 27  56  56  VAL VAL A . n 
A 1 28  LEU 28  57  57  LEU LEU A . n 
A 1 29  LYS 29  58  58  LYS LYS A . n 
A 1 30  SER 30  59  59  SER SER A . n 
A 1 31  TRP 31  60  60  TRP TRP A . n 
A 1 32  ALA 32  61  61  ALA ALA A . n 
A 1 33  VAL 33  62  62  VAL VAL A . n 
A 1 34  PRO 34  63  63  PRO PRO A . n 
A 1 35  LYS 35  64  64  LYS LYS A . n 
A 1 36  GLY 36  65  65  GLY GLY A . n 
A 1 37  PRO 37  66  66  PRO PRO A . n 
A 1 38  SER 38  67  67  SER SER A . n 
A 1 39  LEU 39  68  68  LEU LEU A . n 
A 1 40  ASP 40  69  69  ASP ASP A . n 
A 1 41  PRO 41  70  70  PRO PRO A . n 
A 1 42  LYS 42  71  71  LYS LYS A . n 
A 1 43  VAL 43  72  72  VAL VAL A . n 
A 1 44  LYS 44  73  73  LYS LYS A . n 
A 1 45  ARG 45  74  74  ARG ARG A . n 
A 1 46  LEU 46  75  75  LEU LEU A . n 
A 1 47  ALA 47  76  76  ALA ALA A . n 
A 1 48  MET 48  77  77  MET MET A . n 
A 1 49  PRO 49  78  78  PRO PRO A . n 
A 1 50  THR 50  79  79  THR THR A . n 
A 1 51  GLU 51  80  80  GLU GLU A . n 
A 1 52  ASP 52  81  81  ASP ASP A . n 
A 1 53  HIS 53  82  82  HIS HIS A . n 
A 1 54  PRO 54  83  83  PRO PRO A . n 
A 1 55  ILE 55  84  84  ILE ILE A . n 
A 1 56  GLY 56  85  85  GLY GLY A . n 
A 1 57  TYR 57  86  86  TYR TYR A . n 
A 1 58  ALA 58  87  87  ALA ALA A . n 
A 1 59  THR 59  88  88  THR THR A . n 
A 1 60  PHE 60  89  89  PHE PHE A . n 
A 1 61  GLU 61  90  90  GLU GLU A . n 
A 1 62  GLY 62  91  91  GLY GLY A . n 
A 1 63  VAL 63  92  92  VAL VAL A . n 
A 1 64  ILE 64  93  93  ILE ILE A . n 
A 1 65  PRO 65  94  94  PRO PRO A . n 
A 1 66  GLU 66  95  95  GLU GLU A . n 
A 1 67  GLY 67  96  96  GLY GLY A . n 
A 1 68  GLN 68  97  97  GLN GLN A . n 
A 1 69  TYR 69  98  98  TYR TYR A . n 
A 1 70  GLY 70  99  99  GLY GLY A . n 
A 1 71  GLY 71  100 100 GLY GLY A . n 
A 1 72  GLY 72  101 101 GLY GLY A . n 
A 1 73  THR 73  102 102 THR THR A . n 
A 1 74  VAL 74  103 103 VAL VAL A . n 
A 1 75  MET 75  104 104 MET MET A . n 
A 1 76  VAL 76  105 105 VAL VAL A . n 
A 1 77  TRP 77  106 106 TRP TRP A . n 
A 1 78  ASP 78  107 107 ASP ASP A . n 
A 1 79  ILE 79  108 108 ILE ILE A . n 
A 1 80  GLY 80  109 109 GLY GLY A . n 
A 1 81  THR 81  110 110 THR THR A . n 
A 1 82  TYR 82  111 111 TYR TYR A . n 
A 1 83  ARG 83  112 112 ARG ARG A . n 
A 1 84  ASN 84  113 113 ASN ASN A . n 
A 1 85  LEU 85  114 114 LEU LEU A . n 
A 1 86  ARG 86  115 115 ARG ARG A . n 
A 1 87  GLU 87  116 116 GLU GLU A . n 
A 1 88  GLU 88  117 117 GLU GLU A . n 
A 1 89  LYS 89  118 118 LYS LYS A . n 
A 1 90  PRO 90  119 119 PRO PRO A . n 
A 1 91  GLU 91  120 120 GLU GLU A . n 
A 1 92  GLY 92  121 121 GLY GLY A . n 
A 1 93  SER 93  122 122 SER SER A . n 
A 1 94  ARG 94  123 123 ARG ARG A . n 
A 1 95  MET 95  124 124 MET MET A . n 
A 1 96  THR 96  125 125 THR THR A . n 
A 1 97  ILE 97  126 126 ILE ILE A . n 
A 1 98  GLU 98  127 127 GLU GLU A . n 
A 1 99  GLN 99  128 128 GLN GLN A . n 
A 1 100 SER 100 129 129 SER SER A . n 
A 1 101 TYR 101 130 130 TYR TYR A . n 
A 1 102 ASP 102 131 131 ASP ASP A . n 
A 1 103 GLN 103 132 132 GLN GLN A . n 
A 1 104 GLY 104 133 133 GLY GLY A . n 
A 1 105 LYS 105 134 134 LYS LYS A . n 
A 1 106 ILE 106 135 135 ILE ILE A . n 
A 1 107 GLU 107 136 136 GLU GLU A . n 
A 1 108 VAL 108 137 137 VAL VAL A . n 
A 1 109 PHE 109 138 138 PHE PHE A . n 
A 1 110 LEU 110 139 139 LEU LEU A . n 
A 1 111 GLU 111 140 140 GLU GLU A . n 
A 1 112 GLY 112 141 141 GLY GLY A . n 
A 1 113 LYS 113 142 142 LYS LYS A . n 
A 1 114 LYS 114 143 143 LYS LYS A . n 
A 1 115 LEU 115 144 144 LEU LEU A . n 
A 1 116 LYS 116 145 145 LYS LYS A . n 
A 1 117 GLY 117 146 146 GLY GLY A . n 
A 1 118 SER 118 147 147 SER SER A . n 
A 1 119 TYR 119 148 148 TYR TYR A . n 
A 1 120 ALA 120 149 149 ALA ALA A . n 
A 1 121 LEU 121 150 150 LEU LEU A . n 
A 1 122 ILE 122 151 151 ILE ILE A . n 
A 1 123 ARG 123 152 152 ARG ARG A . n 
A 1 124 THR 124 153 153 THR THR A . n 
A 1 125 GLY 125 154 154 GLY GLY A . n 
A 1 126 GLY 126 155 155 GLY GLY A . n 
A 1 127 ILE 127 156 156 ILE ILE A . n 
A 1 128 GLU 128 157 157 GLU GLU A . n 
A 1 129 LYS 129 158 158 LYS LYS A . n 
A 1 130 ARG 130 159 159 ARG ARG A . n 
A 1 131 GLY 131 160 160 GLY GLY A . n 
A 1 132 TRP 132 161 161 TRP TRP A . n 
A 1 133 LEU 133 162 162 LEU LEU A . n 
A 1 134 PHE 134 163 163 PHE PHE A . n 
A 1 135 PHE 135 164 164 PHE PHE A . n 
A 1 136 LYS 136 165 165 LYS LYS A . n 
A 1 137 MET 137 166 166 MET MET A . n 
A 1 138 LYS 138 167 167 LYS LYS A . n 
A 1 139 GLU 139 168 168 GLU GLU A . n 
A 1 140 PRO 140 169 169 PRO PRO A . n 
A 1 141 HIS 141 170 170 HIS HIS A . n 
A 1 142 GLU 142 171 171 GLU GLU A . n 
A 1 143 GLY 143 172 172 GLY GLY A . n 
A 1 144 SER 144 173 173 SER SER A . n 
A 1 145 TYR 145 174 174 TYR TYR A . n 
A 1 146 GLU 146 175 175 GLU GLU A . n 
A 1 147 ASP 147 176 176 ASP ASP A . n 
A 1 148 ILE 148 177 177 ILE ILE A . n 
A 1 149 GLU 149 178 178 GLU GLU A . n 
A 1 150 LYS 150 179 179 LYS LYS A . n 
A 1 151 ALA 151 180 180 ALA ALA A . n 
A 1 152 ALA 152 181 181 ALA ALA A . n 
A 1 153 PRO 153 182 182 PRO PRO A . n 
A 1 154 ASP 154 183 183 ASP ASP A . n 
A 1 155 SER 155 184 184 SER SER A . n 
A 1 156 VAL 156 185 185 VAL VAL A . n 
A 1 157 LEU 157 186 186 LEU LEU A . n 
A 1 158 THR 158 187 187 THR THR A . n 
A 1 159 GLY 159 188 188 GLY GLY A . n 
A 1 160 ARG 160 189 189 ARG ARG A . n 
A 1 161 THR 161 190 190 THR THR A . n 
A 1 162 MET 162 191 191 MET MET A . n 
A 1 163 ASP 163 192 192 ASP ASP A . n 
A 1 164 GLU 164 193 193 GLU GLU A . n 
A 1 165 ILE 165 194 194 ILE ILE A . n 
A 1 166 ALA 166 195 195 ALA ALA A . n 
A 1 167 LYS 167 196 196 LYS LYS A . n 
A 1 168 GLU 168 197 197 GLU GLU A . n 
A 1 169 GLY 169 198 198 GLY GLY A . n 
# 
loop_
_pdbx_nonpoly_scheme.asym_id 
_pdbx_nonpoly_scheme.entity_id 
_pdbx_nonpoly_scheme.mon_id 
_pdbx_nonpoly_scheme.ndb_seq_num 
_pdbx_nonpoly_scheme.pdb_seq_num 
_pdbx_nonpoly_scheme.auth_seq_num 
_pdbx_nonpoly_scheme.pdb_mon_id 
_pdbx_nonpoly_scheme.auth_mon_id 
_pdbx_nonpoly_scheme.pdb_strand_id 
_pdbx_nonpoly_scheme.pdb_ins_code 
B 2 EDO 1  201 1  EDO EDO A . 
C 2 EDO 1  202 2  EDO EDO A . 
D 2 EDO 1  203 3  EDO EDO A . 
E 2 EDO 1  204 4  EDO EDO A . 
F 2 EDO 1  205 5  EDO EDO A . 
G 2 EDO 1  206 6  EDO EDO A . 
H 2 EDO 1  207 7  EDO EDO A . 
I 3 MG  1  208 1  MG  MG  A . 
J 4 VN4 1  209 1  VN4 VN4 A . 
K 5 HOH 1  301 87 HOH HOH A . 
K 5 HOH 2  302 22 HOH HOH A . 
K 5 HOH 3  303 79 HOH HOH A . 
K 5 HOH 4  304 43 HOH HOH A . 
K 5 HOH 5  305 15 HOH HOH A . 
K 5 HOH 6  306 7  HOH HOH A . 
K 5 HOH 7  307 26 HOH HOH A . 
K 5 HOH 8  308 83 HOH HOH A . 
K 5 HOH 9  309 20 HOH HOH A . 
K 5 HOH 10 310 63 HOH HOH A . 
K 5 HOH 11 311 29 HOH HOH A . 
K 5 HOH 12 312 64 HOH HOH A . 
K 5 HOH 13 313 37 HOH HOH A . 
K 5 HOH 14 314 21 HOH HOH A . 
K 5 HOH 15 315 50 HOH HOH A . 
K 5 HOH 16 316 58 HOH HOH A . 
K 5 HOH 17 317 34 HOH HOH A . 
K 5 HOH 18 318 70 HOH HOH A . 
K 5 HOH 19 319 12 HOH HOH A . 
K 5 HOH 20 320 18 HOH HOH A . 
K 5 HOH 21 321 19 HOH HOH A . 
K 5 HOH 22 322 21 HOH HOH A . 
K 5 HOH 23 323 42 HOH HOH A . 
K 5 HOH 24 324 67 HOH HOH A . 
K 5 HOH 25 325 30 HOH HOH A . 
K 5 HOH 26 326 1  HOH HOH A . 
K 5 HOH 27 327 8  HOH HOH A . 
K 5 HOH 28 328 54 HOH HOH A . 
K 5 HOH 29 329 81 HOH HOH A . 
K 5 HOH 30 330 31 HOH HOH A . 
K 5 HOH 31 331 17 HOH HOH A . 
K 5 HOH 32 332 39 HOH HOH A . 
K 5 HOH 33 333 85 HOH HOH A . 
K 5 HOH 34 334 65 HOH HOH A . 
K 5 HOH 35 335 13 HOH HOH A . 
K 5 HOH 36 336 24 HOH HOH A . 
K 5 HOH 37 337 57 HOH HOH A . 
K 5 HOH 38 338 10 HOH HOH A . 
K 5 HOH 39 339 16 HOH HOH A . 
K 5 HOH 40 340 28 HOH HOH A . 
K 5 HOH 41 341 3  HOH HOH A . 
K 5 HOH 42 342 40 HOH HOH A . 
K 5 HOH 43 343 47 HOH HOH A . 
K 5 HOH 44 344 62 HOH HOH A . 
K 5 HOH 45 345 11 HOH HOH A . 
K 5 HOH 46 346 35 HOH HOH A . 
K 5 HOH 47 347 78 HOH HOH A . 
K 5 HOH 48 348 23 HOH HOH A . 
K 5 HOH 49 349 3  HOH HOH A . 
K 5 HOH 50 350 2  HOH HOH A . 
K 5 HOH 51 351 14 HOH HOH A . 
K 5 HOH 52 352 49 HOH HOH A . 
K 5 HOH 53 353 9  HOH HOH A . 
K 5 HOH 54 354 32 HOH HOH A . 
K 5 HOH 55 355 76 HOH HOH A . 
K 5 HOH 56 356 5  HOH HOH A . 
K 5 HOH 57 357 53 HOH HOH A . 
K 5 HOH 58 358 75 HOH HOH A . 
K 5 HOH 59 359 46 HOH HOH A . 
K 5 HOH 60 360 6  HOH HOH A . 
K 5 HOH 61 361 4  HOH HOH A . 
K 5 HOH 62 362 25 HOH HOH A . 
K 5 HOH 63 363 55 HOH HOH A . 
K 5 HOH 64 364 27 HOH HOH A . 
K 5 HOH 65 365 82 HOH HOH A . 
K 5 HOH 66 366 52 HOH HOH A . 
K 5 HOH 67 367 16 HOH HOH A . 
K 5 HOH 68 368 74 HOH HOH A . 
K 5 HOH 69 369 44 HOH HOH A . 
K 5 HOH 70 370 68 HOH HOH A . 
K 5 HOH 71 371 41 HOH HOH A . 
K 5 HOH 72 372 45 HOH HOH A . 
K 5 HOH 73 373 56 HOH HOH A . 
K 5 HOH 74 374 1  HOH HOH A . 
K 5 HOH 75 375 33 HOH HOH A . 
K 5 HOH 76 376 80 HOH HOH A . 
K 5 HOH 77 377 48 HOH HOH A . 
K 5 HOH 78 378 38 HOH HOH A . 
K 5 HOH 79 379 72 HOH HOH A . 
K 5 HOH 80 380 77 HOH HOH A . 
K 5 HOH 81 381 60 HOH HOH A . 
K 5 HOH 82 382 61 HOH HOH A . 
K 5 HOH 83 383 59 HOH HOH A . 
K 5 HOH 84 384 84 HOH HOH A . 
K 5 HOH 85 385 66 HOH HOH A . 
K 5 HOH 86 386 89 HOH HOH A . 
K 5 HOH 87 387 73 HOH HOH A . 
K 5 HOH 88 388 69 HOH HOH A . 
K 5 HOH 89 389 71 HOH HOH A . 
K 5 HOH 90 390 86 HOH HOH A . 
# 
loop_
_pdbx_unobs_or_zero_occ_atoms.id 
_pdbx_unobs_or_zero_occ_atoms.PDB_model_num 
_pdbx_unobs_or_zero_occ_atoms.polymer_flag 
_pdbx_unobs_or_zero_occ_atoms.occupancy_flag 
_pdbx_unobs_or_zero_occ_atoms.auth_asym_id 
_pdbx_unobs_or_zero_occ_atoms.auth_comp_id 
_pdbx_unobs_or_zero_occ_atoms.auth_seq_id 
_pdbx_unobs_or_zero_occ_atoms.PDB_ins_code 
_pdbx_unobs_or_zero_occ_atoms.auth_atom_id 
_pdbx_unobs_or_zero_occ_atoms.label_alt_id 
_pdbx_unobs_or_zero_occ_atoms.label_asym_id 
_pdbx_unobs_or_zero_occ_atoms.label_comp_id 
_pdbx_unobs_or_zero_occ_atoms.label_seq_id 
_pdbx_unobs_or_zero_occ_atoms.label_atom_id 
1  1 Y 0 A ILE 30  ? N   ? A ILE 1   N   
2  1 Y 0 A ILE 30  ? CA  ? A ILE 1   CA  
3  1 Y 0 A ILE 30  ? CB  ? A ILE 1   CB  
4  1 Y 0 A ILE 30  ? CG1 ? A ILE 1   CG1 
5  1 Y 0 A ILE 30  ? CG2 ? A ILE 1   CG2 
6  1 Y 0 A ILE 30  ? CD1 ? A ILE 1   CD1 
7  1 Y 0 A HIS 44  ? CB  ? A HIS 15  CB  
8  1 Y 0 A HIS 44  ? CG  ? A HIS 15  CG  
9  1 Y 0 A HIS 44  ? ND1 ? A HIS 15  ND1 
10 1 Y 0 A HIS 44  ? CD2 ? A HIS 15  CD2 
11 1 Y 0 A HIS 44  ? CE1 ? A HIS 15  CE1 
12 1 Y 0 A HIS 44  ? NE2 ? A HIS 15  NE2 
13 1 Y 0 A GLU 120 ? CB  ? A GLU 91  CB  
14 1 Y 0 A GLU 120 ? CG  ? A GLU 91  CG  
15 1 Y 0 A GLU 120 ? CD  ? A GLU 91  CD  
16 1 Y 0 A GLU 120 ? OE1 ? A GLU 91  OE1 
17 1 Y 0 A GLU 120 ? OE2 ? A GLU 91  OE2 
18 1 Y 0 A GLU 157 ? CB  ? A GLU 128 CB  
19 1 Y 0 A GLU 157 ? CG  ? A GLU 128 CG  
20 1 Y 0 A GLU 157 ? CD  ? A GLU 128 CD  
21 1 Y 0 A GLU 157 ? OE1 ? A GLU 128 OE1 
22 1 Y 0 A GLU 157 ? OE2 ? A GLU 128 OE2 
23 1 Y 0 A LYS 158 ? CB  ? A LYS 129 CB  
24 1 Y 0 A LYS 158 ? CG  ? A LYS 129 CG  
25 1 Y 0 A LYS 158 ? CD  ? A LYS 129 CD  
26 1 Y 0 A LYS 158 ? CE  ? A LYS 129 CE  
27 1 Y 0 A LYS 158 ? NZ  ? A LYS 129 NZ  
28 1 Y 0 A GLU 171 ? CB  ? A GLU 142 CB  
29 1 Y 0 A GLU 171 ? CG  ? A GLU 142 CG  
30 1 Y 0 A GLU 171 ? CD  ? A GLU 142 CD  
31 1 Y 0 A GLU 171 ? OE1 ? A GLU 142 OE1 
32 1 Y 0 A GLU 171 ? OE2 ? A GLU 142 OE2 
33 1 Y 0 A GLY 198 ? C   ? A GLY 169 C   
34 1 Y 0 A GLY 198 ? O   ? A GLY 169 O   
35 1 Y 0 A GLY 198 ? OXT ? A GLY 169 OXT 
# 
loop_
_software.citation_id 
_software.classification 
_software.compiler_name 
_software.compiler_version 
_software.contact_author 
_software.contact_author_email 
_software.date 
_software.description 
_software.dependencies 
_software.hardware 
_software.language 
_software.location 
_software.mods 
_software.name 
_software.os 
_software.os_version 
_software.type 
_software.version 
_software.pdbx_ordinal 
? 'data collection' ? ? ? ? ? ? ? ? ? ? ? CrystalClear ? ? ? .        1 
? 'data scaling'    ? ? ? ? ? ? ? ? ? ? ? SCALA        ? ? ? 3.3.9    2 
? phasing           ? ? ? ? ? ? ? ? ? ? ? PHASER       ? ? ? 2.1.4    3 
? refinement        ? ? ? ? ? ? ? ? ? ? ? REFMAC       ? ? ? 5.8.0073 4 
? 'data extraction' ? ? ? ? ? ? ? ? ? ? ? PDB_EXTRACT  ? ? ? 3.15     5 
? 'data reduction'  ? ? ? ? ? ? ? ? ? ? ? MOSFLM       ? ? ? .        6 
? 'model building'  ? ? ? ? ? ? ? ? ? ? ? Coot         ? ? ? .        7 
# 
_cell.angle_alpha                  90.000 
_cell.angle_alpha_esd              ? 
_cell.angle_beta                   90.000 
_cell.angle_beta_esd               ? 
_cell.angle_gamma                  120.000 
_cell.angle_gamma_esd              ? 
_cell.entry_id                     5DMP 
_cell.details                      ? 
_cell.formula_units_Z              ? 
_cell.length_a                     57.070 
_cell.length_a_esd                 ? 
_cell.length_b                     57.070 
_cell.length_b_esd                 ? 
_cell.length_c                     105.041 
_cell.length_c_esd                 ? 
_cell.volume                       ? 
_cell.volume_esd                   ? 
_cell.Z_PDB                        6 
_cell.reciprocal_angle_alpha       ? 
_cell.reciprocal_angle_beta        ? 
_cell.reciprocal_angle_gamma       ? 
_cell.reciprocal_angle_alpha_esd   ? 
_cell.reciprocal_angle_beta_esd    ? 
_cell.reciprocal_angle_gamma_esd   ? 
_cell.reciprocal_length_a          ? 
_cell.reciprocal_length_b          ? 
_cell.reciprocal_length_c          ? 
_cell.reciprocal_length_a_esd      ? 
_cell.reciprocal_length_b_esd      ? 
_cell.reciprocal_length_c_esd      ? 
_cell.pdbx_unique_axis             ? 
# 
_symmetry.entry_id                         5DMP 
_symmetry.cell_setting                     ? 
_symmetry.Int_Tables_number                152 
_symmetry.space_group_name_Hall            ? 
_symmetry.space_group_name_H-M             'P 31 2 1' 
_symmetry.pdbx_full_space_group_name_H-M   ? 
# 
_exptl.absorpt_coefficient_mu     ? 
_exptl.absorpt_correction_T_max   ? 
_exptl.absorpt_correction_T_min   ? 
_exptl.absorpt_correction_type    ? 
_exptl.absorpt_process_details    ? 
_exptl.entry_id                   5DMP 
_exptl.crystals_number            1 
_exptl.details                    ? 
_exptl.method                     'X-RAY DIFFRACTION' 
_exptl.method_details             ? 
# 
_exptl_crystal.colour                      ? 
_exptl_crystal.density_diffrn              ? 
_exptl_crystal.density_Matthews            2.59 
_exptl_crystal.density_method              ? 
_exptl_crystal.density_percent_sol         52.52 
_exptl_crystal.description                 ? 
_exptl_crystal.F_000                       ? 
_exptl_crystal.id                          1 
_exptl_crystal.preparation                 ? 
_exptl_crystal.size_max                    ? 
_exptl_crystal.size_mid                    ? 
_exptl_crystal.size_min                    ? 
_exptl_crystal.size_rad                    ? 
_exptl_crystal.colour_lustre               ? 
_exptl_crystal.colour_modifier             ? 
_exptl_crystal.colour_primary              ? 
_exptl_crystal.density_meas                ? 
_exptl_crystal.density_meas_esd            ? 
_exptl_crystal.density_meas_gt             ? 
_exptl_crystal.density_meas_lt             ? 
_exptl_crystal.density_meas_temp           ? 
_exptl_crystal.density_meas_temp_esd       ? 
_exptl_crystal.density_meas_temp_gt        ? 
_exptl_crystal.density_meas_temp_lt        ? 
_exptl_crystal.pdbx_crystal_image_url      ? 
_exptl_crystal.pdbx_crystal_image_format   ? 
_exptl_crystal.pdbx_mosaicity              ? 
_exptl_crystal.pdbx_mosaicity_esd          ? 
# 
_exptl_crystal_grow.apparatus       ? 
_exptl_crystal_grow.atmosphere      ? 
_exptl_crystal_grow.crystal_id      1 
_exptl_crystal_grow.details         ? 
_exptl_crystal_grow.method          'VAPOR DIFFUSION, SITTING DROP' 
_exptl_crystal_grow.method_ref      ? 
_exptl_crystal_grow.pH              7.5 
_exptl_crystal_grow.pressure        ? 
_exptl_crystal_grow.pressure_esd    ? 
_exptl_crystal_grow.seeding         ? 
_exptl_crystal_grow.seeding_ref     ? 
_exptl_crystal_grow.temp            285 
_exptl_crystal_grow.temp_details    ? 
_exptl_crystal_grow.temp_esd        ? 
_exptl_crystal_grow.time            ? 
_exptl_crystal_grow.pdbx_details    '200 mM magnesium sulfate, 20% (w/v) PEG 3350' 
_exptl_crystal_grow.pdbx_pH_range   ? 
# 
_diffrn.ambient_environment    ? 
_diffrn.ambient_temp           100 
_diffrn.ambient_temp_details   ? 
_diffrn.ambient_temp_esd       ? 
_diffrn.crystal_id             1 
_diffrn.crystal_support        ? 
_diffrn.crystal_treatment      ? 
_diffrn.details                ? 
_diffrn.id                     1 
_diffrn.ambient_pressure       ? 
_diffrn.ambient_pressure_esd   ? 
_diffrn.ambient_pressure_gt    ? 
_diffrn.ambient_pressure_lt    ? 
_diffrn.ambient_temp_gt        ? 
_diffrn.ambient_temp_lt        ? 
# 
_diffrn_detector.details                      ? 
_diffrn_detector.detector                     PIXEL 
_diffrn_detector.diffrn_id                    1 
_diffrn_detector.type                         'DECTRIS PILATUS 300K' 
_diffrn_detector.area_resol_mean              ? 
_diffrn_detector.dtime                        ? 
_diffrn_detector.pdbx_frames_total            ? 
_diffrn_detector.pdbx_collection_time_total   ? 
_diffrn_detector.pdbx_collection_date         2011-05-27 
# 
_diffrn_radiation.collimation                      ? 
_diffrn_radiation.diffrn_id                        1 
_diffrn_radiation.filter_edge                      ? 
_diffrn_radiation.inhomogeneity                    ? 
_diffrn_radiation.monochromator                    ? 
_diffrn_radiation.polarisn_norm                    ? 
_diffrn_radiation.polarisn_ratio                   ? 
_diffrn_radiation.probe                            ? 
_diffrn_radiation.type                             ? 
_diffrn_radiation.xray_symbol                      ? 
_diffrn_radiation.wavelength_id                    1 
_diffrn_radiation.pdbx_monochromatic_or_laue_m_l   M 
_diffrn_radiation.pdbx_wavelength_list             ? 
_diffrn_radiation.pdbx_wavelength                  ? 
_diffrn_radiation.pdbx_diffrn_protocol             'SINGLE WAVELENGTH' 
_diffrn_radiation.pdbx_analyzer                    ? 
_diffrn_radiation.pdbx_scattering_type             x-ray 
# 
_diffrn_radiation_wavelength.id           1 
_diffrn_radiation_wavelength.wavelength   0.9763 
_diffrn_radiation_wavelength.wt           1.0 
# 
_diffrn_source.current                     ? 
_diffrn_source.details                     ? 
_diffrn_source.diffrn_id                   1 
_diffrn_source.power                       ? 
_diffrn_source.size                        ? 
_diffrn_source.source                      SYNCHROTRON 
_diffrn_source.target                      ? 
_diffrn_source.type                        'DIAMOND BEAMLINE I03' 
_diffrn_source.voltage                     ? 
_diffrn_source.take-off_angle              ? 
_diffrn_source.pdbx_wavelength_list        0.9763 
_diffrn_source.pdbx_wavelength             ? 
_diffrn_source.pdbx_synchrotron_beamline   I03 
_diffrn_source.pdbx_synchrotron_site       Diamond 
# 
_reflns.B_iso_Wilson_estimate            ? 
_reflns.entry_id                         5DMP 
_reflns.data_reduction_details           ? 
_reflns.data_reduction_method            ? 
_reflns.d_resolution_high                1.793 
_reflns.d_resolution_low                 49.424 
_reflns.details                          ? 
_reflns.limit_h_max                      ? 
_reflns.limit_h_min                      ? 
_reflns.limit_k_max                      ? 
_reflns.limit_k_min                      ? 
_reflns.limit_l_max                      ? 
_reflns.limit_l_min                      ? 
_reflns.number_all                       18976 
_reflns.number_obs                       18976 
_reflns.observed_criterion               ? 
_reflns.observed_criterion_F_max         ? 
_reflns.observed_criterion_F_min         ? 
_reflns.observed_criterion_I_max         ? 
_reflns.observed_criterion_I_min         ? 
_reflns.observed_criterion_sigma_F       ? 
_reflns.observed_criterion_sigma_I       ? 
_reflns.percent_possible_obs             98.900 
_reflns.R_free_details                   ? 
_reflns.Rmerge_F_all                     ? 
_reflns.Rmerge_F_obs                     ? 
_reflns.Friedel_coverage                 ? 
_reflns.number_gt                        ? 
_reflns.threshold_expression             ? 
_reflns.pdbx_redundancy                  5.000 
_reflns.pdbx_Rmerge_I_obs                ? 
_reflns.pdbx_Rmerge_I_all                ? 
_reflns.pdbx_Rsym_value                  0.050 
_reflns.pdbx_netI_over_av_sigmaI         8.170 
_reflns.pdbx_netI_over_sigmaI            16.400 
_reflns.pdbx_res_netI_over_av_sigmaI_2   ? 
_reflns.pdbx_res_netI_over_sigmaI_2      ? 
_reflns.pdbx_chi_squared                 ? 
_reflns.pdbx_scaling_rejects             ? 
_reflns.pdbx_d_res_high_opt              ? 
_reflns.pdbx_d_res_low_opt               ? 
_reflns.pdbx_d_res_opt_method            ? 
_reflns.phase_calculation_details        ? 
_reflns.pdbx_Rrim_I_all                  0.056 
_reflns.pdbx_Rpim_I_all                  0.025 
_reflns.pdbx_d_opt                       ? 
_reflns.pdbx_number_measured_all         95174 
_reflns.pdbx_diffrn_id                   1 
_reflns.pdbx_ordinal                     1 
_reflns.pdbx_CC_half                     ? 
_reflns.pdbx_R_split                     ? 
# 
loop_
_reflns_shell.d_res_high 
_reflns_shell.d_res_low 
_reflns_shell.meanI_over_sigI_all 
_reflns_shell.meanI_over_sigI_obs 
_reflns_shell.number_measured_all 
_reflns_shell.number_measured_obs 
_reflns_shell.number_possible 
_reflns_shell.number_unique_all 
_reflns_shell.number_unique_obs 
_reflns_shell.percent_possible_all 
_reflns_shell.percent_possible_obs 
_reflns_shell.Rmerge_F_all 
_reflns_shell.Rmerge_F_obs 
_reflns_shell.Rmerge_I_all 
_reflns_shell.Rmerge_I_obs 
_reflns_shell.meanI_over_sigI_gt 
_reflns_shell.meanI_over_uI_all 
_reflns_shell.meanI_over_uI_gt 
_reflns_shell.number_measured_gt 
_reflns_shell.number_unique_gt 
_reflns_shell.percent_possible_gt 
_reflns_shell.Rmerge_F_gt 
_reflns_shell.Rmerge_I_gt 
_reflns_shell.pdbx_redundancy 
_reflns_shell.pdbx_Rsym_value 
_reflns_shell.pdbx_chi_squared 
_reflns_shell.pdbx_netI_over_sigmaI_all 
_reflns_shell.pdbx_netI_over_sigmaI_obs 
_reflns_shell.pdbx_Rrim_I_all 
_reflns_shell.pdbx_Rpim_I_all 
_reflns_shell.pdbx_rejects 
_reflns_shell.pdbx_ordinal 
_reflns_shell.pdbx_diffrn_id 
_reflns_shell.pdbx_CC_half 
_reflns_shell.pdbx_R_split 
1.790 1.890  ? 1.700  13600 ? ? 2759 ? 99.900  ? ? ? ? 0.450 ? ? ? ? ? ? ? ? 4.900 0.450 ? ? 3.200  ? 0.224 0 1  1 ? ? 
1.890 2.000  ? 2.900  13285 ? ? 2597 ? 100.000 ? ? ? ? 0.255 ? ? ? ? ? ? ? ? 5.100 0.255 ? ? 5.700  ? 0.124 0 2  1 ? ? 
2.000 2.140  ? 5.200  12901 ? ? 2472 ? 100.000 ? ? ? ? 0.144 ? ? ? ? ? ? ? ? 5.200 0.144 ? ? 9.400  ? 0.070 0 3  1 ? ? 
2.140 2.310  ? 8.100  11851 ? ? 2286 ? 100.000 ? ? ? ? 0.090 ? ? ? ? ? ? ? ? 5.200 0.090 ? ? 13.700 ? 0.044 0 4  1 ? ? 
2.310 2.540  ? 9.100  11057 ? ? 2142 ? 100.000 ? ? ? ? 0.075 ? ? ? ? ? ? ? ? 5.200 0.075 ? ? 17.800 ? 0.036 0 5  1 ? ? 
2.540 2.840  ? 13.200 9919  ? ? 1931 ? 100.000 ? ? ? ? 0.049 ? ? ? ? ? ? ? ? 5.100 0.049 ? ? 22.700 ? 0.024 0 6  1 ? ? 
2.840 3.270  ? 16.300 8555  ? ? 1707 ? 100.000 ? ? ? ? 0.035 ? ? ? ? ? ? ? ? 5.000 0.035 ? ? 28.000 ? 0.017 0 7  1 ? ? 
3.270 4.010  ? 12.900 7135  ? ? 1473 ? 99.600  ? ? ? ? 0.044 ? ? ? ? ? ? ? ? 4.800 0.044 ? ? 33.600 ? 0.022 0 8  1 ? ? 
4.010 5.670  ? 18.000 4635  ? ? 1079 ? 93.900  ? ? ? ? 0.034 ? ? ? ? ? ? ? ? 4.300 0.034 ? ? 33.900 ? 0.018 0 9  1 ? ? 
5.670 44.721 ? 29.300 2236  ? ? 530  ? 76.400  ? ? ? ? 0.022 ? ? ? ? ? ? ? ? 4.200 0.022 ? ? 31.300 ? 0.012 0 10 1 ? ? 
# 
_refine.aniso_B[1][1]                            0.3800 
_refine.aniso_B[1][2]                            0.1900 
_refine.aniso_B[1][3]                            0.0000 
_refine.aniso_B[2][2]                            0.3800 
_refine.aniso_B[2][3]                            0.0000 
_refine.aniso_B[3][3]                            -1.2200 
_refine.B_iso_max                                87.830 
_refine.B_iso_mean                               37.4840 
_refine.B_iso_min                                21.380 
_refine.correlation_coeff_Fo_to_Fc               0.9680 
_refine.correlation_coeff_Fo_to_Fc_free          0.9610 
_refine.details                                  
'HYDROGENS HAVE BEEN USED IF PRESENT IN THE INPUT U VALUES      : REFINED INDIVIDUALLY' 
_refine.diff_density_max                         ? 
_refine.diff_density_max_esd                     ? 
_refine.diff_density_min                         ? 
_refine.diff_density_min_esd                     ? 
_refine.diff_density_rms                         ? 
_refine.diff_density_rms_esd                     ? 
_refine.entry_id                                 5DMP 
_refine.pdbx_refine_id                           'X-RAY DIFFRACTION' 
_refine.ls_abs_structure_details                 ? 
_refine.ls_abs_structure_Flack                   ? 
_refine.ls_abs_structure_Flack_esd               ? 
_refine.ls_abs_structure_Rogers                  ? 
_refine.ls_abs_structure_Rogers_esd              ? 
_refine.ls_d_res_high                            1.793 
_refine.ls_d_res_low                             49.4200 
_refine.ls_extinction_coef                       ? 
_refine.ls_extinction_coef_esd                   ? 
_refine.ls_extinction_expression                 ? 
_refine.ls_extinction_method                     ? 
_refine.ls_goodness_of_fit_all                   ? 
_refine.ls_goodness_of_fit_all_esd               ? 
_refine.ls_goodness_of_fit_obs                   ? 
_refine.ls_goodness_of_fit_obs_esd               ? 
_refine.ls_hydrogen_treatment                    ? 
_refine.ls_matrix_type                           ? 
_refine.ls_number_constraints                    ? 
_refine.ls_number_parameters                     ? 
_refine.ls_number_reflns_all                     ? 
_refine.ls_number_reflns_obs                     17965 
_refine.ls_number_reflns_R_free                  974 
_refine.ls_number_reflns_R_work                  ? 
_refine.ls_number_restraints                     ? 
_refine.ls_percent_reflns_obs                    98.5900 
_refine.ls_percent_reflns_R_free                 5.1000 
_refine.ls_R_factor_all                          ? 
_refine.ls_R_factor_obs                          0.1759 
_refine.ls_R_factor_R_free                       0.2045 
_refine.ls_R_factor_R_free_error                 ? 
_refine.ls_R_factor_R_free_error_details         ? 
_refine.ls_R_factor_R_work                       0.1744 
_refine.ls_R_Fsqd_factor_obs                     ? 
_refine.ls_R_I_factor_obs                        ? 
_refine.ls_redundancy_reflns_all                 ? 
_refine.ls_redundancy_reflns_obs                 ? 
_refine.ls_restrained_S_all                      ? 
_refine.ls_restrained_S_obs                      ? 
_refine.ls_shift_over_esd_max                    ? 
_refine.ls_shift_over_esd_mean                   ? 
_refine.ls_structure_factor_coef                 ? 
_refine.ls_weighting_details                     ? 
_refine.ls_weighting_scheme                      ? 
_refine.ls_wR_factor_all                         ? 
_refine.ls_wR_factor_obs                         ? 
_refine.ls_wR_factor_R_free                      0.2150 
_refine.ls_wR_factor_R_work                      0.1838 
_refine.occupancy_max                            ? 
_refine.occupancy_min                            ? 
_refine.solvent_model_details                    'BABINET MODEL WITH MASK' 
_refine.solvent_model_param_bsol                 ? 
_refine.solvent_model_param_ksol                 ? 
_refine.ls_R_factor_gt                           ? 
_refine.ls_goodness_of_fit_gt                    ? 
_refine.ls_goodness_of_fit_ref                   ? 
_refine.ls_shift_over_su_max                     ? 
_refine.ls_shift_over_su_max_lt                  ? 
_refine.ls_shift_over_su_mean                    ? 
_refine.ls_shift_over_su_mean_lt                 ? 
_refine.pdbx_ls_sigma_I                          ? 
_refine.pdbx_ls_sigma_F                          0.000 
_refine.pdbx_ls_sigma_Fsqd                       ? 
_refine.pdbx_data_cutoff_high_absF               ? 
_refine.pdbx_data_cutoff_high_rms_absF           ? 
_refine.pdbx_data_cutoff_low_absF                ? 
_refine.pdbx_isotropic_thermal_model             ? 
_refine.pdbx_ls_cross_valid_method               THROUGHOUT 
_refine.pdbx_method_to_determine_struct          'MOLECULAR REPLACEMENT' 
_refine.pdbx_starting_model                      3n9b 
_refine.pdbx_stereochemistry_target_values       'MAXIMUM LIKELIHOOD' 
_refine.pdbx_R_Free_selection_details            RANDOM 
_refine.pdbx_stereochem_target_val_spec_case     ? 
_refine.pdbx_overall_ESU_R                       0.1090 
_refine.pdbx_overall_ESU_R_Free                  0.1060 
_refine.pdbx_solvent_vdw_probe_radii             1.2000 
_refine.pdbx_solvent_ion_probe_radii             0.8000 
_refine.pdbx_solvent_shrinkage_radii             0.8000 
_refine.pdbx_real_space_R                        ? 
_refine.pdbx_density_correlation                 ? 
_refine.pdbx_pd_number_of_powder_patterns        ? 
_refine.pdbx_pd_number_of_points                 ? 
_refine.pdbx_pd_meas_number_of_points            ? 
_refine.pdbx_pd_proc_ls_prof_R_factor            ? 
_refine.pdbx_pd_proc_ls_prof_wR_factor           ? 
_refine.pdbx_pd_Marquardt_correlation_coeff      ? 
_refine.pdbx_pd_Fsqrd_R_factor                   ? 
_refine.pdbx_pd_ls_matrix_band_width             ? 
_refine.pdbx_overall_phase_error                 ? 
_refine.pdbx_overall_SU_R_free_Cruickshank_DPI   ? 
_refine.pdbx_overall_SU_R_free_Blow_DPI          ? 
_refine.pdbx_overall_SU_R_Blow_DPI               ? 
_refine.pdbx_TLS_residual_ADP_flag               ? 
_refine.pdbx_diffrn_id                           1 
_refine.overall_SU_B                             2.5710 
_refine.overall_SU_ML                            0.0790 
_refine.overall_SU_R_Cruickshank_DPI             0.1092 
_refine.overall_SU_R_free                        0.1057 
_refine.overall_FOM_free_R_set                   ? 
_refine.overall_FOM_work_R_set                   0.8475 
_refine.pdbx_average_fsc_overall                 ? 
_refine.pdbx_average_fsc_work                    ? 
_refine.pdbx_average_fsc_free                    ? 
# 
_refine_hist.cycle_id                         final 
_refine_hist.pdbx_refine_id                   'X-RAY DIFFRACTION' 
_refine_hist.d_res_high                       1.793 
_refine_hist.d_res_low                        49.4200 
_refine_hist.pdbx_number_atoms_ligand         33 
_refine_hist.number_atoms_solvent             90 
_refine_hist.number_atoms_total               1464 
_refine_hist.pdbx_number_residues_total       168 
_refine_hist.pdbx_B_iso_mean_ligand           58.89 
_refine_hist.pdbx_B_iso_mean_solvent          48.79 
_refine_hist.pdbx_number_atoms_protein        1341 
_refine_hist.pdbx_number_atoms_nucleic_acid   0 
# 
loop_
_refine_ls_restr.pdbx_refine_id 
_refine_ls_restr.criterion 
_refine_ls_restr.dev_ideal 
_refine_ls_restr.dev_ideal_target 
_refine_ls_restr.number 
_refine_ls_restr.rejects 
_refine_ls_restr.type 
_refine_ls_restr.weight 
_refine_ls_restr.pdbx_restraint_function 
'X-RAY DIFFRACTION' ? 0.020  0.019  1362 ? r_bond_refined_d       ? ? 
'X-RAY DIFFRACTION' ? 2.070  1.985  1817 ? r_angle_refined_deg    ? ? 
'X-RAY DIFFRACTION' ? 12.161 5.000  167  ? r_dihedral_angle_1_deg ? ? 
'X-RAY DIFFRACTION' ? 31.262 23.571 56   ? r_dihedral_angle_2_deg ? ? 
'X-RAY DIFFRACTION' ? 14.832 15.000 239  ? r_dihedral_angle_3_deg ? ? 
'X-RAY DIFFRACTION' ? 26.018 15.000 8    ? r_dihedral_angle_4_deg ? ? 
'X-RAY DIFFRACTION' ? 0.171  0.200  183  ? r_chiral_restr         ? ? 
'X-RAY DIFFRACTION' ? 0.014  0.021  1012 ? r_gen_planes_refined   ? ? 
'X-RAY DIFFRACTION' ? 3.663  3.525  671  ? r_mcbond_it            ? ? 
'X-RAY DIFFRACTION' ? 5.053  5.252  837  ? r_mcangle_it           ? ? 
'X-RAY DIFFRACTION' ? 5.099  3.859  691  ? r_scbond_it            ? ? 
# 
_refine_ls_shell.pdbx_refine_id                   'X-RAY DIFFRACTION' 
_refine_ls_shell.d_res_high                       1.7930 
_refine_ls_shell.d_res_low                        1.8400 
_refine_ls_shell.number_reflns_all                1419 
_refine_ls_shell.number_reflns_obs                ? 
_refine_ls_shell.number_reflns_R_free             74 
_refine_ls_shell.number_reflns_R_work             1345 
_refine_ls_shell.percent_reflns_obs               99.7200 
_refine_ls_shell.percent_reflns_R_free            ? 
_refine_ls_shell.R_factor_all                     ? 
_refine_ls_shell.R_factor_obs                     ? 
_refine_ls_shell.R_factor_R_free                  0.2870 
_refine_ls_shell.R_factor_R_free_error            ? 
_refine_ls_shell.R_factor_R_work                  0.2530 
_refine_ls_shell.redundancy_reflns_all            ? 
_refine_ls_shell.redundancy_reflns_obs            ? 
_refine_ls_shell.wR_factor_all                    ? 
_refine_ls_shell.wR_factor_obs                    ? 
_refine_ls_shell.wR_factor_R_free                 ? 
_refine_ls_shell.wR_factor_R_work                 ? 
_refine_ls_shell.pdbx_total_number_of_bins_used   20 
_refine_ls_shell.pdbx_phase_error                 ? 
_refine_ls_shell.pdbx_fsc_work                    ? 
_refine_ls_shell.pdbx_fsc_free                    ? 
# 
_struct.entry_id                     5DMP 
_struct.title                        'Structure of the Archaeal NHEJ Phosphoesterase from Methanocella paludicola.' 
_struct.pdbx_model_details           ? 
_struct.pdbx_formula_weight          ? 
_struct.pdbx_formula_weight_method   ? 
_struct.pdbx_model_type_details      ? 
_struct.pdbx_CASP_flag               ? 
# 
_struct_keywords.entry_id        5DMP 
_struct_keywords.text            
'Archaeal Proteins, Biocatalysis, DNA Repair Enzymes, Phosphoric Diester Hydrolases, Phosphoric Monoester Hydrolases, hydrolase' 
_struct_keywords.pdbx_keywords   HYDROLASE 
# 
loop_
_struct_asym.id 
_struct_asym.pdbx_blank_PDB_chainid_flag 
_struct_asym.pdbx_modified 
_struct_asym.entity_id 
_struct_asym.details 
A N N 1 ? 
B N N 2 ? 
C N N 2 ? 
D N N 2 ? 
E N N 2 ? 
F N N 2 ? 
G N N 2 ? 
H N N 2 ? 
I N N 3 ? 
J N N 4 ? 
K N N 5 ? 
# 
_struct_ref.id                         1 
_struct_ref.db_name                    UNP 
_struct_ref.db_code                    D1Z0H7_METPS 
_struct_ref.pdbx_db_accession          D1Z0H7 
_struct_ref.pdbx_db_isoform            ? 
_struct_ref.entity_id                  1 
_struct_ref.pdbx_seq_one_letter_code   
;IKHPIYVIQKHDASHLHYDLRLEMGGVLKSWAVPKGPSLDPKVKRLAMPTEDHPIGYATFEGVIPEGQYGGGTVMVWDIG
TYRNLREEKPEGSRMTIEQSYDQGKIEVFLEGKKLKGSYALIRTGGIEKRGWLFFKMKEPHEGSYEDIEKAAPDSVLTGR
TMDEIAKEG
;
_struct_ref.pdbx_align_begin           30 
# 
_struct_ref_seq.align_id                      1 
_struct_ref_seq.ref_id                        1 
_struct_ref_seq.pdbx_PDB_id_code              5DMP 
_struct_ref_seq.pdbx_strand_id                A 
_struct_ref_seq.seq_align_beg                 1 
_struct_ref_seq.pdbx_seq_align_beg_ins_code   ? 
_struct_ref_seq.seq_align_end                 169 
_struct_ref_seq.pdbx_seq_align_end_ins_code   ? 
_struct_ref_seq.pdbx_db_accession             D1Z0H7 
_struct_ref_seq.db_align_beg                  30 
_struct_ref_seq.pdbx_db_align_beg_ins_code    ? 
_struct_ref_seq.db_align_end                  198 
_struct_ref_seq.pdbx_db_align_end_ins_code    ? 
_struct_ref_seq.pdbx_auth_seq_align_beg       30 
_struct_ref_seq.pdbx_auth_seq_align_end       198 
# 
_pdbx_struct_assembly.id                   1 
_pdbx_struct_assembly.details              author_and_software_defined_assembly 
_pdbx_struct_assembly.method_details       PISA 
_pdbx_struct_assembly.oligomeric_details   monomeric 
_pdbx_struct_assembly.oligomeric_count     1 
# 
loop_
_pdbx_struct_assembly_prop.biol_id 
_pdbx_struct_assembly_prop.type 
_pdbx_struct_assembly_prop.value 
_pdbx_struct_assembly_prop.details 
1 'ABSA (A^2)' 1330 ? 
1 MORE         6    ? 
1 'SSA (A^2)'  9240 ? 
# 
_pdbx_struct_assembly_gen.assembly_id       1 
_pdbx_struct_assembly_gen.oper_expression   1 
_pdbx_struct_assembly_gen.asym_id_list      A,B,C,D,E,F,G,H,I,J,K 
# 
_pdbx_struct_oper_list.id                   1 
_pdbx_struct_oper_list.type                 'identity operation' 
_pdbx_struct_oper_list.name                 1_555 
_pdbx_struct_oper_list.symmetry_operation   x,y,z 
_pdbx_struct_oper_list.matrix[1][1]         1.0000000000 
_pdbx_struct_oper_list.matrix[1][2]         0.0000000000 
_pdbx_struct_oper_list.matrix[1][3]         0.0000000000 
_pdbx_struct_oper_list.vector[1]            0.0000000000 
_pdbx_struct_oper_list.matrix[2][1]         0.0000000000 
_pdbx_struct_oper_list.matrix[2][2]         1.0000000000 
_pdbx_struct_oper_list.matrix[2][3]         0.0000000000 
_pdbx_struct_oper_list.vector[2]            0.0000000000 
_pdbx_struct_oper_list.matrix[3][1]         0.0000000000 
_pdbx_struct_oper_list.matrix[3][2]         0.0000000000 
_pdbx_struct_oper_list.matrix[3][3]         1.0000000000 
_pdbx_struct_oper_list.vector[3]            0.0000000000 
# 
loop_
_struct_conf.conf_type_id 
_struct_conf.id 
_struct_conf.pdbx_PDB_helix_id 
_struct_conf.beg_label_comp_id 
_struct_conf.beg_label_asym_id 
_struct_conf.beg_label_seq_id 
_struct_conf.pdbx_beg_PDB_ins_code 
_struct_conf.end_label_comp_id 
_struct_conf.end_label_asym_id 
_struct_conf.end_label_seq_id 
_struct_conf.pdbx_end_PDB_ins_code 
_struct_conf.beg_auth_comp_id 
_struct_conf.beg_auth_asym_id 
_struct_conf.beg_auth_seq_id 
_struct_conf.end_auth_comp_id 
_struct_conf.end_auth_asym_id 
_struct_conf.end_auth_seq_id 
_struct_conf.pdbx_PDB_helix_class 
_struct_conf.details 
_struct_conf.pdbx_PDB_helix_length 
HELX_P HELX_P1 AA1 PRO A 54  ? PHE A 60  ? PRO A 83  PHE A 89  5 ? 7 
HELX_P HELX_P2 AA2 ARG A 86  ? GLU A 88  ? ARG A 115 GLU A 117 5 ? 3 
HELX_P HELX_P3 AA3 THR A 96  ? GLY A 104 ? THR A 125 GLY A 133 1 ? 9 
HELX_P HELX_P4 AA4 ASP A 147 ? ALA A 152 ? ASP A 176 ALA A 181 1 ? 6 
HELX_P HELX_P5 AA5 THR A 161 ? GLY A 169 ? THR A 190 GLY A 198 1 ? 9 
# 
_struct_conf_type.id          HELX_P 
_struct_conf_type.criteria    ? 
_struct_conf_type.reference   ? 
# 
loop_
_struct_conn.id 
_struct_conn.conn_type_id 
_struct_conn.pdbx_leaving_atom_flag 
_struct_conn.pdbx_PDB_id 
_struct_conn.ptnr1_label_asym_id 
_struct_conn.ptnr1_label_comp_id 
_struct_conn.ptnr1_label_seq_id 
_struct_conn.ptnr1_label_atom_id 
_struct_conn.pdbx_ptnr1_label_alt_id 
_struct_conn.pdbx_ptnr1_PDB_ins_code 
_struct_conn.pdbx_ptnr1_standard_comp_id 
_struct_conn.ptnr1_symmetry 
_struct_conn.ptnr2_label_asym_id 
_struct_conn.ptnr2_label_comp_id 
_struct_conn.ptnr2_label_seq_id 
_struct_conn.ptnr2_label_atom_id 
_struct_conn.pdbx_ptnr2_label_alt_id 
_struct_conn.pdbx_ptnr2_PDB_ins_code 
_struct_conn.ptnr1_auth_asym_id 
_struct_conn.ptnr1_auth_comp_id 
_struct_conn.ptnr1_auth_seq_id 
_struct_conn.ptnr2_auth_asym_id 
_struct_conn.ptnr2_auth_comp_id 
_struct_conn.ptnr2_auth_seq_id 
_struct_conn.ptnr2_symmetry 
_struct_conn.pdbx_ptnr3_label_atom_id 
_struct_conn.pdbx_ptnr3_label_seq_id 
_struct_conn.pdbx_ptnr3_label_comp_id 
_struct_conn.pdbx_ptnr3_label_asym_id 
_struct_conn.pdbx_ptnr3_label_alt_id 
_struct_conn.pdbx_ptnr3_PDB_ins_code 
_struct_conn.details 
_struct_conn.pdbx_dist_value 
_struct_conn.pdbx_value_order 
_struct_conn.pdbx_role 
metalc1 metalc ? ? I MG . MG ? ? ? 1_555 J VN4 . O3 ? ? A MG 208 A VN4 209 1_555 ? ? ? ? ? ? ? 2.574 ? ? 
metalc2 metalc ? ? I MG . MG ? ? ? 1_555 K HOH . O  ? ? A MG 208 A HOH 302 1_555 ? ? ? ? ? ? ? 2.286 ? ? 
# 
_struct_conn_type.id          metalc 
_struct_conn_type.criteria    ? 
_struct_conn_type.reference   ? 
# 
_pdbx_struct_conn_angle.id                    1 
_pdbx_struct_conn_angle.ptnr1_label_atom_id   O3 
_pdbx_struct_conn_angle.ptnr1_label_alt_id    ? 
_pdbx_struct_conn_angle.ptnr1_label_asym_id   J 
_pdbx_struct_conn_angle.ptnr1_label_comp_id   VN4 
_pdbx_struct_conn_angle.ptnr1_label_seq_id    . 
_pdbx_struct_conn_angle.ptnr1_auth_atom_id    ? 
_pdbx_struct_conn_angle.ptnr1_auth_asym_id    A 
_pdbx_struct_conn_angle.ptnr1_auth_comp_id    VN4 
_pdbx_struct_conn_angle.ptnr1_auth_seq_id     209 
_pdbx_struct_conn_angle.ptnr1_PDB_ins_code    ? 
_pdbx_struct_conn_angle.ptnr1_symmetry        1_555 
_pdbx_struct_conn_angle.ptnr2_label_atom_id   MG 
_pdbx_struct_conn_angle.ptnr2_label_alt_id    ? 
_pdbx_struct_conn_angle.ptnr2_label_asym_id   I 
_pdbx_struct_conn_angle.ptnr2_label_comp_id   MG 
_pdbx_struct_conn_angle.ptnr2_label_seq_id    . 
_pdbx_struct_conn_angle.ptnr2_auth_atom_id    ? 
_pdbx_struct_conn_angle.ptnr2_auth_asym_id    A 
_pdbx_struct_conn_angle.ptnr2_auth_comp_id    MG 
_pdbx_struct_conn_angle.ptnr2_auth_seq_id     208 
_pdbx_struct_conn_angle.ptnr2_PDB_ins_code    ? 
_pdbx_struct_conn_angle.ptnr2_symmetry        1_555 
_pdbx_struct_conn_angle.ptnr3_label_atom_id   O 
_pdbx_struct_conn_angle.ptnr3_label_alt_id    ? 
_pdbx_struct_conn_angle.ptnr3_label_asym_id   K 
_pdbx_struct_conn_angle.ptnr3_label_comp_id   HOH 
_pdbx_struct_conn_angle.ptnr3_label_seq_id    . 
_pdbx_struct_conn_angle.ptnr3_auth_atom_id    ? 
_pdbx_struct_conn_angle.ptnr3_auth_asym_id    A 
_pdbx_struct_conn_angle.ptnr3_auth_comp_id    HOH 
_pdbx_struct_conn_angle.ptnr3_auth_seq_id     302 
_pdbx_struct_conn_angle.ptnr3_PDB_ins_code    ? 
_pdbx_struct_conn_angle.ptnr3_symmetry        1_555 
_pdbx_struct_conn_angle.value                 88.2 
_pdbx_struct_conn_angle.value_esd             ? 
# 
_struct_sheet.id               AA1 
_struct_sheet.type             ? 
_struct_sheet.number_strands   10 
_struct_sheet.details          ? 
# 
loop_
_struct_sheet_order.sheet_id 
_struct_sheet_order.range_id_1 
_struct_sheet_order.range_id_2 
_struct_sheet_order.offset 
_struct_sheet_order.sense 
AA1 1 2  ? anti-parallel 
AA1 2 3  ? anti-parallel 
AA1 3 4  ? anti-parallel 
AA1 4 5  ? anti-parallel 
AA1 5 6  ? anti-parallel 
AA1 6 7  ? anti-parallel 
AA1 7 8  ? anti-parallel 
AA1 8 9  ? anti-parallel 
AA1 9 10 ? anti-parallel 
# 
loop_
_struct_sheet_range.sheet_id 
_struct_sheet_range.id 
_struct_sheet_range.beg_label_comp_id 
_struct_sheet_range.beg_label_asym_id 
_struct_sheet_range.beg_label_seq_id 
_struct_sheet_range.pdbx_beg_PDB_ins_code 
_struct_sheet_range.end_label_comp_id 
_struct_sheet_range.end_label_asym_id 
_struct_sheet_range.end_label_seq_id 
_struct_sheet_range.pdbx_end_PDB_ins_code 
_struct_sheet_range.beg_auth_comp_id 
_struct_sheet_range.beg_auth_asym_id 
_struct_sheet_range.beg_auth_seq_id 
_struct_sheet_range.end_auth_comp_id 
_struct_sheet_range.end_auth_asym_id 
_struct_sheet_range.end_auth_seq_id 
AA1 1  GLY A 62  ? ILE A 64  ? GLY A 91  ILE A 93  
AA1 2  GLY A 72  ? ASN A 84  ? GLY A 101 ASN A 113 
AA1 3  LYS A 105 ? GLU A 111 ? LYS A 134 GLU A 140 
AA1 4  LYS A 116 ? ARG A 123 ? LYS A 145 ARG A 152 
AA1 5  TRP A 132 ? LYS A 136 ? TRP A 161 LYS A 165 
AA1 6  ARG A 45  ? HIS A 53  ? ARG A 74  HIS A 82  
AA1 7  VAL A 27  ? VAL A 33  ? VAL A 56  VAL A 62  
AA1 8  LEU A 16  ? MET A 24  ? LEU A 45  MET A 53  
AA1 9  ILE A 5   ? ASP A 12  ? ILE A 34  ASP A 41  
AA1 10 GLY A 72  ? ASN A 84  ? GLY A 101 ASN A 113 
# 
loop_
_pdbx_struct_sheet_hbond.sheet_id 
_pdbx_struct_sheet_hbond.range_id_1 
_pdbx_struct_sheet_hbond.range_id_2 
_pdbx_struct_sheet_hbond.range_1_label_atom_id 
_pdbx_struct_sheet_hbond.range_1_label_comp_id 
_pdbx_struct_sheet_hbond.range_1_label_asym_id 
_pdbx_struct_sheet_hbond.range_1_label_seq_id 
_pdbx_struct_sheet_hbond.range_1_PDB_ins_code 
_pdbx_struct_sheet_hbond.range_1_auth_atom_id 
_pdbx_struct_sheet_hbond.range_1_auth_comp_id 
_pdbx_struct_sheet_hbond.range_1_auth_asym_id 
_pdbx_struct_sheet_hbond.range_1_auth_seq_id 
_pdbx_struct_sheet_hbond.range_2_label_atom_id 
_pdbx_struct_sheet_hbond.range_2_label_comp_id 
_pdbx_struct_sheet_hbond.range_2_label_asym_id 
_pdbx_struct_sheet_hbond.range_2_label_seq_id 
_pdbx_struct_sheet_hbond.range_2_PDB_ins_code 
_pdbx_struct_sheet_hbond.range_2_auth_atom_id 
_pdbx_struct_sheet_hbond.range_2_auth_comp_id 
_pdbx_struct_sheet_hbond.range_2_auth_asym_id 
_pdbx_struct_sheet_hbond.range_2_auth_seq_id 
AA1 1 2  N ILE A 64  ? N ILE A 93  O GLY A 72  ? O GLY A 101 
AA1 2 3  N THR A 81  ? N THR A 110 O GLU A 111 ? O GLU A 140 
AA1 3 4  N LEU A 110 ? N LEU A 139 O GLY A 117 ? O GLY A 146 
AA1 4 5  N ALA A 120 ? N ALA A 149 O PHE A 135 ? O PHE A 164 
AA1 5 6  O PHE A 134 ? O PHE A 163 N ARG A 45  ? N ARG A 74  
AA1 6 7  O MET A 48  ? O MET A 77  N ALA A 32  ? N ALA A 61  
AA1 7 8  O VAL A 33  ? O VAL A 62  N TYR A 18  ? N TYR A 47  
AA1 8 9  O HIS A 17  ? O HIS A 46  N HIS A 11  ? N HIS A 40  
AA1 9 10 N LYS A 10  ? N LYS A 39  O MET A 75  ? O MET A 104 
# 
loop_
_struct_site.id 
_struct_site.pdbx_evidence_code 
_struct_site.pdbx_auth_asym_id 
_struct_site.pdbx_auth_comp_id 
_struct_site.pdbx_auth_seq_id 
_struct_site.pdbx_auth_ins_code 
_struct_site.pdbx_num_residues 
_struct_site.details 
AC1 Software A EDO 201 ? 4 'binding site for residue EDO A 201' 
AC2 Software A EDO 202 ? 4 'binding site for residue EDO A 202' 
AC3 Software A EDO 203 ? 8 'binding site for residue EDO A 203' 
AC4 Software A EDO 204 ? 6 'binding site for residue EDO A 204' 
AC5 Software A EDO 205 ? 3 'binding site for residue EDO A 205' 
AC6 Software A EDO 206 ? 5 'binding site for residue EDO A 206' 
AC7 Software A EDO 207 ? 2 'binding site for residue EDO A 207' 
AC8 Software A MG  208 ? 5 'binding site for residue MG A 208'  
AC9 Software A VN4 209 ? 9 'binding site for residue VN4 A 209' 
# 
loop_
_struct_site_gen.id 
_struct_site_gen.site_id 
_struct_site_gen.pdbx_num_res 
_struct_site_gen.label_comp_id 
_struct_site_gen.label_asym_id 
_struct_site_gen.label_seq_id 
_struct_site_gen.pdbx_auth_ins_code 
_struct_site_gen.auth_comp_id 
_struct_site_gen.auth_asym_id 
_struct_site_gen.auth_seq_id 
_struct_site_gen.label_atom_id 
_struct_site_gen.label_alt_id 
_struct_site_gen.symmetry 
_struct_site_gen.details 
1  AC1 4 ASP A 154 ? ASP A 183 . ? 1_555 ? 
2  AC1 4 THR A 161 ? THR A 190 . ? 1_555 ? 
3  AC1 4 MET A 162 ? MET A 191 . ? 1_555 ? 
4  AC1 4 ASP A 163 ? ASP A 192 . ? 1_555 ? 
5  AC2 4 GLU A 88  ? GLU A 117 . ? 4_655 ? 
6  AC2 4 LYS A 114 ? LYS A 143 . ? 1_555 ? 
7  AC2 4 ASP A 154 ? ASP A 183 . ? 1_555 ? 
8  AC2 4 SER A 155 ? SER A 184 . ? 1_555 ? 
9  AC3 8 PHE A 109 ? PHE A 138 . ? 1_555 ? 
10 AC3 8 LYS A 116 ? LYS A 145 . ? 1_555 ? 
11 AC3 8 GLY A 117 ? GLY A 146 . ? 1_555 ? 
12 AC3 8 GLU A 139 ? GLU A 168 . ? 1_555 ? 
13 AC3 8 ARG A 160 ? ARG A 189 . ? 4_545 ? 
14 AC3 8 GLU A 168 ? GLU A 197 . ? 4_545 ? 
15 AC3 8 EDO E .   ? EDO A 204 . ? 1_555 ? 
16 AC3 8 HOH K .   ? HOH A 305 . ? 1_555 ? 
17 AC4 6 LYS A 116 ? LYS A 145 . ? 1_555 ? 
18 AC4 6 LYS A 136 ? LYS A 165 . ? 1_555 ? 
19 AC4 6 GLU A 139 ? GLU A 168 . ? 1_555 ? 
20 AC4 6 EDO D .   ? EDO A 203 . ? 1_555 ? 
21 AC4 6 HOH K .   ? HOH A 301 . ? 1_555 ? 
22 AC4 6 HOH K .   ? HOH A 319 . ? 1_555 ? 
23 AC5 3 ASN A 84  ? ASN A 113 . ? 1_555 ? 
24 AC5 3 GLU A 87  ? GLU A 116 . ? 1_555 ? 
25 AC5 3 ILE A 97  ? ILE A 126 . ? 1_555 ? 
26 AC6 5 ASP A 52  ? ASP A 81  . ? 1_555 ? 
27 AC6 5 HIS A 53  ? HIS A 82  . ? 1_555 ? 
28 AC6 5 PRO A 54  ? PRO A 83  . ? 1_555 ? 
29 AC6 5 HOH K .   ? HOH A 315 . ? 1_555 ? 
30 AC6 5 HOH K .   ? HOH A 343 . ? 6_665 ? 
31 AC7 2 GLU A 146 ? GLU A 175 . ? 1_555 ? 
32 AC7 2 ASP A 147 ? ASP A 176 . ? 1_555 ? 
33 AC8 5 HIS A 11  ? HIS A 40  . ? 1_555 ? 
34 AC8 5 HIS A 17  ? HIS A 46  . ? 1_555 ? 
35 AC8 5 ASP A 19  ? ASP A 48  . ? 1_555 ? 
36 AC8 5 VN4 J .   ? VN4 A 209 . ? 1_555 ? 
37 AC8 5 HOH K .   ? HOH A 302 . ? 1_555 ? 
38 AC9 9 HIS A 11  ? HIS A 40  . ? 1_555 ? 
39 AC9 9 ARG A 21  ? ARG A 50  . ? 1_555 ? 
40 AC9 9 LYS A 44  ? LYS A 73  . ? 6_665 ? 
41 AC9 9 HIS A 53  ? HIS A 82  . ? 1_555 ? 
42 AC9 9 TYR A 57  ? TYR A 86  . ? 1_555 ? 
43 AC9 9 MG  I .   ? MG  A 208 . ? 1_555 ? 
44 AC9 9 HOH K .   ? HOH A 310 . ? 1_555 ? 
45 AC9 9 HOH K .   ? HOH A 312 . ? 6_665 ? 
46 AC9 9 HOH K .   ? HOH A 313 . ? 1_555 ? 
# 
_pdbx_validate_close_contact.id               1 
_pdbx_validate_close_contact.PDB_model_num    1 
_pdbx_validate_close_contact.auth_atom_id_1   O 
_pdbx_validate_close_contact.auth_asym_id_1   A 
_pdbx_validate_close_contact.auth_comp_id_1   HOH 
_pdbx_validate_close_contact.auth_seq_id_1    317 
_pdbx_validate_close_contact.PDB_ins_code_1   ? 
_pdbx_validate_close_contact.label_alt_id_1   ? 
_pdbx_validate_close_contact.auth_atom_id_2   O 
_pdbx_validate_close_contact.auth_asym_id_2   A 
_pdbx_validate_close_contact.auth_comp_id_2   HOH 
_pdbx_validate_close_contact.auth_seq_id_2    369 
_pdbx_validate_close_contact.PDB_ins_code_2   ? 
_pdbx_validate_close_contact.label_alt_id_2   ? 
_pdbx_validate_close_contact.dist             1.79 
# 
loop_
_pdbx_validate_rmsd_bond.id 
_pdbx_validate_rmsd_bond.PDB_model_num 
_pdbx_validate_rmsd_bond.auth_atom_id_1 
_pdbx_validate_rmsd_bond.auth_asym_id_1 
_pdbx_validate_rmsd_bond.auth_comp_id_1 
_pdbx_validate_rmsd_bond.auth_seq_id_1 
_pdbx_validate_rmsd_bond.PDB_ins_code_1 
_pdbx_validate_rmsd_bond.label_alt_id_1 
_pdbx_validate_rmsd_bond.auth_atom_id_2 
_pdbx_validate_rmsd_bond.auth_asym_id_2 
_pdbx_validate_rmsd_bond.auth_comp_id_2 
_pdbx_validate_rmsd_bond.auth_seq_id_2 
_pdbx_validate_rmsd_bond.PDB_ins_code_2 
_pdbx_validate_rmsd_bond.label_alt_id_2 
_pdbx_validate_rmsd_bond.bond_value 
_pdbx_validate_rmsd_bond.bond_target_value 
_pdbx_validate_rmsd_bond.bond_deviation 
_pdbx_validate_rmsd_bond.bond_standard_deviation 
_pdbx_validate_rmsd_bond.linker_flag 
1 1 CA A HIS 44  ? ? CB A HIS 44  ? ? 1.369 1.535 -0.166 0.022 N 
2 1 CA A LYS 158 ? ? CB A LYS 158 ? ? 1.308 1.535 -0.227 0.022 N 
# 
_pdbx_validate_rmsd_angle.id                         1 
_pdbx_validate_rmsd_angle.PDB_model_num              1 
_pdbx_validate_rmsd_angle.auth_atom_id_1             CA 
_pdbx_validate_rmsd_angle.auth_asym_id_1             A 
_pdbx_validate_rmsd_angle.auth_comp_id_1             ILE 
_pdbx_validate_rmsd_angle.auth_seq_id_1              30 
_pdbx_validate_rmsd_angle.PDB_ins_code_1             ? 
_pdbx_validate_rmsd_angle.label_alt_id_1             ? 
_pdbx_validate_rmsd_angle.auth_atom_id_2             C 
_pdbx_validate_rmsd_angle.auth_asym_id_2             A 
_pdbx_validate_rmsd_angle.auth_comp_id_2             ILE 
_pdbx_validate_rmsd_angle.auth_seq_id_2              30 
_pdbx_validate_rmsd_angle.PDB_ins_code_2             ? 
_pdbx_validate_rmsd_angle.label_alt_id_2             ? 
_pdbx_validate_rmsd_angle.auth_atom_id_3             O 
_pdbx_validate_rmsd_angle.auth_asym_id_3             A 
_pdbx_validate_rmsd_angle.auth_comp_id_3             ILE 
_pdbx_validate_rmsd_angle.auth_seq_id_3              30 
_pdbx_validate_rmsd_angle.PDB_ins_code_3             ? 
_pdbx_validate_rmsd_angle.label_alt_id_3             ? 
_pdbx_validate_rmsd_angle.angle_value                107.33 
_pdbx_validate_rmsd_angle.angle_target_value         120.10 
_pdbx_validate_rmsd_angle.angle_deviation            -12.77 
_pdbx_validate_rmsd_angle.angle_standard_deviation   2.10 
_pdbx_validate_rmsd_angle.linker_flag                N 
# 
loop_
_pdbx_validate_torsion.id 
_pdbx_validate_torsion.PDB_model_num 
_pdbx_validate_torsion.auth_comp_id 
_pdbx_validate_torsion.auth_asym_id 
_pdbx_validate_torsion.auth_seq_id 
_pdbx_validate_torsion.PDB_ins_code 
_pdbx_validate_torsion.label_alt_id 
_pdbx_validate_torsion.phi 
_pdbx_validate_torsion.psi 
1 1 ALA A 42  ? ? -111.70 -138.85 
2 1 GLU A 117 ? ? -90.73  58.55   
3 1 GLU A 140 ? ? -113.33 77.75   
# 
_pdbx_validate_peptide_omega.id               1 
_pdbx_validate_peptide_omega.PDB_model_num    1 
_pdbx_validate_peptide_omega.auth_comp_id_1   HIS 
_pdbx_validate_peptide_omega.auth_asym_id_1   A 
_pdbx_validate_peptide_omega.auth_seq_id_1    32 
_pdbx_validate_peptide_omega.PDB_ins_code_1   ? 
_pdbx_validate_peptide_omega.label_alt_id_1   ? 
_pdbx_validate_peptide_omega.auth_comp_id_2   PRO 
_pdbx_validate_peptide_omega.auth_asym_id_2   A 
_pdbx_validate_peptide_omega.auth_seq_id_2    33 
_pdbx_validate_peptide_omega.PDB_ins_code_2   ? 
_pdbx_validate_peptide_omega.label_alt_id_2   ? 
_pdbx_validate_peptide_omega.omega            -50.49 
# 
loop_
_pdbx_validate_main_chain_plane.id 
_pdbx_validate_main_chain_plane.PDB_model_num 
_pdbx_validate_main_chain_plane.auth_comp_id 
_pdbx_validate_main_chain_plane.auth_asym_id 
_pdbx_validate_main_chain_plane.auth_seq_id 
_pdbx_validate_main_chain_plane.PDB_ins_code 
_pdbx_validate_main_chain_plane.label_alt_id 
_pdbx_validate_main_chain_plane.improper_torsion_angle 
1 1 ILE A 30 ? ? -17.82 
2 1 HIS A 32 ? ? -12.65 
# 
_pdbx_phasing_MR.entry_id                     5DMP 
_pdbx_phasing_MR.method_rotation              ? 
_pdbx_phasing_MR.method_translation           ? 
_pdbx_phasing_MR.model_details                'Phaser MODE: MR_AUTO' 
_pdbx_phasing_MR.R_factor                     32.660 
_pdbx_phasing_MR.R_rigid_body                 ? 
_pdbx_phasing_MR.correlation_coeff_Fo_to_Fc   ? 
_pdbx_phasing_MR.correlation_coeff_Io_to_Ic   ? 
_pdbx_phasing_MR.d_res_high_rotation          2.500 
_pdbx_phasing_MR.d_res_low_rotation           44.720 
_pdbx_phasing_MR.d_res_high_translation       2.500 
_pdbx_phasing_MR.d_res_low_translation        44.720 
_pdbx_phasing_MR.packing                      ? 
_pdbx_phasing_MR.reflns_percent_rotation      ? 
_pdbx_phasing_MR.reflns_percent_translation   ? 
_pdbx_phasing_MR.sigma_F_rotation             ? 
_pdbx_phasing_MR.sigma_F_translation          ? 
_pdbx_phasing_MR.sigma_I_rotation             ? 
_pdbx_phasing_MR.sigma_I_translation          ? 
# 
_phasing.method   MR 
# 
loop_
_chem_comp_atom.comp_id 
_chem_comp_atom.atom_id 
_chem_comp_atom.type_symbol 
_chem_comp_atom.pdbx_aromatic_flag 
_chem_comp_atom.pdbx_stereo_config 
_chem_comp_atom.pdbx_ordinal 
ALA N    N  N N 1   
ALA CA   C  N S 2   
ALA C    C  N N 3   
ALA O    O  N N 4   
ALA CB   C  N N 5   
ALA OXT  O  N N 6   
ALA H    H  N N 7   
ALA H2   H  N N 8   
ALA HA   H  N N 9   
ALA HB1  H  N N 10  
ALA HB2  H  N N 11  
ALA HB3  H  N N 12  
ALA HXT  H  N N 13  
ARG N    N  N N 14  
ARG CA   C  N S 15  
ARG C    C  N N 16  
ARG O    O  N N 17  
ARG CB   C  N N 18  
ARG CG   C  N N 19  
ARG CD   C  N N 20  
ARG NE   N  N N 21  
ARG CZ   C  N N 22  
ARG NH1  N  N N 23  
ARG NH2  N  N N 24  
ARG OXT  O  N N 25  
ARG H    H  N N 26  
ARG H2   H  N N 27  
ARG HA   H  N N 28  
ARG HB2  H  N N 29  
ARG HB3  H  N N 30  
ARG HG2  H  N N 31  
ARG HG3  H  N N 32  
ARG HD2  H  N N 33  
ARG HD3  H  N N 34  
ARG HE   H  N N 35  
ARG HH11 H  N N 36  
ARG HH12 H  N N 37  
ARG HH21 H  N N 38  
ARG HH22 H  N N 39  
ARG HXT  H  N N 40  
ASN N    N  N N 41  
ASN CA   C  N S 42  
ASN C    C  N N 43  
ASN O    O  N N 44  
ASN CB   C  N N 45  
ASN CG   C  N N 46  
ASN OD1  O  N N 47  
ASN ND2  N  N N 48  
ASN OXT  O  N N 49  
ASN H    H  N N 50  
ASN H2   H  N N 51  
ASN HA   H  N N 52  
ASN HB2  H  N N 53  
ASN HB3  H  N N 54  
ASN HD21 H  N N 55  
ASN HD22 H  N N 56  
ASN HXT  H  N N 57  
ASP N    N  N N 58  
ASP CA   C  N S 59  
ASP C    C  N N 60  
ASP O    O  N N 61  
ASP CB   C  N N 62  
ASP CG   C  N N 63  
ASP OD1  O  N N 64  
ASP OD2  O  N N 65  
ASP OXT  O  N N 66  
ASP H    H  N N 67  
ASP H2   H  N N 68  
ASP HA   H  N N 69  
ASP HB2  H  N N 70  
ASP HB3  H  N N 71  
ASP HD2  H  N N 72  
ASP HXT  H  N N 73  
EDO C1   C  N N 74  
EDO O1   O  N N 75  
EDO C2   C  N N 76  
EDO O2   O  N N 77  
EDO H11  H  N N 78  
EDO H12  H  N N 79  
EDO HO1  H  N N 80  
EDO H21  H  N N 81  
EDO H22  H  N N 82  
EDO HO2  H  N N 83  
GLN N    N  N N 84  
GLN CA   C  N S 85  
GLN C    C  N N 86  
GLN O    O  N N 87  
GLN CB   C  N N 88  
GLN CG   C  N N 89  
GLN CD   C  N N 90  
GLN OE1  O  N N 91  
GLN NE2  N  N N 92  
GLN OXT  O  N N 93  
GLN H    H  N N 94  
GLN H2   H  N N 95  
GLN HA   H  N N 96  
GLN HB2  H  N N 97  
GLN HB3  H  N N 98  
GLN HG2  H  N N 99  
GLN HG3  H  N N 100 
GLN HE21 H  N N 101 
GLN HE22 H  N N 102 
GLN HXT  H  N N 103 
GLU N    N  N N 104 
GLU CA   C  N S 105 
GLU C    C  N N 106 
GLU O    O  N N 107 
GLU CB   C  N N 108 
GLU CG   C  N N 109 
GLU CD   C  N N 110 
GLU OE1  O  N N 111 
GLU OE2  O  N N 112 
GLU OXT  O  N N 113 
GLU H    H  N N 114 
GLU H2   H  N N 115 
GLU HA   H  N N 116 
GLU HB2  H  N N 117 
GLU HB3  H  N N 118 
GLU HG2  H  N N 119 
GLU HG3  H  N N 120 
GLU HE2  H  N N 121 
GLU HXT  H  N N 122 
GLY N    N  N N 123 
GLY CA   C  N N 124 
GLY C    C  N N 125 
GLY O    O  N N 126 
GLY OXT  O  N N 127 
GLY H    H  N N 128 
GLY H2   H  N N 129 
GLY HA2  H  N N 130 
GLY HA3  H  N N 131 
GLY HXT  H  N N 132 
HIS N    N  N N 133 
HIS CA   C  N S 134 
HIS C    C  N N 135 
HIS O    O  N N 136 
HIS CB   C  N N 137 
HIS CG   C  Y N 138 
HIS ND1  N  Y N 139 
HIS CD2  C  Y N 140 
HIS CE1  C  Y N 141 
HIS NE2  N  Y N 142 
HIS OXT  O  N N 143 
HIS H    H  N N 144 
HIS H2   H  N N 145 
HIS HA   H  N N 146 
HIS HB2  H  N N 147 
HIS HB3  H  N N 148 
HIS HD1  H  N N 149 
HIS HD2  H  N N 150 
HIS HE1  H  N N 151 
HIS HE2  H  N N 152 
HIS HXT  H  N N 153 
HOH O    O  N N 154 
HOH H1   H  N N 155 
HOH H2   H  N N 156 
ILE N    N  N N 157 
ILE CA   C  N S 158 
ILE C    C  N N 159 
ILE O    O  N N 160 
ILE CB   C  N S 161 
ILE CG1  C  N N 162 
ILE CG2  C  N N 163 
ILE CD1  C  N N 164 
ILE OXT  O  N N 165 
ILE H    H  N N 166 
ILE H2   H  N N 167 
ILE HA   H  N N 168 
ILE HB   H  N N 169 
ILE HG12 H  N N 170 
ILE HG13 H  N N 171 
ILE HG21 H  N N 172 
ILE HG22 H  N N 173 
ILE HG23 H  N N 174 
ILE HD11 H  N N 175 
ILE HD12 H  N N 176 
ILE HD13 H  N N 177 
ILE HXT  H  N N 178 
LEU N    N  N N 179 
LEU CA   C  N S 180 
LEU C    C  N N 181 
LEU O    O  N N 182 
LEU CB   C  N N 183 
LEU CG   C  N N 184 
LEU CD1  C  N N 185 
LEU CD2  C  N N 186 
LEU OXT  O  N N 187 
LEU H    H  N N 188 
LEU H2   H  N N 189 
LEU HA   H  N N 190 
LEU HB2  H  N N 191 
LEU HB3  H  N N 192 
LEU HG   H  N N 193 
LEU HD11 H  N N 194 
LEU HD12 H  N N 195 
LEU HD13 H  N N 196 
LEU HD21 H  N N 197 
LEU HD22 H  N N 198 
LEU HD23 H  N N 199 
LEU HXT  H  N N 200 
LYS N    N  N N 201 
LYS CA   C  N S 202 
LYS C    C  N N 203 
LYS O    O  N N 204 
LYS CB   C  N N 205 
LYS CG   C  N N 206 
LYS CD   C  N N 207 
LYS CE   C  N N 208 
LYS NZ   N  N N 209 
LYS OXT  O  N N 210 
LYS H    H  N N 211 
LYS H2   H  N N 212 
LYS HA   H  N N 213 
LYS HB2  H  N N 214 
LYS HB3  H  N N 215 
LYS HG2  H  N N 216 
LYS HG3  H  N N 217 
LYS HD2  H  N N 218 
LYS HD3  H  N N 219 
LYS HE2  H  N N 220 
LYS HE3  H  N N 221 
LYS HZ1  H  N N 222 
LYS HZ2  H  N N 223 
LYS HZ3  H  N N 224 
LYS HXT  H  N N 225 
MET N    N  N N 226 
MET CA   C  N S 227 
MET C    C  N N 228 
MET O    O  N N 229 
MET CB   C  N N 230 
MET CG   C  N N 231 
MET SD   S  N N 232 
MET CE   C  N N 233 
MET OXT  O  N N 234 
MET H    H  N N 235 
MET H2   H  N N 236 
MET HA   H  N N 237 
MET HB2  H  N N 238 
MET HB3  H  N N 239 
MET HG2  H  N N 240 
MET HG3  H  N N 241 
MET HE1  H  N N 242 
MET HE2  H  N N 243 
MET HE3  H  N N 244 
MET HXT  H  N N 245 
MG  MG   MG N N 246 
PHE N    N  N N 247 
PHE CA   C  N S 248 
PHE C    C  N N 249 
PHE O    O  N N 250 
PHE CB   C  N N 251 
PHE CG   C  Y N 252 
PHE CD1  C  Y N 253 
PHE CD2  C  Y N 254 
PHE CE1  C  Y N 255 
PHE CE2  C  Y N 256 
PHE CZ   C  Y N 257 
PHE OXT  O  N N 258 
PHE H    H  N N 259 
PHE H2   H  N N 260 
PHE HA   H  N N 261 
PHE HB2  H  N N 262 
PHE HB3  H  N N 263 
PHE HD1  H  N N 264 
PHE HD2  H  N N 265 
PHE HE1  H  N N 266 
PHE HE2  H  N N 267 
PHE HZ   H  N N 268 
PHE HXT  H  N N 269 
PRO N    N  N N 270 
PRO CA   C  N S 271 
PRO C    C  N N 272 
PRO O    O  N N 273 
PRO CB   C  N N 274 
PRO CG   C  N N 275 
PRO CD   C  N N 276 
PRO OXT  O  N N 277 
PRO H    H  N N 278 
PRO HA   H  N N 279 
PRO HB2  H  N N 280 
PRO HB3  H  N N 281 
PRO HG2  H  N N 282 
PRO HG3  H  N N 283 
PRO HD2  H  N N 284 
PRO HD3  H  N N 285 
PRO HXT  H  N N 286 
SER N    N  N N 287 
SER CA   C  N S 288 
SER C    C  N N 289 
SER O    O  N N 290 
SER CB   C  N N 291 
SER OG   O  N N 292 
SER OXT  O  N N 293 
SER H    H  N N 294 
SER H2   H  N N 295 
SER HA   H  N N 296 
SER HB2  H  N N 297 
SER HB3  H  N N 298 
SER HG   H  N N 299 
SER HXT  H  N N 300 
THR N    N  N N 301 
THR CA   C  N S 302 
THR C    C  N N 303 
THR O    O  N N 304 
THR CB   C  N R 305 
THR OG1  O  N N 306 
THR CG2  C  N N 307 
THR OXT  O  N N 308 
THR H    H  N N 309 
THR H2   H  N N 310 
THR HA   H  N N 311 
THR HB   H  N N 312 
THR HG1  H  N N 313 
THR HG21 H  N N 314 
THR HG22 H  N N 315 
THR HG23 H  N N 316 
THR HXT  H  N N 317 
TRP N    N  N N 318 
TRP CA   C  N S 319 
TRP C    C  N N 320 
TRP O    O  N N 321 
TRP CB   C  N N 322 
TRP CG   C  Y N 323 
TRP CD1  C  Y N 324 
TRP CD2  C  Y N 325 
TRP NE1  N  Y N 326 
TRP CE2  C  Y N 327 
TRP CE3  C  Y N 328 
TRP CZ2  C  Y N 329 
TRP CZ3  C  Y N 330 
TRP CH2  C  Y N 331 
TRP OXT  O  N N 332 
TRP H    H  N N 333 
TRP H2   H  N N 334 
TRP HA   H  N N 335 
TRP HB2  H  N N 336 
TRP HB3  H  N N 337 
TRP HD1  H  N N 338 
TRP HE1  H  N N 339 
TRP HE3  H  N N 340 
TRP HZ2  H  N N 341 
TRP HZ3  H  N N 342 
TRP HH2  H  N N 343 
TRP HXT  H  N N 344 
TYR N    N  N N 345 
TYR CA   C  N S 346 
TYR C    C  N N 347 
TYR O    O  N N 348 
TYR CB   C  N N 349 
TYR CG   C  Y N 350 
TYR CD1  C  Y N 351 
TYR CD2  C  Y N 352 
TYR CE1  C  Y N 353 
TYR CE2  C  Y N 354 
TYR CZ   C  Y N 355 
TYR OH   O  N N 356 
TYR OXT  O  N N 357 
TYR H    H  N N 358 
TYR H2   H  N N 359 
TYR HA   H  N N 360 
TYR HB2  H  N N 361 
TYR HB3  H  N N 362 
TYR HD1  H  N N 363 
TYR HD2  H  N N 364 
TYR HE1  H  N N 365 
TYR HE2  H  N N 366 
TYR HH   H  N N 367 
TYR HXT  H  N N 368 
VAL N    N  N N 369 
VAL CA   C  N S 370 
VAL C    C  N N 371 
VAL O    O  N N 372 
VAL CB   C  N N 373 
VAL CG1  C  N N 374 
VAL CG2  C  N N 375 
VAL OXT  O  N N 376 
VAL H    H  N N 377 
VAL H2   H  N N 378 
VAL HA   H  N N 379 
VAL HB   H  N N 380 
VAL HG11 H  N N 381 
VAL HG12 H  N N 382 
VAL HG13 H  N N 383 
VAL HG21 H  N N 384 
VAL HG22 H  N N 385 
VAL HG23 H  N N 386 
VAL HXT  H  N N 387 
VN4 V    V  N N 388 
VN4 O1   O  N N 389 
VN4 O2   O  N N 390 
VN4 O3   O  N N 391 
# 
loop_
_chem_comp_bond.comp_id 
_chem_comp_bond.atom_id_1 
_chem_comp_bond.atom_id_2 
_chem_comp_bond.value_order 
_chem_comp_bond.pdbx_aromatic_flag 
_chem_comp_bond.pdbx_stereo_config 
_chem_comp_bond.pdbx_ordinal 
ALA N   CA   sing N N 1   
ALA N   H    sing N N 2   
ALA N   H2   sing N N 3   
ALA CA  C    sing N N 4   
ALA CA  CB   sing N N 5   
ALA CA  HA   sing N N 6   
ALA C   O    doub N N 7   
ALA C   OXT  sing N N 8   
ALA CB  HB1  sing N N 9   
ALA CB  HB2  sing N N 10  
ALA CB  HB3  sing N N 11  
ALA OXT HXT  sing N N 12  
ARG N   CA   sing N N 13  
ARG N   H    sing N N 14  
ARG N   H2   sing N N 15  
ARG CA  C    sing N N 16  
ARG CA  CB   sing N N 17  
ARG CA  HA   sing N N 18  
ARG C   O    doub N N 19  
ARG C   OXT  sing N N 20  
ARG CB  CG   sing N N 21  
ARG CB  HB2  sing N N 22  
ARG CB  HB3  sing N N 23  
ARG CG  CD   sing N N 24  
ARG CG  HG2  sing N N 25  
ARG CG  HG3  sing N N 26  
ARG CD  NE   sing N N 27  
ARG CD  HD2  sing N N 28  
ARG CD  HD3  sing N N 29  
ARG NE  CZ   sing N N 30  
ARG NE  HE   sing N N 31  
ARG CZ  NH1  sing N N 32  
ARG CZ  NH2  doub N N 33  
ARG NH1 HH11 sing N N 34  
ARG NH1 HH12 sing N N 35  
ARG NH2 HH21 sing N N 36  
ARG NH2 HH22 sing N N 37  
ARG OXT HXT  sing N N 38  
ASN N   CA   sing N N 39  
ASN N   H    sing N N 40  
ASN N   H2   sing N N 41  
ASN CA  C    sing N N 42  
ASN CA  CB   sing N N 43  
ASN CA  HA   sing N N 44  
ASN C   O    doub N N 45  
ASN C   OXT  sing N N 46  
ASN CB  CG   sing N N 47  
ASN CB  HB2  sing N N 48  
ASN CB  HB3  sing N N 49  
ASN CG  OD1  doub N N 50  
ASN CG  ND2  sing N N 51  
ASN ND2 HD21 sing N N 52  
ASN ND2 HD22 sing N N 53  
ASN OXT HXT  sing N N 54  
ASP N   CA   sing N N 55  
ASP N   H    sing N N 56  
ASP N   H2   sing N N 57  
ASP CA  C    sing N N 58  
ASP CA  CB   sing N N 59  
ASP CA  HA   sing N N 60  
ASP C   O    doub N N 61  
ASP C   OXT  sing N N 62  
ASP CB  CG   sing N N 63  
ASP CB  HB2  sing N N 64  
ASP CB  HB3  sing N N 65  
ASP CG  OD1  doub N N 66  
ASP CG  OD2  sing N N 67  
ASP OD2 HD2  sing N N 68  
ASP OXT HXT  sing N N 69  
EDO C1  O1   sing N N 70  
EDO C1  C2   sing N N 71  
EDO C1  H11  sing N N 72  
EDO C1  H12  sing N N 73  
EDO O1  HO1  sing N N 74  
EDO C2  O2   sing N N 75  
EDO C2  H21  sing N N 76  
EDO C2  H22  sing N N 77  
EDO O2  HO2  sing N N 78  
GLN N   CA   sing N N 79  
GLN N   H    sing N N 80  
GLN N   H2   sing N N 81  
GLN CA  C    sing N N 82  
GLN CA  CB   sing N N 83  
GLN CA  HA   sing N N 84  
GLN C   O    doub N N 85  
GLN C   OXT  sing N N 86  
GLN CB  CG   sing N N 87  
GLN CB  HB2  sing N N 88  
GLN CB  HB3  sing N N 89  
GLN CG  CD   sing N N 90  
GLN CG  HG2  sing N N 91  
GLN CG  HG3  sing N N 92  
GLN CD  OE1  doub N N 93  
GLN CD  NE2  sing N N 94  
GLN NE2 HE21 sing N N 95  
GLN NE2 HE22 sing N N 96  
GLN OXT HXT  sing N N 97  
GLU N   CA   sing N N 98  
GLU N   H    sing N N 99  
GLU N   H2   sing N N 100 
GLU CA  C    sing N N 101 
GLU CA  CB   sing N N 102 
GLU CA  HA   sing N N 103 
GLU C   O    doub N N 104 
GLU C   OXT  sing N N 105 
GLU CB  CG   sing N N 106 
GLU CB  HB2  sing N N 107 
GLU CB  HB3  sing N N 108 
GLU CG  CD   sing N N 109 
GLU CG  HG2  sing N N 110 
GLU CG  HG3  sing N N 111 
GLU CD  OE1  doub N N 112 
GLU CD  OE2  sing N N 113 
GLU OE2 HE2  sing N N 114 
GLU OXT HXT  sing N N 115 
GLY N   CA   sing N N 116 
GLY N   H    sing N N 117 
GLY N   H2   sing N N 118 
GLY CA  C    sing N N 119 
GLY CA  HA2  sing N N 120 
GLY CA  HA3  sing N N 121 
GLY C   O    doub N N 122 
GLY C   OXT  sing N N 123 
GLY OXT HXT  sing N N 124 
HIS N   CA   sing N N 125 
HIS N   H    sing N N 126 
HIS N   H2   sing N N 127 
HIS CA  C    sing N N 128 
HIS CA  CB   sing N N 129 
HIS CA  HA   sing N N 130 
HIS C   O    doub N N 131 
HIS C   OXT  sing N N 132 
HIS CB  CG   sing N N 133 
HIS CB  HB2  sing N N 134 
HIS CB  HB3  sing N N 135 
HIS CG  ND1  sing Y N 136 
HIS CG  CD2  doub Y N 137 
HIS ND1 CE1  doub Y N 138 
HIS ND1 HD1  sing N N 139 
HIS CD2 NE2  sing Y N 140 
HIS CD2 HD2  sing N N 141 
HIS CE1 NE2  sing Y N 142 
HIS CE1 HE1  sing N N 143 
HIS NE2 HE2  sing N N 144 
HIS OXT HXT  sing N N 145 
HOH O   H1   sing N N 146 
HOH O   H2   sing N N 147 
ILE N   CA   sing N N 148 
ILE N   H    sing N N 149 
ILE N   H2   sing N N 150 
ILE CA  C    sing N N 151 
ILE CA  CB   sing N N 152 
ILE CA  HA   sing N N 153 
ILE C   O    doub N N 154 
ILE C   OXT  sing N N 155 
ILE CB  CG1  sing N N 156 
ILE CB  CG2  sing N N 157 
ILE CB  HB   sing N N 158 
ILE CG1 CD1  sing N N 159 
ILE CG1 HG12 sing N N 160 
ILE CG1 HG13 sing N N 161 
ILE CG2 HG21 sing N N 162 
ILE CG2 HG22 sing N N 163 
ILE CG2 HG23 sing N N 164 
ILE CD1 HD11 sing N N 165 
ILE CD1 HD12 sing N N 166 
ILE CD1 HD13 sing N N 167 
ILE OXT HXT  sing N N 168 
LEU N   CA   sing N N 169 
LEU N   H    sing N N 170 
LEU N   H2   sing N N 171 
LEU CA  C    sing N N 172 
LEU CA  CB   sing N N 173 
LEU CA  HA   sing N N 174 
LEU C   O    doub N N 175 
LEU C   OXT  sing N N 176 
LEU CB  CG   sing N N 177 
LEU CB  HB2  sing N N 178 
LEU CB  HB3  sing N N 179 
LEU CG  CD1  sing N N 180 
LEU CG  CD2  sing N N 181 
LEU CG  HG   sing N N 182 
LEU CD1 HD11 sing N N 183 
LEU CD1 HD12 sing N N 184 
LEU CD1 HD13 sing N N 185 
LEU CD2 HD21 sing N N 186 
LEU CD2 HD22 sing N N 187 
LEU CD2 HD23 sing N N 188 
LEU OXT HXT  sing N N 189 
LYS N   CA   sing N N 190 
LYS N   H    sing N N 191 
LYS N   H2   sing N N 192 
LYS CA  C    sing N N 193 
LYS CA  CB   sing N N 194 
LYS CA  HA   sing N N 195 
LYS C   O    doub N N 196 
LYS C   OXT  sing N N 197 
LYS CB  CG   sing N N 198 
LYS CB  HB2  sing N N 199 
LYS CB  HB3  sing N N 200 
LYS CG  CD   sing N N 201 
LYS CG  HG2  sing N N 202 
LYS CG  HG3  sing N N 203 
LYS CD  CE   sing N N 204 
LYS CD  HD2  sing N N 205 
LYS CD  HD3  sing N N 206 
LYS CE  NZ   sing N N 207 
LYS CE  HE2  sing N N 208 
LYS CE  HE3  sing N N 209 
LYS NZ  HZ1  sing N N 210 
LYS NZ  HZ2  sing N N 211 
LYS NZ  HZ3  sing N N 212 
LYS OXT HXT  sing N N 213 
MET N   CA   sing N N 214 
MET N   H    sing N N 215 
MET N   H2   sing N N 216 
MET CA  C    sing N N 217 
MET CA  CB   sing N N 218 
MET CA  HA   sing N N 219 
MET C   O    doub N N 220 
MET C   OXT  sing N N 221 
MET CB  CG   sing N N 222 
MET CB  HB2  sing N N 223 
MET CB  HB3  sing N N 224 
MET CG  SD   sing N N 225 
MET CG  HG2  sing N N 226 
MET CG  HG3  sing N N 227 
MET SD  CE   sing N N 228 
MET CE  HE1  sing N N 229 
MET CE  HE2  sing N N 230 
MET CE  HE3  sing N N 231 
MET OXT HXT  sing N N 232 
PHE N   CA   sing N N 233 
PHE N   H    sing N N 234 
PHE N   H2   sing N N 235 
PHE CA  C    sing N N 236 
PHE CA  CB   sing N N 237 
PHE CA  HA   sing N N 238 
PHE C   O    doub N N 239 
PHE C   OXT  sing N N 240 
PHE CB  CG   sing N N 241 
PHE CB  HB2  sing N N 242 
PHE CB  HB3  sing N N 243 
PHE CG  CD1  doub Y N 244 
PHE CG  CD2  sing Y N 245 
PHE CD1 CE1  sing Y N 246 
PHE CD1 HD1  sing N N 247 
PHE CD2 CE2  doub Y N 248 
PHE CD2 HD2  sing N N 249 
PHE CE1 CZ   doub Y N 250 
PHE CE1 HE1  sing N N 251 
PHE CE2 CZ   sing Y N 252 
PHE CE2 HE2  sing N N 253 
PHE CZ  HZ   sing N N 254 
PHE OXT HXT  sing N N 255 
PRO N   CA   sing N N 256 
PRO N   CD   sing N N 257 
PRO N   H    sing N N 258 
PRO CA  C    sing N N 259 
PRO CA  CB   sing N N 260 
PRO CA  HA   sing N N 261 
PRO C   O    doub N N 262 
PRO C   OXT  sing N N 263 
PRO CB  CG   sing N N 264 
PRO CB  HB2  sing N N 265 
PRO CB  HB3  sing N N 266 
PRO CG  CD   sing N N 267 
PRO CG  HG2  sing N N 268 
PRO CG  HG3  sing N N 269 
PRO CD  HD2  sing N N 270 
PRO CD  HD3  sing N N 271 
PRO OXT HXT  sing N N 272 
SER N   CA   sing N N 273 
SER N   H    sing N N 274 
SER N   H2   sing N N 275 
SER CA  C    sing N N 276 
SER CA  CB   sing N N 277 
SER CA  HA   sing N N 278 
SER C   O    doub N N 279 
SER C   OXT  sing N N 280 
SER CB  OG   sing N N 281 
SER CB  HB2  sing N N 282 
SER CB  HB3  sing N N 283 
SER OG  HG   sing N N 284 
SER OXT HXT  sing N N 285 
THR N   CA   sing N N 286 
THR N   H    sing N N 287 
THR N   H2   sing N N 288 
THR CA  C    sing N N 289 
THR CA  CB   sing N N 290 
THR CA  HA   sing N N 291 
THR C   O    doub N N 292 
THR C   OXT  sing N N 293 
THR CB  OG1  sing N N 294 
THR CB  CG2  sing N N 295 
THR CB  HB   sing N N 296 
THR OG1 HG1  sing N N 297 
THR CG2 HG21 sing N N 298 
THR CG2 HG22 sing N N 299 
THR CG2 HG23 sing N N 300 
THR OXT HXT  sing N N 301 
TRP N   CA   sing N N 302 
TRP N   H    sing N N 303 
TRP N   H2   sing N N 304 
TRP CA  C    sing N N 305 
TRP CA  CB   sing N N 306 
TRP CA  HA   sing N N 307 
TRP C   O    doub N N 308 
TRP C   OXT  sing N N 309 
TRP CB  CG   sing N N 310 
TRP CB  HB2  sing N N 311 
TRP CB  HB3  sing N N 312 
TRP CG  CD1  doub Y N 313 
TRP CG  CD2  sing Y N 314 
TRP CD1 NE1  sing Y N 315 
TRP CD1 HD1  sing N N 316 
TRP CD2 CE2  doub Y N 317 
TRP CD2 CE3  sing Y N 318 
TRP NE1 CE2  sing Y N 319 
TRP NE1 HE1  sing N N 320 
TRP CE2 CZ2  sing Y N 321 
TRP CE3 CZ3  doub Y N 322 
TRP CE3 HE3  sing N N 323 
TRP CZ2 CH2  doub Y N 324 
TRP CZ2 HZ2  sing N N 325 
TRP CZ3 CH2  sing Y N 326 
TRP CZ3 HZ3  sing N N 327 
TRP CH2 HH2  sing N N 328 
TRP OXT HXT  sing N N 329 
TYR N   CA   sing N N 330 
TYR N   H    sing N N 331 
TYR N   H2   sing N N 332 
TYR CA  C    sing N N 333 
TYR CA  CB   sing N N 334 
TYR CA  HA   sing N N 335 
TYR C   O    doub N N 336 
TYR C   OXT  sing N N 337 
TYR CB  CG   sing N N 338 
TYR CB  HB2  sing N N 339 
TYR CB  HB3  sing N N 340 
TYR CG  CD1  doub Y N 341 
TYR CG  CD2  sing Y N 342 
TYR CD1 CE1  sing Y N 343 
TYR CD1 HD1  sing N N 344 
TYR CD2 CE2  doub Y N 345 
TYR CD2 HD2  sing N N 346 
TYR CE1 CZ   doub Y N 347 
TYR CE1 HE1  sing N N 348 
TYR CE2 CZ   sing Y N 349 
TYR CE2 HE2  sing N N 350 
TYR CZ  OH   sing N N 351 
TYR OH  HH   sing N N 352 
TYR OXT HXT  sing N N 353 
VAL N   CA   sing N N 354 
VAL N   H    sing N N 355 
VAL N   H2   sing N N 356 
VAL CA  C    sing N N 357 
VAL CA  CB   sing N N 358 
VAL CA  HA   sing N N 359 
VAL C   O    doub N N 360 
VAL C   OXT  sing N N 361 
VAL CB  CG1  sing N N 362 
VAL CB  CG2  sing N N 363 
VAL CB  HB   sing N N 364 
VAL CG1 HG11 sing N N 365 
VAL CG1 HG12 sing N N 366 
VAL CG1 HG13 sing N N 367 
VAL CG2 HG21 sing N N 368 
VAL CG2 HG22 sing N N 369 
VAL CG2 HG23 sing N N 370 
VAL OXT HXT  sing N N 371 
VN4 V   O1   doub N N 372 
VN4 O2  V    sing N N 373 
VN4 O3  V    doub N N 374 
# 
_pdbx_audit_support.funding_organization   'Biotechnology and Biological Sciences Research Council' 
_pdbx_audit_support.country                'United Kingdom' 
_pdbx_audit_support.grant_number           '(BB/J018643/1)' 
_pdbx_audit_support.ordinal                1 
# 
_pdbx_initial_refinement_model.id               1 
_pdbx_initial_refinement_model.entity_id_list   ? 
_pdbx_initial_refinement_model.type             'experimental model' 
_pdbx_initial_refinement_model.source_name      PDB 
_pdbx_initial_refinement_model.accession_code   3N9B 
_pdbx_initial_refinement_model.details          ? 
# 
_atom_sites.entry_id                    5DMP 
_atom_sites.fract_transf_matrix[1][1]   -0.00072439 
_atom_sites.fract_transf_matrix[1][2]   -0.01969048 
_atom_sites.fract_transf_matrix[1][3]   -0.00459724 
_atom_sites.fract_transf_matrix[2][1]   -0.01526159 
_atom_sites.fract_transf_matrix[2][2]   -0.01141894 
_atom_sites.fract_transf_matrix[2][3]   0.00678719 
_atom_sites.fract_transf_matrix[3][1]   -0.00499838 
_atom_sites.fract_transf_matrix[3][2]   0.00201606 
_atom_sites.fract_transf_matrix[3][3]   -0.00784743 
_atom_sites.fract_transf_vector[1]      0.495365 
_atom_sites.fract_transf_vector[2]      0.022632 
_atom_sites.fract_transf_vector[3]      0.105389 
# 
loop_
_atom_type.symbol 
C  
MG 
N  
O  
S  
V  
# 
loop_
_atom_site.group_PDB 
_atom_site.id 
_atom_site.type_symbol 
_atom_site.label_atom_id 
_atom_site.label_alt_id 
_atom_site.label_comp_id 
_atom_site.label_asym_id 
_atom_site.label_entity_id 
_atom_site.label_seq_id 
_atom_site.pdbx_PDB_ins_code 
_atom_site.Cartn_x 
_atom_site.Cartn_y 
_atom_site.Cartn_z 
_atom_site.occupancy 
_atom_site.B_iso_or_equiv 
_atom_site.pdbx_formal_charge 
_atom_site.auth_seq_id 
_atom_site.auth_comp_id 
_atom_site.auth_asym_id 
_atom_site.auth_atom_id 
_atom_site.pdbx_PDB_model_num 
ATOM   1    N  N   . ILE A 1 1   ? -7.034  -1.282  14.225  0.00 30.00  ? 30  ILE A N   1 
ATOM   2    C  CA  . ILE A 1 1   ? -6.628  -1.116  15.619  0.00 30.00  ? 30  ILE A CA  1 
ATOM   3    C  C   . ILE A 1 1   ? -5.808  0.062   15.905  1.00 63.53  ? 30  ILE A C   1 
ATOM   4    O  O   . ILE A 1 1   ? -6.580  1.025   16.044  1.00 61.66  ? 30  ILE A O   1 
ATOM   5    C  CB  . ILE A 1 1   ? -5.901  -2.370  16.169  0.00 20.00  ? 30  ILE A CB  1 
ATOM   6    C  CG1 . ILE A 1 1   ? -6.917  -3.409  16.666  0.00 20.00  ? 30  ILE A CG1 1 
ATOM   7    C  CG2 . ILE A 1 1   ? -4.955  -2.038  17.310  0.00 20.00  ? 30  ILE A CG2 1 
ATOM   8    C  CD1 . ILE A 1 1   ? -6.394  -4.833  16.708  0.00 20.00  ? 30  ILE A CD1 1 
ATOM   9    N  N   . LYS A 1 2   ? -4.553  0.193   15.465  1.00 59.92  ? 31  LYS A N   1 
ATOM   10   C  CA  . LYS A 1 2   ? -3.780  1.452   15.638  1.00 59.14  ? 31  LYS A CA  1 
ATOM   11   C  C   . LYS A 1 2   ? -3.953  2.400   14.451  1.00 49.87  ? 31  LYS A C   1 
ATOM   12   O  O   . LYS A 1 2   ? -4.186  1.929   13.331  1.00 47.45  ? 31  LYS A O   1 
ATOM   13   C  CB  . LYS A 1 2   ? -2.296  1.164   15.845  1.00 57.61  ? 31  LYS A CB  1 
ATOM   14   C  CG  . LYS A 1 2   ? -1.849  1.236   17.291  1.00 73.74  ? 31  LYS A CG  1 
ATOM   15   C  CD  . LYS A 1 2   ? -0.812  0.168   17.591  1.00 79.94  ? 31  LYS A CD  1 
ATOM   16   C  CE  . LYS A 1 2   ? -0.735  -0.067  19.091  1.00 85.82  ? 31  LYS A CE  1 
ATOM   17   N  NZ  . LYS A 1 2   ? 0.542   -0.720  19.451  1.00 80.60  ? 31  LYS A NZ  1 
ATOM   18   N  N   . HIS A 1 3   ? -3.784  3.703   14.711  1.00 39.88  ? 32  HIS A N   1 
ATOM   19   C  CA  . HIS A 1 3   ? -3.947  4.804   13.723  1.00 39.76  ? 32  HIS A CA  1 
ATOM   20   C  C   . HIS A 1 3   ? -2.642  5.546   13.397  1.00 35.43  ? 32  HIS A C   1 
ATOM   21   O  O   . HIS A 1 3   ? -1.782  5.607   14.301  1.00 46.64  ? 32  HIS A O   1 
ATOM   22   C  CB  . HIS A 1 3   ? -5.146  5.709   14.102  1.00 43.74  ? 32  HIS A CB  1 
ATOM   23   C  CG  . HIS A 1 3   ? -6.449  4.960   14.071  1.00 51.06  ? 32  HIS A CG  1 
ATOM   24   N  ND1 . HIS A 1 3   ? -7.185  4.787   12.913  1.00 46.92  ? 32  HIS A ND1 1 
ATOM   25   C  CD2 . HIS A 1 3   ? -7.108  4.274   15.042  1.00 55.43  ? 32  HIS A CD2 1 
ATOM   26   C  CE1 . HIS A 1 3   ? -8.246  4.043   13.170  1.00 51.31  ? 32  HIS A CE1 1 
ATOM   27   N  NE2 . HIS A 1 3   ? -8.220  3.710   14.454  1.00 58.03  ? 32  HIS A NE2 1 
ATOM   28   N  N   . PRO A 1 4   ? -2.678  6.447   12.405  1.00 36.40  ? 33  PRO A N   1 
ATOM   29   C  CA  . PRO A 1 4   ? -3.208  6.199   11.095  1.00 31.81  ? 33  PRO A CA  1 
ATOM   30   C  C   . PRO A 1 4   ? -2.855  4.876   10.475  1.00 29.54  ? 33  PRO A C   1 
ATOM   31   O  O   . PRO A 1 4   ? -1.728  4.451   10.524  1.00 28.27  ? 33  PRO A O   1 
ATOM   32   C  CB  . PRO A 1 4   ? -2.796  7.411   10.294  1.00 30.46  ? 33  PRO A CB  1 
ATOM   33   C  CG  . PRO A 1 4   ? -1.409  7.743   10.861  1.00 36.54  ? 33  PRO A CG  1 
ATOM   34   C  CD  . PRO A 1 4   ? -1.406  7.219   12.298  1.00 37.63  ? 33  PRO A CD  1 
ATOM   35   N  N   . ILE A 1 5   ? -3.870  4.208   9.984   1.00 25.41  ? 34  ILE A N   1 
ATOM   36   C  CA  . ILE A 1 5   ? -3.697  2.901   9.385   1.00 26.94  ? 34  ILE A CA  1 
ATOM   37   C  C   . ILE A 1 5   ? -2.932  2.969   8.063   1.00 26.57  ? 34  ILE A C   1 
ATOM   38   O  O   . ILE A 1 5   ? -3.178  3.848   7.228   1.00 27.36  ? 34  ILE A O   1 
ATOM   39   C  CB  . ILE A 1 5   ? -5.097  2.295   9.125   1.00 26.85  ? 34  ILE A CB  1 
ATOM   40   C  CG1 . ILE A 1 5   ? -5.684  1.814   10.433  1.00 29.95  ? 34  ILE A CG1 1 
ATOM   41   C  CG2 . ILE A 1 5   ? -5.114  1.081   8.161   1.00 26.97  ? 34  ILE A CG2 1 
ATOM   42   C  CD1 . ILE A 1 5   ? -7.188  1.774   10.246  1.00 34.30  ? 34  ILE A CD1 1 
ATOM   43   N  N   . TYR A 1 6   ? -2.049  1.977   7.878   1.00 25.63  ? 35  TYR A N   1 
ATOM   44   C  CA  . TYR A 1 6   ? -1.444  1.588   6.559   1.00 24.82  ? 35  TYR A CA  1 
ATOM   45   C  C   . TYR A 1 6   ? -1.891  0.133   6.375   1.00 24.38  ? 35  TYR A C   1 
ATOM   46   O  O   . TYR A 1 6   ? -1.872  -0.696  7.349   1.00 26.25  ? 35  TYR A O   1 
ATOM   47   C  CB  . TYR A 1 6   ? 0.097   1.719   6.709   1.00 26.07  ? 35  TYR A CB  1 
ATOM   48   C  CG  . TYR A 1 6   ? 0.826   0.608   6.026   1.00 25.00  ? 35  TYR A CG  1 
ATOM   49   C  CD1 . TYR A 1 6   ? 0.839   0.550   4.605   1.00 24.97  ? 35  TYR A CD1 1 
ATOM   50   C  CD2 . TYR A 1 6   ? 1.485   -0.377  6.758   1.00 27.76  ? 35  TYR A CD2 1 
ATOM   51   C  CE1 . TYR A 1 6   ? 1.473   -0.508  3.927   1.00 27.47  ? 35  TYR A CE1 1 
ATOM   52   C  CE2 . TYR A 1 6   ? 2.135   -1.466  6.097   1.00 27.15  ? 35  TYR A CE2 1 
ATOM   53   C  CZ  . TYR A 1 6   ? 2.137   -1.513  4.691   1.00 28.15  ? 35  TYR A CZ  1 
ATOM   54   O  OH  . TYR A 1 6   ? 2.793   -2.565  4.055   1.00 26.50  ? 35  TYR A OH  1 
ATOM   55   N  N   . VAL A 1 7   ? -2.339  -0.203  5.171   1.00 24.25  ? 36  VAL A N   1 
ATOM   56   C  CA  . VAL A 1 7   ? -2.657  -1.606  4.858   1.00 23.80  ? 36  VAL A CA  1 
ATOM   57   C  C   . VAL A 1 7   ? -2.328  -1.868  3.386   1.00 24.39  ? 36  VAL A C   1 
ATOM   58   O  O   . VAL A 1 7   ? -2.432  -0.960  2.537   1.00 23.50  ? 36  VAL A O   1 
ATOM   59   C  CB  . VAL A 1 7   ? -4.180  -1.876  5.142   1.00 23.60  ? 36  VAL A CB  1 
ATOM   60   C  CG1 . VAL A 1 7   ? -5.086  -0.897  4.359   1.00 22.94  ? 36  VAL A CG1 1 
ATOM   61   C  CG2 . VAL A 1 7   ? -4.539  -3.374  4.895   1.00 24.58  ? 36  VAL A CG2 1 
ATOM   62   N  N   . ILE A 1 8   ? -1.940  -3.101  3.080   1.00 23.69  ? 37  ILE A N   1 
ATOM   63   C  CA  . ILE A 1 8   ? -1.885  -3.559  1.714   1.00 23.52  ? 37  ILE A CA  1 
ATOM   64   C  C   . ILE A 1 8   ? -2.729  -4.823  1.664   1.00 24.96  ? 37  ILE A C   1 
ATOM   65   O  O   . ILE A 1 8   ? -2.507  -5.795  2.459   1.00 26.80  ? 37  ILE A O   1 
ATOM   66   C  CB  . ILE A 1 8   ? -0.422  -3.938  1.285   1.00 22.80  ? 37  ILE A CB  1 
ATOM   67   C  CG1 . ILE A 1 8   ? 0.418   -2.608  1.174   1.00 23.18  ? 37  ILE A CG1 1 
ATOM   68   C  CG2 . ILE A 1 8   ? -0.505  -4.706  -0.066  1.00 24.11  ? 37  ILE A CG2 1 
ATOM   69   C  CD1 . ILE A 1 8   ? 1.937   -2.757  0.821   1.00 27.21  ? 37  ILE A CD1 1 
ATOM   70   N  N   . GLN A 1 9   ? -3.649  -4.844  0.713   1.00 21.38  ? 38  GLN A N   1 
ATOM   71   C  CA  . GLN A 1 9   ? -4.400  -6.087  0.472   1.00 25.97  ? 38  GLN A CA  1 
ATOM   72   C  C   . GLN A 1 9   ? -3.886  -6.680  -0.830  1.00 30.33  ? 38  GLN A C   1 
ATOM   73   O  O   . GLN A 1 9   ? -3.657  -5.950  -1.805  1.00 32.02  ? 38  GLN A O   1 
ATOM   74   C  CB  . GLN A 1 9   ? -5.876  -5.794  0.407   1.00 26.46  ? 38  GLN A CB  1 
ATOM   75   C  CG  . GLN A 1 9   ? -6.464  -5.698  1.843   1.00 27.11  ? 38  GLN A CG  1 
ATOM   76   C  CD  . GLN A 1 9   ? -7.639  -4.776  1.977   1.00 27.66  ? 38  GLN A CD  1 
ATOM   77   O  OE1 . GLN A 1 9   ? -7.658  -3.634  1.484   1.00 30.50  ? 38  GLN A OE1 1 
ATOM   78   N  NE2 . GLN A 1 9   ? -8.649  -5.242  2.745   1.00 29.70  ? 38  GLN A NE2 1 
ATOM   79   N  N   . LYS A 1 10  ? -3.668  -7.991  -0.821  1.00 28.61  ? 39  LYS A N   1 
ATOM   80   C  CA  . LYS A 1 10  ? -3.275  -8.704  -2.058  1.00 27.76  ? 39  LYS A CA  1 
ATOM   81   C  C   . LYS A 1 10  ? -4.592  -9.181  -2.654  1.00 30.36  ? 39  LYS A C   1 
ATOM   82   O  O   . LYS A 1 10  ? -5.476  -9.763  -1.956  1.00 27.62  ? 39  LYS A O   1 
ATOM   83   C  CB  . LYS A 1 10  ? -2.295  -9.857  -1.729  1.00 26.89  ? 39  LYS A CB  1 
ATOM   84   C  CG  . LYS A 1 10  ? -1.799  -10.591 -2.996  1.00 27.78  ? 39  LYS A CG  1 
ATOM   85   C  CD  . LYS A 1 10  ? -0.780  -11.666 -2.568  1.00 32.66  ? 39  LYS A CD  1 
ATOM   86   C  CE  . LYS A 1 10  ? -0.262  -12.465 -3.799  1.00 35.93  ? 39  LYS A CE  1 
ATOM   87   N  NZ  . LYS A 1 10  ? 0.656   -13.520 -3.265  1.00 39.82  ? 39  LYS A NZ  1 
ATOM   88   N  N   . HIS A 1 11  ? -4.776  -8.929  -3.964  1.00 28.42  ? 40  HIS A N   1 
ATOM   89   C  CA  . HIS A 1 11  ? -6.078  -8.997  -4.503  1.00 32.42  ? 40  HIS A CA  1 
ATOM   90   C  C   . HIS A 1 11  ? -6.024  -9.805  -5.783  1.00 35.25  ? 40  HIS A C   1 
ATOM   91   O  O   . HIS A 1 11  ? -5.412  -9.399  -6.789  1.00 38.88  ? 40  HIS A O   1 
ATOM   92   C  CB  . HIS A 1 11  ? -6.593  -7.594  -4.761  1.00 35.47  ? 40  HIS A CB  1 
ATOM   93   C  CG  . HIS A 1 11  ? -8.068  -7.544  -4.968  1.00 37.89  ? 40  HIS A CG  1 
ATOM   94   N  ND1 . HIS A 1 11  ? -8.806  -6.400  -4.766  1.00 47.77  ? 40  HIS A ND1 1 
ATOM   95   C  CD2 . HIS A 1 11  ? -8.941  -8.499  -5.354  1.00 43.86  ? 40  HIS A CD2 1 
ATOM   96   C  CE1 . HIS A 1 11  ? -10.082 -6.666  -4.997  1.00 48.59  ? 40  HIS A CE1 1 
ATOM   97   N  NE2 . HIS A 1 11  ? -10.185 -7.929  -5.371  1.00 44.42  ? 40  HIS A NE2 1 
ATOM   98   N  N   . ASP A 1 12  ? -6.617  -10.969 -5.736  1.00 36.03  ? 41  ASP A N   1 
ATOM   99   C  CA  . ASP A 1 12  ? -6.679  -11.799 -6.939  1.00 42.31  ? 41  ASP A CA  1 
ATOM   100  C  C   . ASP A 1 12  ? -7.994  -11.504 -7.623  1.00 48.83  ? 41  ASP A C   1 
ATOM   101  O  O   . ASP A 1 12  ? -9.024  -12.069 -7.246  1.00 43.65  ? 41  ASP A O   1 
ATOM   102  C  CB  . ASP A 1 12  ? -6.585  -13.277 -6.553  1.00 45.57  ? 41  ASP A CB  1 
ATOM   103  C  CG  . ASP A 1 12  ? -6.254  -14.173 -7.728  1.00 58.74  ? 41  ASP A CG  1 
ATOM   104  O  OD1 . ASP A 1 12  ? -5.784  -13.672 -8.778  1.00 52.83  ? 41  ASP A OD1 1 
ATOM   105  O  OD2 . ASP A 1 12  ? -6.436  -15.394 -7.569  1.00 65.80  ? 41  ASP A OD2 1 
ATOM   106  N  N   . ALA A 1 13  ? -7.934  -10.578 -8.588  1.00 59.58  ? 42  ALA A N   1 
ATOM   107  C  CA  . ALA A 1 13  ? -9.071  -10.099 -9.382  1.00 62.40  ? 42  ALA A CA  1 
ATOM   108  C  C   . ALA A 1 13  ? -8.923  -10.561 -10.841 1.00 69.20  ? 42  ALA A C   1 
ATOM   109  O  O   . ALA A 1 13  ? -8.527  -11.718 -11.102 1.00 62.90  ? 42  ALA A O   1 
ATOM   110  C  CB  . ALA A 1 13  ? -9.156  -8.572  -9.310  1.00 64.88  ? 42  ALA A CB  1 
ATOM   111  N  N   . SER A 1 14  ? -9.247  -9.662  -11.779 1.00 69.92  ? 43  SER A N   1 
ATOM   112  C  CA  . SER A 1 14  ? -8.970  -9.860  -13.204 1.00 72.05  ? 43  SER A CA  1 
ATOM   113  C  C   . SER A 1 14  ? -7.523  -10.358 -13.349 1.00 79.29  ? 43  SER A C   1 
ATOM   114  O  O   . SER A 1 14  ? -7.259  -11.487 -13.830 1.00 70.44  ? 43  SER A O   1 
ATOM   115  C  CB  . SER A 1 14  ? -9.128  -8.538  -13.959 1.00 73.42  ? 43  SER A CB  1 
ATOM   116  O  OG  . SER A 1 14  ? -10.022 -7.661  -13.298 1.00 74.14  ? 43  SER A OG  1 
ATOM   117  N  N   . HIS A 1 15  ? -6.594  -9.509  -12.897 1.00 70.40  ? 44  HIS A N   1 
ATOM   118  C  CA  . HIS A 1 15  ? -5.208  -9.914  -12.682 1.00 57.90  ? 44  HIS A CA  1 
ATOM   119  C  C   . HIS A 1 15  ? -4.888  -9.800  -11.183 1.00 56.67  ? 44  HIS A C   1 
ATOM   120  O  O   . HIS A 1 15  ? -5.619  -9.140  -10.411 1.00 58.02  ? 44  HIS A O   1 
ATOM   121  C  CB  . HIS A 1 15  ? -4.564  -8.957  -13.420 0.00 79.64  ? 44  HIS A CB  1 
ATOM   122  C  CG  . HIS A 1 15  ? -5.039  -8.818  -14.830 0.00 90.33  ? 44  HIS A CG  1 
ATOM   123  N  ND1 . HIS A 1 15  ? -4.914  -7.647  -15.540 0.00 93.35  ? 44  HIS A ND1 1 
ATOM   124  C  CD2 . HIS A 1 15  ? -5.647  -9.698  -15.655 0.00 92.72  ? 44  HIS A CD2 1 
ATOM   125  C  CE1 . HIS A 1 15  ? -5.423  -7.813  -16.745 0.00 95.75  ? 44  HIS A CE1 1 
ATOM   126  N  NE2 . HIS A 1 15  ? -5.878  -9.049  -16.840 0.00 100.44 ? 44  HIS A NE2 1 
ATOM   127  N  N   . LEU A 1 16  ? -3.811  -10.468 -10.781 1.00 45.53  ? 45  LEU A N   1 
ATOM   128  C  CA  . LEU A 1 16  ? -3.279  -10.353 -9.429  1.00 47.87  ? 45  LEU A CA  1 
ATOM   129  C  C   . LEU A 1 16  ? -2.716  -8.919  -9.236  1.00 49.44  ? 45  LEU A C   1 
ATOM   130  O  O   . LEU A 1 16  ? -1.932  -8.455  -10.065 1.00 44.60  ? 45  LEU A O   1 
ATOM   131  C  CB  . LEU A 1 16  ? -2.206  -11.425 -9.240  1.00 52.06  ? 45  LEU A CB  1 
ATOM   132  C  CG  . LEU A 1 16  ? -1.668  -11.729 -7.847  1.00 64.88  ? 45  LEU A CG  1 
ATOM   133  C  CD1 . LEU A 1 16  ? -0.813  -12.993 -7.860  1.00 65.27  ? 45  LEU A CD1 1 
ATOM   134  C  CD2 . LEU A 1 16  ? -0.860  -10.554 -7.350  1.00 66.36  ? 45  LEU A CD2 1 
ATOM   135  N  N   . HIS A 1 17  ? -3.137  -8.196  -8.194  1.00 34.05  ? 46  HIS A N   1 
ATOM   136  C  CA  . HIS A 1 17  ? -2.529  -6.931  -7.889  1.00 33.78  ? 46  HIS A CA  1 
ATOM   137  C  C   . HIS A 1 17  ? -2.582  -6.638  -6.378  1.00 32.62  ? 46  HIS A C   1 
ATOM   138  O  O   . HIS A 1 17  ? -3.115  -7.434  -5.594  1.00 34.21  ? 46  HIS A O   1 
ATOM   139  C  CB  . HIS A 1 17  ? -3.206  -5.774  -8.664  1.00 37.58  ? 46  HIS A CB  1 
ATOM   140  C  CG  . HIS A 1 17  ? -4.640  -5.528  -8.256  1.00 34.50  ? 46  HIS A CG  1 
ATOM   141  N  ND1 . HIS A 1 17  ? -5.669  -6.325  -8.682  1.00 38.92  ? 46  HIS A ND1 1 
ATOM   142  C  CD2 . HIS A 1 17  ? -5.188  -4.633  -7.402  1.00 32.23  ? 46  HIS A CD2 1 
ATOM   143  C  CE1 . HIS A 1 17  ? -6.815  -5.893  -8.164  1.00 38.11  ? 46  HIS A CE1 1 
ATOM   144  N  NE2 . HIS A 1 17  ? -6.545  -4.881  -7.359  1.00 39.50  ? 46  HIS A NE2 1 
ATOM   145  N  N   . TYR A 1 18  ? -1.958  -5.548  -5.967  1.00 28.65  ? 47  TYR A N   1 
ATOM   146  C  CA  . TYR A 1 18  ? -1.917  -5.226  -4.546  1.00 29.81  ? 47  TYR A CA  1 
ATOM   147  C  C   . TYR A 1 18  ? -2.669  -3.910  -4.438  1.00 35.22  ? 47  TYR A C   1 
ATOM   148  O  O   . TYR A 1 18  ? -2.704  -3.130  -5.404  1.00 40.89  ? 47  TYR A O   1 
ATOM   149  C  CB  . TYR A 1 18  ? -0.490  -5.150  -4.003  1.00 27.17  ? 47  TYR A CB  1 
ATOM   150  C  CG  . TYR A 1 18  ? 0.190   -6.508  -4.017  1.00 30.07  ? 47  TYR A CG  1 
ATOM   151  C  CD1 . TYR A 1 18  ? 0.594   -7.108  -5.241  1.00 29.32  ? 47  TYR A CD1 1 
ATOM   152  C  CD2 . TYR A 1 18  ? 0.481   -7.172  -2.820  1.00 30.16  ? 47  TYR A CD2 1 
ATOM   153  C  CE1 . TYR A 1 18  ? 1.213   -8.365  -5.233  1.00 31.52  ? 47  TYR A CE1 1 
ATOM   154  C  CE2 . TYR A 1 18  ? 1.109   -8.433  -2.792  1.00 30.51  ? 47  TYR A CE2 1 
ATOM   155  C  CZ  . TYR A 1 18  ? 1.467   -9.014  -4.013  1.00 32.44  ? 47  TYR A CZ  1 
ATOM   156  O  OH  . TYR A 1 18  ? 2.093   -10.264 -3.997  1.00 30.59  ? 47  TYR A OH  1 
ATOM   157  N  N   . ASP A 1 19  ? -3.365  -3.696  -3.334  1.00 29.95  ? 48  ASP A N   1 
ATOM   158  C  CA  . ASP A 1 19  ? -3.997  -2.394  -3.102  1.00 28.99  ? 48  ASP A CA  1 
ATOM   159  C  C   . ASP A 1 19  ? -3.330  -1.830  -1.896  1.00 26.44  ? 48  ASP A C   1 
ATOM   160  O  O   . ASP A 1 19  ? -3.390  -2.407  -0.787  1.00 27.24  ? 48  ASP A O   1 
ATOM   161  C  CB  . ASP A 1 19  ? -5.481  -2.573  -2.816  1.00 32.71  ? 48  ASP A CB  1 
ATOM   162  C  CG  . ASP A 1 19  ? -6.213  -3.072  -4.041  1.00 38.63  ? 48  ASP A CG  1 
ATOM   163  O  OD1 . ASP A 1 19  ? -6.139  -2.305  -5.022  1.00 40.62  ? 48  ASP A OD1 1 
ATOM   164  O  OD2 . ASP A 1 19  ? -6.780  -4.189  -4.010  1.00 40.28  ? 48  ASP A OD2 1 
ATOM   165  N  N   . LEU A 1 20  ? -2.707  -0.670  -2.069  1.00 25.35  ? 49  LEU A N   1 
ATOM   166  C  CA  . LEU A 1 20  ? -2.107  0.023   -0.947  1.00 25.39  ? 49  LEU A CA  1 
ATOM   167  C  C   . LEU A 1 20  ? -3.080  1.094   -0.405  1.00 24.91  ? 49  LEU A C   1 
ATOM   168  O  O   . LEU A 1 20  ? -3.656  1.840   -1.203  1.00 25.69  ? 49  LEU A O   1 
ATOM   169  C  CB  . LEU A 1 20  ? -0.849  0.812   -1.440  1.00 23.60  ? 49  LEU A CB  1 
ATOM   170  C  CG  . LEU A 1 20  ? -0.294  1.839   -0.479  1.00 23.90  ? 49  LEU A CG  1 
ATOM   171  C  CD1 . LEU A 1 20  ? 0.379   1.110   0.747   1.00 22.97  ? 49  LEU A CD1 1 
ATOM   172  C  CD2 . LEU A 1 20  ? 0.779   2.621   -1.257  1.00 28.85  ? 49  LEU A CD2 1 
ATOM   173  N  N   . ARG A 1 21  ? -3.211  1.207   0.926   1.00 23.67  ? 50  ARG A N   1 
ATOM   174  C  CA  . ARG A 1 21  ? -4.137  2.279   1.429   1.00 24.25  ? 50  ARG A CA  1 
ATOM   175  C  C   . ARG A 1 21  ? -3.548  2.956   2.624   1.00 24.76  ? 50  ARG A C   1 
ATOM   176  O  O   . ARG A 1 21  ? -2.852  2.351   3.474   1.00 24.00  ? 50  ARG A O   1 
ATOM   177  C  CB  . ARG A 1 21  ? -5.536  1.639   1.829   1.00 23.73  ? 50  ARG A CB  1 
ATOM   178  C  CG  . ARG A 1 21  ? -5.973  0.516   0.952   1.00 22.53  ? 50  ARG A CG  1 
ATOM   179  C  CD  . ARG A 1 21  ? -7.465  0.091   1.373   1.00 23.84  ? 50  ARG A CD  1 
ATOM   180  N  NE  . ARG A 1 21  ? -7.821  -1.093  0.630   1.00 24.96  ? 50  ARG A NE  1 
ATOM   181  C  CZ  . ARG A 1 21  ? -8.292  -1.141  -0.610  1.00 26.04  ? 50  ARG A CZ  1 
ATOM   182  N  NH1 . ARG A 1 21  ? -8.508  -0.026  -1.331  1.00 29.81  ? 50  ARG A NH1 1 
ATOM   183  N  NH2 . ARG A 1 21  ? -8.540  -2.281  -1.149  1.00 28.63  ? 50  ARG A NH2 1 
ATOM   184  N  N   . LEU A 1 22  ? -3.766  4.254   2.705   1.00 22.22  ? 51  LEU A N   1 
ATOM   185  C  CA  . LEU A 1 22  ? -3.264  4.975   3.828   1.00 22.66  ? 51  LEU A CA  1 
ATOM   186  C  C   . LEU A 1 22  ? -4.428  5.831   4.394   1.00 24.43  ? 51  LEU A C   1 
ATOM   187  O  O   . LEU A 1 22  ? -5.086  6.582   3.624   1.00 26.39  ? 51  LEU A O   1 
ATOM   188  C  CB  . LEU A 1 22  ? -2.167  6.002   3.395   1.00 24.65  ? 51  LEU A CB  1 
ATOM   189  C  CG  . LEU A 1 22  ? -0.898  5.358   2.782   1.00 23.35  ? 51  LEU A CG  1 
ATOM   190  C  CD1 . LEU A 1 22  ? -0.041  6.500   2.211   1.00 29.25  ? 51  LEU A CD1 1 
ATOM   191  C  CD2 . LEU A 1 22  ? -0.147  4.587   3.883   1.00 23.31  ? 51  LEU A CD2 1 
ATOM   192  N  N   . GLU A 1 23  ? -4.572  5.802   5.703   1.00 24.42  ? 52  GLU A N   1 
ATOM   193  C  CA  . GLU A 1 23  ? -5.665  6.604   6.346   1.00 26.88  ? 52  GLU A CA  1 
ATOM   194  C  C   . GLU A 1 23  ? -5.353  8.080   6.349   1.00 29.05  ? 52  GLU A C   1 
ATOM   195  O  O   . GLU A 1 23  ? -4.305  8.502   6.901   1.00 29.16  ? 52  GLU A O   1 
ATOM   196  C  CB  . GLU A 1 23  ? -5.810  6.122   7.743   1.00 28.14  ? 52  GLU A CB  1 
ATOM   197  C  CG  . GLU A 1 23  ? -6.921  6.906   8.489   1.00 33.36  ? 52  GLU A CG  1 
ATOM   198  C  CD  . GLU A 1 23  ? -7.089  6.487   9.937   1.00 37.07  ? 52  GLU A CD  1 
ATOM   199  O  OE1 . GLU A 1 23  ? -6.486  5.487   10.417  1.00 35.37  ? 52  GLU A OE1 1 
ATOM   200  O  OE2 . GLU A 1 23  ? -7.905  7.155   10.604  1.00 43.29  ? 52  GLU A OE2 1 
ATOM   201  N  N   . MET A 1 24  ? -6.250  8.876   5.759   1.00 29.99  ? 53  MET A N   1 
ATOM   202  C  CA  . MET A 1 24  ? -6.229  10.330  5.983   1.00 33.44  ? 53  MET A CA  1 
ATOM   203  C  C   . MET A 1 24  ? -7.609  10.946  5.750   1.00 40.93  ? 53  MET A C   1 
ATOM   204  O  O   . MET A 1 24  ? -8.430  10.392  4.976   1.00 38.16  ? 53  MET A O   1 
ATOM   205  C  CB  . MET A 1 24  ? -5.196  11.019  5.085   1.00 39.47  ? 53  MET A CB  1 
ATOM   206  C  CG  . MET A 1 24  ? -5.186  10.649  3.609   1.00 43.10  ? 53  MET A CG  1 
ATOM   207  S  SD  . MET A 1 24  ? -3.766  11.279  2.635   1.00 42.21  ? 53  MET A SD  1 
ATOM   208  C  CE  . MET A 1 24  ? -2.659  9.882   2.421   1.00 45.12  ? 53  MET A CE  1 
ATOM   209  N  N   . GLY A 1 25  ? -7.879  12.063  6.439   1.00 42.50  ? 54  GLY A N   1 
ATOM   210  C  CA  . GLY A 1 25  ? -9.175  12.754  6.286   1.00 46.41  ? 54  GLY A CA  1 
ATOM   211  C  C   . GLY A 1 25  ? -10.389 11.838  6.431   1.00 44.95  ? 54  GLY A C   1 
ATOM   212  O  O   . GLY A 1 25  ? -11.379 11.961  5.686   1.00 46.61  ? 54  GLY A O   1 
ATOM   213  N  N   . GLY A 1 26  ? -10.275 10.897  7.357   1.00 37.91  ? 55  GLY A N   1 
ATOM   214  C  CA  . GLY A 1 26  ? -11.319 9.975   7.749   1.00 42.24  ? 55  GLY A CA  1 
ATOM   215  C  C   . GLY A 1 26  ? -11.583 8.809   6.818   1.00 40.68  ? 55  GLY A C   1 
ATOM   216  O  O   . GLY A 1 26  ? -12.549 8.136   6.996   1.00 39.49  ? 55  GLY A O   1 
ATOM   217  N  N   . VAL A 1 27  ? -10.757 8.562   5.807   1.00 35.93  ? 56  VAL A N   1 
ATOM   218  C  CA  . VAL A 1 27  ? -11.020 7.425   4.891   1.00 30.48  ? 56  VAL A CA  1 
ATOM   219  C  C   . VAL A 1 27  ? -9.657  6.744   4.604   1.00 31.32  ? 56  VAL A C   1 
ATOM   220  O  O   . VAL A 1 27  ? -8.651  7.258   5.042   1.00 32.84  ? 56  VAL A O   1 
ATOM   221  C  CB  . VAL A 1 27  ? -11.612 7.860   3.537   1.00 35.20  ? 56  VAL A CB  1 
ATOM   222  C  CG1 . VAL A 1 27  ? -13.023 8.485   3.733   1.00 35.54  ? 56  VAL A CG1 1 
ATOM   223  C  CG2 . VAL A 1 27  ? -10.685 8.785   2.769   1.00 33.01  ? 56  VAL A CG2 1 
ATOM   224  N  N   . LEU A 1 28  ? -9.669  5.680   3.810   1.00 27.56  ? 57  LEU A N   1 
ATOM   225  C  CA  . LEU A 1 28  ? -8.417  5.057   3.371   1.00 26.56  ? 57  LEU A CA  1 
ATOM   226  C  C   . LEU A 1 28  ? -8.217  5.493   1.910   1.00 25.08  ? 57  LEU A C   1 
ATOM   227  O  O   . LEU A 1 28  ? -8.929  5.039   1.005   1.00 28.46  ? 57  LEU A O   1 
ATOM   228  C  CB  . LEU A 1 28  ? -8.609  3.509   3.420   1.00 25.82  ? 57  LEU A CB  1 
ATOM   229  C  CG  . LEU A 1 28  ? -8.792  2.972   4.850   1.00 24.53  ? 57  LEU A CG  1 
ATOM   230  C  CD1 . LEU A 1 28  ? -8.896  1.424   4.840   1.00 26.77  ? 57  LEU A CD1 1 
ATOM   231  C  CD2 . LEU A 1 28  ? -7.709  3.366   5.843   1.00 26.67  ? 57  LEU A CD2 1 
ATOM   232  N  N   . LYS A 1 29  ? -7.251  6.390   1.655   1.00 26.43  ? 58  LYS A N   1 
ATOM   233  C  CA  . LYS A 1 29  ? -6.870  6.730   0.295   1.00 26.19  ? 58  LYS A CA  1 
ATOM   234  C  C   . LYS A 1 29  ? -6.135  5.530   -0.321  1.00 25.92  ? 58  LYS A C   1 
ATOM   235  O  O   . LYS A 1 29  ? -5.293  4.944   0.364   1.00 25.94  ? 58  LYS A O   1 
ATOM   236  C  CB  . LYS A 1 29  ? -5.877  7.956   0.326   1.00 30.53  ? 58  LYS A CB  1 
ATOM   237  C  CG  . LYS A 1 29  ? -6.344  9.229   1.044   1.00 35.21  ? 58  LYS A CG  1 
ATOM   238  C  CD  . LYS A 1 29  ? -7.635  9.791   0.423   1.00 36.42  ? 58  LYS A CD  1 
ATOM   239  C  CE  . LYS A 1 29  ? -7.447  10.151  -1.025  1.00 46.12  ? 58  LYS A CE  1 
ATOM   240  N  NZ  . LYS A 1 29  ? -8.726  10.845  -1.425  1.00 49.99  ? 58  LYS A NZ  1 
ATOM   241  N  N   . SER A 1 30  ? -6.458  5.164   -1.564  1.00 25.03  ? 59  SER A N   1 
ATOM   242  C  CA  . SER A 1 30  ? -6.138  3.833   -2.049  1.00 25.65  ? 59  SER A CA  1 
ATOM   243  C  C   . SER A 1 30  ? -5.446  3.954   -3.410  1.00 30.02  ? 59  SER A C   1 
ATOM   244  O  O   . SER A 1 30  ? -5.799  4.808   -4.216  1.00 28.97  ? 59  SER A O   1 
ATOM   245  C  CB  . SER A 1 30  ? -7.413  3.014   -2.205  1.00 24.09  ? 59  SER A CB  1 
ATOM   246  O  OG  . SER A 1 30  ? -7.983  2.855   -0.879  1.00 25.77  ? 59  SER A OG  1 
ATOM   247  N  N   . TRP A 1 31  ? -4.572  3.005   -3.691  1.00 24.15  ? 60  TRP A N   1 
ATOM   248  C  CA  . TRP A 1 31  ? -3.935  2.883   -4.998  1.00 26.12  ? 60  TRP A CA  1 
ATOM   249  C  C   . TRP A 1 31  ? -3.844  1.414   -5.338  1.00 30.31  ? 60  TRP A C   1 
ATOM   250  O  O   . TRP A 1 31  ? -3.555  0.566   -4.450  1.00 28.28  ? 60  TRP A O   1 
ATOM   251  C  CB  . TRP A 1 31  ? -2.496  3.414   -4.932  1.00 25.07  ? 60  TRP A CB  1 
ATOM   252  C  CG  . TRP A 1 31  ? -2.289  4.904   -4.735  1.00 26.89  ? 60  TRP A CG  1 
ATOM   253  C  CD1 . TRP A 1 31  ? -1.978  5.839   -5.745  1.00 25.99  ? 60  TRP A CD1 1 
ATOM   254  C  CD2 . TRP A 1 31  ? -2.295  5.644   -3.503  1.00 25.58  ? 60  TRP A CD2 1 
ATOM   255  N  NE1 . TRP A 1 31  ? -1.820  7.091   -5.168  1.00 28.55  ? 60  TRP A NE1 1 
ATOM   256  C  CE2 . TRP A 1 31  ? -2.010  7.009   -3.815  1.00 26.49  ? 60  TRP A CE2 1 
ATOM   257  C  CE3 . TRP A 1 31  ? -2.516  5.302   -2.142  1.00 25.89  ? 60  TRP A CE3 1 
ATOM   258  C  CZ2 . TRP A 1 31  ? -1.927  8.021   -2.815  1.00 28.23  ? 60  TRP A CZ2 1 
ATOM   259  C  CZ3 . TRP A 1 31  ? -2.481  6.275   -1.183  1.00 28.98  ? 60  TRP A CZ3 1 
ATOM   260  C  CH2 . TRP A 1 31  ? -2.220  7.662   -1.521  1.00 29.19  ? 60  TRP A CH2 1 
ATOM   261  N  N   . ALA A 1 32  ? -4.013  1.078   -6.617  1.00 25.65  ? 61  ALA A N   1 
ATOM   262  C  CA  . ALA A 1 32  ? -3.754  -0.290  -7.041  1.00 27.67  ? 61  ALA A CA  1 
ATOM   263  C  C   . ALA A 1 32  ? -2.303  -0.378  -7.509  1.00 30.37  ? 61  ALA A C   1 
ATOM   264  O  O   . ALA A 1 32  ? -1.874  0.425   -8.349  1.00 33.27  ? 61  ALA A O   1 
ATOM   265  C  CB  . ALA A 1 32  ? -4.698  -0.682  -8.183  1.00 30.87  ? 61  ALA A CB  1 
ATOM   266  N  N   . VAL A 1 33  ? -1.574  -1.368  -7.014  1.00 27.55  ? 62  VAL A N   1 
ATOM   267  C  CA  . VAL A 1 33  ? -0.156  -1.492  -7.316  1.00 28.45  ? 62  VAL A CA  1 
ATOM   268  C  C   . VAL A 1 33  ? 0.046   -2.847  -7.951  1.00 31.90  ? 62  VAL A C   1 
ATOM   269  O  O   . VAL A 1 33  ? 0.188   -3.868  -7.249  1.00 32.09  ? 62  VAL A O   1 
ATOM   270  C  CB  . VAL A 1 33  ? 0.714   -1.317  -6.016  1.00 29.41  ? 62  VAL A CB  1 
ATOM   271  C  CG1 . VAL A 1 33  ? 2.222   -1.409  -6.385  1.00 26.48  ? 62  VAL A CG1 1 
ATOM   272  C  CG2 . VAL A 1 33  ? 0.370   0.043   -5.353  1.00 29.41  ? 62  VAL A CG2 1 
ATOM   273  N  N   . PRO A 1 34  ? 0.037   -2.902  -9.296  1.00 35.89  ? 63  PRO A N   1 
ATOM   274  C  CA  . PRO A 1 34  ? 0.080   -4.201  -10.002 1.00 36.41  ? 63  PRO A CA  1 
ATOM   275  C  C   . PRO A 1 34  ? 1.080   -5.205  -9.508  1.00 37.34  ? 63  PRO A C   1 
ATOM   276  O  O   . PRO A 1 34  ? 0.670   -6.360  -9.253  1.00 46.89  ? 63  PRO A O   1 
ATOM   277  C  CB  . PRO A 1 34  ? 0.341   -3.806  -11.473 1.00 37.25  ? 63  PRO A CB  1 
ATOM   278  C  CG  . PRO A 1 34  ? -0.436  -2.536  -11.566 1.00 39.01  ? 63  PRO A CG  1 
ATOM   279  C  CD  . PRO A 1 34  ? -0.295  -1.802  -10.226 1.00 34.74  ? 63  PRO A CD  1 
ATOM   280  N  N   . LYS A 1 35  ? 2.334   -4.820  -9.273  1.00 33.60  ? 64  LYS A N   1 
ATOM   281  C  CA  . LYS A 1 35  ? 3.359   -5.837  -8.905  1.00 36.49  ? 64  LYS A CA  1 
ATOM   282  C  C   . LYS A 1 35  ? 3.679   -5.789  -7.402  1.00 37.60  ? 64  LYS A C   1 
ATOM   283  O  O   . LYS A 1 35  ? 4.553   -6.517  -6.872  1.00 35.60  ? 64  LYS A O   1 
ATOM   284  C  CB  . LYS A 1 35  ? 4.677   -5.572  -9.657  1.00 40.54  ? 64  LYS A CB  1 
ATOM   285  C  CG  . LYS A 1 35  ? 4.598   -5.721  -11.193 1.00 48.26  ? 64  LYS A CG  1 
ATOM   286  C  CD  . LYS A 1 35  ? 5.993   -5.969  -11.800 1.00 55.69  ? 64  LYS A CD  1 
ATOM   287  C  CE  . LYS A 1 35  ? 6.566   -7.314  -11.304 1.00 63.01  ? 64  LYS A CE  1 
ATOM   288  N  NZ  . LYS A 1 35  ? 8.060   -7.475  -11.114 1.00 73.67  ? 64  LYS A NZ  1 
ATOM   289  N  N   . GLY A 1 36  ? 2.936   -4.972  -6.682  1.00 32.12  ? 65  GLY A N   1 
ATOM   290  C  CA  . GLY A 1 36  ? 3.210   -4.915  -5.215  1.00 31.05  ? 65  GLY A CA  1 
ATOM   291  C  C   . GLY A 1 36  ? 4.447   -4.094  -4.844  1.00 33.15  ? 65  GLY A C   1 
ATOM   292  O  O   . GLY A 1 36  ? 5.172   -3.559  -5.746  1.00 34.66  ? 65  GLY A O   1 
ATOM   293  N  N   . PRO A 1 37  ? 4.706   -3.920  -3.524  1.00 28.77  ? 66  PRO A N   1 
ATOM   294  C  CA  . PRO A 1 37  ? 5.803   -3.085  -3.083  1.00 28.85  ? 66  PRO A CA  1 
ATOM   295  C  C   . PRO A 1 37  ? 7.121   -3.783  -3.412  1.00 30.64  ? 66  PRO A C   1 
ATOM   296  O  O   . PRO A 1 37  ? 7.134   -5.031  -3.559  1.00 33.05  ? 66  PRO A O   1 
ATOM   297  C  CB  . PRO A 1 37  ? 5.640   -3.037  -1.563  1.00 28.42  ? 66  PRO A CB  1 
ATOM   298  C  CG  . PRO A 1 37  ? 4.850   -4.264  -1.218  1.00 28.77  ? 66  PRO A CG  1 
ATOM   299  C  CD  . PRO A 1 37  ? 3.913   -4.484  -2.384  1.00 28.85  ? 66  PRO A CD  1 
ATOM   300  N  N   . SER A 1 38  ? 8.163   -2.985  -3.556  1.00 29.56  ? 67  SER A N   1 
ATOM   301  C  CA  . SER A 1 38  ? 9.503   -3.559  -3.640  1.00 33.29  ? 67  SER A CA  1 
ATOM   302  C  C   . SER A 1 38  ? 10.320  -2.980  -2.495  1.00 32.64  ? 67  SER A C   1 
ATOM   303  O  O   . SER A 1 38  ? 10.192  -1.781  -2.147  1.00 32.84  ? 67  SER A O   1 
ATOM   304  C  CB  . SER A 1 38  ? 10.126  -3.271  -5.035  1.00 31.52  ? 67  SER A CB  1 
ATOM   305  O  OG  . SER A 1 38  ? 11.505  -3.655  -5.035  1.00 30.63  ? 67  SER A OG  1 
ATOM   306  N  N   . LEU A 1 39  ? 11.218  -3.806  -1.914  1.00 28.95  ? 68  LEU A N   1 
ATOM   307  C  CA  . LEU A 1 39  ? 12.146  -3.324  -0.873  1.00 28.57  ? 68  LEU A CA  1 
ATOM   308  C  C   . LEU A 1 39  ? 13.315  -2.572  -1.460  1.00 28.00  ? 68  LEU A C   1 
ATOM   309  O  O   . LEU A 1 39  ? 14.073  -1.924  -0.717  1.00 28.31  ? 68  LEU A O   1 
ATOM   310  C  CB  . LEU A 1 39  ? 12.724  -4.548  -0.086  1.00 29.76  ? 68  LEU A CB  1 
ATOM   311  C  CG  . LEU A 1 39  ? 11.659  -5.415  0.574   1.00 38.68  ? 68  LEU A CG  1 
ATOM   312  C  CD1 . LEU A 1 39  ? 12.272  -6.665  1.269   1.00 35.40  ? 68  LEU A CD1 1 
ATOM   313  C  CD2 . LEU A 1 39  ? 10.884  -4.555  1.576   1.00 35.78  ? 68  LEU A CD2 1 
ATOM   314  N  N   . ASP A 1 40  ? 13.497  -2.663  -2.798  1.00 28.63  ? 69  ASP A N   1 
ATOM   315  C  CA  . ASP A 1 40  ? 14.682  -2.073  -3.475  1.00 31.18  ? 69  ASP A CA  1 
ATOM   316  C  C   . ASP A 1 40  ? 14.373  -0.639  -3.910  1.00 29.28  ? 69  ASP A C   1 
ATOM   317  O  O   . ASP A 1 40  ? 13.451  -0.462  -4.688  1.00 31.38  ? 69  ASP A O   1 
ATOM   318  C  CB  . ASP A 1 40  ? 14.980  -2.934  -4.713  1.00 32.85  ? 69  ASP A CB  1 
ATOM   319  C  CG  . ASP A 1 40  ? 16.232  -2.495  -5.460  1.00 36.11  ? 69  ASP A CG  1 
ATOM   320  O  OD1 . ASP A 1 40  ? 16.730  -1.368  -5.277  1.00 34.22  ? 69  ASP A OD1 1 
ATOM   321  O  OD2 . ASP A 1 40  ? 16.732  -3.341  -6.222  1.00 36.91  ? 69  ASP A OD2 1 
ATOM   322  N  N   . PRO A 1 41  ? 15.076  0.380   -3.385  1.00 27.29  ? 70  PRO A N   1 
ATOM   323  C  CA  . PRO A 1 41  ? 14.881  1.803   -3.715  1.00 27.28  ? 70  PRO A CA  1 
ATOM   324  C  C   . PRO A 1 41  ? 15.158  2.171   -5.168  1.00 33.08  ? 70  PRO A C   1 
ATOM   325  O  O   . PRO A 1 41  ? 14.842  3.268   -5.532  1.00 33.72  ? 70  PRO A O   1 
ATOM   326  C  CB  . PRO A 1 41  ? 15.862  2.538   -2.849  1.00 30.48  ? 70  PRO A CB  1 
ATOM   327  C  CG  . PRO A 1 41  ? 16.893  1.491   -2.457  1.00 31.98  ? 70  PRO A CG  1 
ATOM   328  C  CD  . PRO A 1 41  ? 16.197  0.185   -2.418  1.00 33.34  ? 70  PRO A CD  1 
ATOM   329  N  N   . LYS A 1 42  ? 15.749  1.254   -5.949  1.00 33.27  ? 71  LYS A N   1 
ATOM   330  C  CA  . LYS A 1 42  ? 15.905  1.447   -7.411  1.00 34.22  ? 71  LYS A CA  1 
ATOM   331  C  C   . LYS A 1 42  ? 14.679  0.982   -8.227  1.00 37.67  ? 71  LYS A C   1 
ATOM   332  O  O   . LYS A 1 42  ? 14.576  1.218   -9.448  1.00 40.49  ? 71  LYS A O   1 
ATOM   333  C  CB  . LYS A 1 42  ? 17.178  0.688   -7.870  1.00 34.73  ? 71  LYS A CB  1 
ATOM   334  C  CG  . LYS A 1 42  ? 18.455  1.281   -7.329  1.00 44.45  ? 71  LYS A CG  1 
ATOM   335  C  CD  . LYS A 1 42  ? 19.632  0.857   -8.187  1.00 53.44  ? 71  LYS A CD  1 
ATOM   336  C  CE  . LYS A 1 42  ? 20.265  -0.407  -7.648  1.00 51.69  ? 71  LYS A CE  1 
ATOM   337  N  NZ  . LYS A 1 42  ? 19.460  -1.651  -7.765  1.00 55.47  ? 71  LYS A NZ  1 
ATOM   338  N  N   . VAL A 1 43  ? 13.732  0.289   -7.600  1.00 33.19  ? 72  VAL A N   1 
ATOM   339  C  CA  . VAL A 1 43  ? 12.627  -0.223  -8.340  1.00 32.02  ? 72  VAL A CA  1 
ATOM   340  C  C   . VAL A 1 43  ? 11.470  0.774   -8.257  1.00 36.58  ? 72  VAL A C   1 
ATOM   341  O  O   . VAL A 1 43  ? 11.092  1.226   -7.163  1.00 33.27  ? 72  VAL A O   1 
ATOM   342  C  CB  . VAL A 1 43  ? 12.276  -1.632  -7.828  1.00 35.79  ? 72  VAL A CB  1 
ATOM   343  C  CG1 . VAL A 1 43  ? 10.950  -2.138  -8.410  1.00 34.12  ? 72  VAL A CG1 1 
ATOM   344  C  CG2 . VAL A 1 43  ? 13.429  -2.591  -8.193  1.00 35.08  ? 72  VAL A CG2 1 
ATOM   345  N  N   . LYS A 1 44  ? 10.940  1.155   -9.425  1.00 31.09  ? 73  LYS A N   1 
ATOM   346  C  CA  . LYS A 1 44  ? 9.818   2.071   -9.441  1.00 32.61  ? 73  LYS A CA  1 
ATOM   347  C  C   . LYS A 1 44  ? 8.593   1.221   -9.639  1.00 31.27  ? 73  LYS A C   1 
ATOM   348  O  O   . LYS A 1 44  ? 8.486   0.520   -10.654 1.00 32.53  ? 73  LYS A O   1 
ATOM   349  C  CB  . LYS A 1 44  ? 9.917   3.057   -10.634 1.00 34.01  ? 73  LYS A CB  1 
ATOM   350  C  CG  . LYS A 1 44  ? 11.016  4.102   -10.504 1.00 41.69  ? 73  LYS A CG  1 
ATOM   351  C  CD  . LYS A 1 44  ? 10.758  5.038   -9.327  1.00 43.84  ? 73  LYS A CD  1 
ATOM   352  C  CE  . LYS A 1 44  ? 11.697  6.250   -9.372  1.00 54.41  ? 73  LYS A CE  1 
ATOM   353  N  NZ  . LYS A 1 44  ? 13.145  5.855   -9.451  1.00 60.76  ? 73  LYS A NZ  1 
ATOM   354  N  N   . ARG A 1 45  ? 7.639   1.314   -8.718  1.00 26.64  ? 74  ARG A N   1 
ATOM   355  C  CA  . ARG A 1 45  ? 6.377   0.609   -8.954  1.00 26.60  ? 74  ARG A CA  1 
ATOM   356  C  C   . ARG A 1 45  ? 5.302   1.618   -9.363  1.00 28.24  ? 74  ARG A C   1 
ATOM   357  O  O   . ARG A 1 45  ? 5.330   2.786   -8.918  1.00 33.16  ? 74  ARG A O   1 
ATOM   358  C  CB  . ARG A 1 45  ? 5.938   -0.076  -7.657  1.00 28.11  ? 74  ARG A CB  1 
ATOM   359  C  CG  . ARG A 1 45  ? 6.785   -1.273  -7.323  1.00 28.72  ? 74  ARG A CG  1 
ATOM   360  C  CD  . ARG A 1 45  ? 6.564   -2.348  -8.326  1.00 30.46  ? 74  ARG A CD  1 
ATOM   361  N  NE  . ARG A 1 45  ? 6.971   -3.545  -7.617  1.00 42.47  ? 74  ARG A NE  1 
ATOM   362  C  CZ  . ARG A 1 45  ? 7.802   -4.463  -8.057  1.00 43.45  ? 74  ARG A CZ  1 
ATOM   363  N  NH1 . ARG A 1 45  ? 8.330   -4.350  -9.270  1.00 38.69  ? 74  ARG A NH1 1 
ATOM   364  N  NH2 . ARG A 1 45  ? 8.049   -5.509  -7.270  1.00 44.66  ? 74  ARG A NH2 1 
ATOM   365  N  N   . LEU A 1 46  ? 4.412   1.235   -10.256 1.00 26.34  ? 75  LEU A N   1 
ATOM   366  C  CA  . LEU A 1 46  ? 3.354   2.226   -10.591 1.00 26.97  ? 75  LEU A CA  1 
ATOM   367  C  C   . LEU A 1 46  ? 2.146   1.983   -9.645  1.00 27.85  ? 75  LEU A C   1 
ATOM   368  O  O   . LEU A 1 46  ? 1.896   0.857   -9.309  1.00 28.05  ? 75  LEU A O   1 
ATOM   369  C  CB  . LEU A 1 46  ? 2.906   2.034   -12.013 1.00 31.71  ? 75  LEU A CB  1 
ATOM   370  C  CG  . LEU A 1 46  ? 4.103   2.230   -13.019 1.00 36.45  ? 75  LEU A CG  1 
ATOM   371  C  CD1 . LEU A 1 46  ? 3.528   2.094   -14.424 1.00 39.66  ? 75  LEU A CD1 1 
ATOM   372  C  CD2 . LEU A 1 46  ? 4.905   3.495   -12.836 1.00 38.00  ? 75  LEU A CD2 1 
ATOM   373  N  N   . ALA A 1 47  ? 1.452   3.051   -9.303  1.00 28.36  ? 76  ALA A N   1 
ATOM   374  C  CA  . ALA A 1 47  ? 0.397   3.015   -8.247  1.00 29.17  ? 76  ALA A CA  1 
ATOM   375  C  C   . ALA A 1 47  ? -0.746  3.816   -8.835  1.00 25.29  ? 76  ALA A C   1 
ATOM   376  O  O   . ALA A 1 47  ? -0.634  5.020   -9.055  1.00 30.17  ? 76  ALA A O   1 
ATOM   377  C  CB  . ALA A 1 47  ? 0.896   3.680   -6.945  1.00 26.79  ? 76  ALA A CB  1 
ATOM   378  N  N   . MET A 1 48  ? -1.820  3.133   -9.173  1.00 30.33  ? 77  MET A N   1 
ATOM   379  C  CA  . MET A 1 48  ? -2.981  3.782   -9.817  1.00 31.22  ? 77  MET A CA  1 
ATOM   380  C  C   . MET A 1 48  ? -4.078  4.091   -8.759  1.00 32.57  ? 77  MET A C   1 
ATOM   381  O  O   . MET A 1 48  ? -4.612  3.164   -8.164  1.00 29.41  ? 77  MET A O   1 
ATOM   382  C  CB  . MET A 1 48  ? -3.531  2.840   -10.896 1.00 34.29  ? 77  MET A CB  1 
ATOM   383  C  CG  . MET A 1 48  ? -2.860  2.961   -12.289 1.00 51.75  ? 77  MET A CG  1 
ATOM   384  S  SD  . MET A 1 48  ? -1.075  2.706   -12.339 1.00 64.29  ? 77  MET A SD  1 
ATOM   385  C  CE  . MET A 1 48  ? -0.998  0.989   -11.827 1.00 48.10  ? 77  MET A CE  1 
ATOM   386  N  N   . PRO A 1 49  ? -4.412  5.367   -8.551  1.00 30.42  ? 78  PRO A N   1 
ATOM   387  C  CA  . PRO A 1 49  ? -5.444  5.753   -7.582  1.00 31.18  ? 78  PRO A CA  1 
ATOM   388  C  C   . PRO A 1 49  ? -6.767  5.053   -7.817  1.00 36.56  ? 78  PRO A C   1 
ATOM   389  O  O   . PRO A 1 49  ? -7.218  4.868   -8.969  1.00 31.32  ? 78  PRO A O   1 
ATOM   390  C  CB  . PRO A 1 49  ? -5.606  7.246   -7.766  1.00 37.07  ? 78  PRO A CB  1 
ATOM   391  C  CG  . PRO A 1 49  ? -4.372  7.678   -8.507  1.00 35.42  ? 78  PRO A CG  1 
ATOM   392  C  CD  . PRO A 1 49  ? -3.896  6.521   -9.299  1.00 31.79  ? 78  PRO A CD  1 
ATOM   393  N  N   . THR A 1 50  ? -7.366  4.596   -6.718  1.00 30.09  ? 79  THR A N   1 
ATOM   394  C  CA  . THR A 1 50  ? -8.667  3.963   -6.791  1.00 31.04  ? 79  THR A CA  1 
ATOM   395  C  C   . THR A 1 50  ? -9.573  4.677   -5.815  1.00 27.40  ? 79  THR A C   1 
ATOM   396  O  O   . THR A 1 50  ? -9.213  5.686   -5.184  1.00 29.98  ? 79  THR A O   1 
ATOM   397  C  CB  . THR A 1 50  ? -8.593  2.439   -6.509  1.00 34.65  ? 79  THR A CB  1 
ATOM   398  O  OG1 . THR A 1 50  ? -8.063  2.249   -5.193  1.00 33.70  ? 79  THR A OG1 1 
ATOM   399  C  CG2 . THR A 1 50  ? -7.662  1.755   -7.516  1.00 31.92  ? 79  THR A CG2 1 
ATOM   400  N  N   . GLU A 1 51  ? -10.774 4.169   -5.642  1.00 28.29  ? 80  GLU A N   1 
ATOM   401  C  CA  . GLU A 1 51  ? -11.713 4.829   -4.771  1.00 28.16  ? 80  GLU A CA  1 
ATOM   402  C  C   . GLU A 1 51  ? -11.283 4.872   -3.336  1.00 26.65  ? 80  GLU A C   1 
ATOM   403  O  O   . GLU A 1 51  ? -10.772 3.837   -2.785  1.00 30.28  ? 80  GLU A O   1 
ATOM   404  C  CB  . GLU A 1 51  ? -13.006 3.958   -4.735  1.00 34.77  ? 80  GLU A CB  1 
ATOM   405  C  CG  . GLU A 1 51  ? -13.946 4.111   -5.866  1.00 53.36  ? 80  GLU A CG  1 
ATOM   406  C  CD  . GLU A 1 51  ? -14.327 5.542   -6.118  1.00 55.30  ? 80  GLU A CD  1 
ATOM   407  O  OE1 . GLU A 1 51  ? -14.926 6.197   -5.227  1.00 60.90  ? 80  GLU A OE1 1 
ATOM   408  O  OE2 . GLU A 1 51  ? -14.027 5.995   -7.236  1.00 69.52  ? 80  GLU A OE2 1 
ATOM   409  N  N   . ASP A 1 52  ? -11.653 5.945   -2.648  1.00 28.39  ? 81  ASP A N   1 
ATOM   410  C  CA  . ASP A 1 52  ? -11.494 5.952   -1.204  1.00 31.14  ? 81  ASP A CA  1 
ATOM   411  C  C   . ASP A 1 52  ? -12.288 4.803   -0.576  1.00 30.25  ? 81  ASP A C   1 
ATOM   412  O  O   . ASP A 1 52  ? -13.367 4.462   -1.083  1.00 30.36  ? 81  ASP A O   1 
ATOM   413  C  CB  . ASP A 1 52  ? -12.043 7.236   -0.575  1.00 32.19  ? 81  ASP A CB  1 
ATOM   414  C  CG  . ASP A 1 52  ? -11.274 8.469   -0.977  1.00 39.97  ? 81  ASP A CG  1 
ATOM   415  O  OD1 . ASP A 1 52  ? -10.224 8.379   -1.668  1.00 37.18  ? 81  ASP A OD1 1 
ATOM   416  O  OD2 . ASP A 1 52  ? -11.759 9.541   -0.584  1.00 40.27  ? 81  ASP A OD2 1 
ATOM   417  N  N   . HIS A 1 53  ? -11.747 4.192   0.472   1.00 28.27  ? 82  HIS A N   1 
ATOM   418  C  CA  . HIS A 1 53  ? -12.424 3.060   1.176   1.00 28.99  ? 82  HIS A CA  1 
ATOM   419  C  C   . HIS A 1 53  ? -12.697 3.466   2.610   1.00 28.20  ? 82  HIS A C   1 
ATOM   420  O  O   . HIS A 1 53  ? -12.013 4.295   3.163   1.00 29.17  ? 82  HIS A O   1 
ATOM   421  C  CB  . HIS A 1 53  ? -11.568 1.776   1.103   1.00 28.89  ? 82  HIS A CB  1 
ATOM   422  C  CG  . HIS A 1 53  ? -11.739 1.038   -0.183  1.00 33.05  ? 82  HIS A CG  1 
ATOM   423  N  ND1 . HIS A 1 53  ? -11.415 1.586   -1.423  1.00 33.93  ? 82  HIS A ND1 1 
ATOM   424  C  CD2 . HIS A 1 53  ? -12.288 -0.174  -0.436  1.00 37.35  ? 82  HIS A CD2 1 
ATOM   425  C  CE1 . HIS A 1 53  ? -11.718 0.712   -2.371  1.00 34.27  ? 82  HIS A CE1 1 
ATOM   426  N  NE2 . HIS A 1 53  ? -12.234 -0.367  -1.800  1.00 37.61  ? 82  HIS A NE2 1 
ATOM   427  N  N   . PRO A 1 54  ? -13.710 2.840   3.252   1.00 27.87  ? 83  PRO A N   1 
ATOM   428  C  CA  . PRO A 1 54  ? -13.934 3.101   4.657   1.00 29.17  ? 83  PRO A CA  1 
ATOM   429  C  C   . PRO A 1 54  ? -12.770 2.507   5.529   1.00 27.24  ? 83  PRO A C   1 
ATOM   430  O  O   . PRO A 1 54  ? -12.198 1.474   5.180   1.00 27.47  ? 83  PRO A O   1 
ATOM   431  C  CB  . PRO A 1 54  ? -15.266 2.348   4.954   1.00 29.83  ? 83  PRO A CB  1 
ATOM   432  C  CG  . PRO A 1 54  ? -15.388 1.294   3.889   1.00 30.38  ? 83  PRO A CG  1 
ATOM   433  C  CD  . PRO A 1 54  ? -14.596 1.808   2.672   1.00 28.40  ? 83  PRO A CD  1 
ATOM   434  N  N   . ILE A 1 55  ? -12.476 3.153   6.624   1.00 28.45  ? 84  ILE A N   1 
ATOM   435  C  CA  . ILE A 1 55  ? -11.424 2.692   7.574   1.00 29.90  ? 84  ILE A CA  1 
ATOM   436  C  C   . ILE A 1 55  ? -11.611 1.235   7.956   1.00 31.20  ? 84  ILE A C   1 
ATOM   437  O  O   . ILE A 1 55  ? -10.625 0.491   7.980   1.00 29.29  ? 84  ILE A O   1 
ATOM   438  C  CB  . ILE A 1 55  ? -11.325 3.628   8.789   1.00 36.64  ? 84  ILE A CB  1 
ATOM   439  C  CG1 . ILE A 1 55  ? -10.629 4.931   8.354   1.00 38.06  ? 84  ILE A CG1 1 
ATOM   440  C  CG2 . ILE A 1 55  ? -10.551 2.957   9.940   1.00 38.64  ? 84  ILE A CG2 1 
ATOM   441  C  CD1 . ILE A 1 55  ? -10.812 6.039   9.361   1.00 45.19  ? 84  ILE A CD1 1 
ATOM   442  N  N   . GLY A 1 56  ? -12.856 0.770   8.156   1.00 29.56  ? 85  GLY A N   1 
ATOM   443  C  CA  . GLY A 1 56  ? -13.061 -0.619  8.574   1.00 28.86  ? 85  GLY A CA  1 
ATOM   444  C  C   . GLY A 1 56  ? -12.732 -1.671  7.501   1.00 32.15  ? 85  GLY A C   1 
ATOM   445  O  O   . GLY A 1 56  ? -12.509 -2.836  7.823   1.00 33.45  ? 85  GLY A O   1 
ATOM   446  N  N   . TYR A 1 57  ? -12.643 -1.264  6.219   1.00 28.45  ? 86  TYR A N   1 
ATOM   447  C  CA  . TYR A 1 57  ? -12.168 -2.173  5.160   1.00 26.65  ? 86  TYR A CA  1 
ATOM   448  C  C   . TYR A 1 57  ? -10.724 -2.654  5.320   1.00 27.04  ? 86  TYR A C   1 
ATOM   449  O  O   . TYR A 1 57  ? -10.324 -3.675  4.722   1.00 27.50  ? 86  TYR A O   1 
ATOM   450  C  CB  . TYR A 1 57  ? -12.308 -1.444  3.804   1.00 27.27  ? 86  TYR A CB  1 
ATOM   451  C  CG  . TYR A 1 57  ? -12.376 -2.364  2.644   1.00 27.76  ? 86  TYR A CG  1 
ATOM   452  C  CD1 . TYR A 1 57  ? -13.560 -3.030  2.349   1.00 31.17  ? 86  TYR A CD1 1 
ATOM   453  C  CD2 . TYR A 1 57  ? -11.255 -2.613  1.830   1.00 27.98  ? 86  TYR A CD2 1 
ATOM   454  C  CE1 . TYR A 1 57  ? -13.653 -3.883  1.227   1.00 32.15  ? 86  TYR A CE1 1 
ATOM   455  C  CE2 . TYR A 1 57  ? -11.322 -3.512  0.758   1.00 29.22  ? 86  TYR A CE2 1 
ATOM   456  C  CZ  . TYR A 1 57  ? -12.550 -4.117  0.452   1.00 34.08  ? 86  TYR A CZ  1 
ATOM   457  O  OH  . TYR A 1 57  ? -12.688 -4.944  -0.613  1.00 35.44  ? 86  TYR A OH  1 
ATOM   458  N  N   . ALA A 1 58  ? -9.939  -1.968  6.143   1.00 26.57  ? 87  ALA A N   1 
ATOM   459  C  CA  . ALA A 1 58  ? -8.511  -2.397  6.313   1.00 25.21  ? 87  ALA A CA  1 
ATOM   460  C  C   . ALA A 1 58  ? -8.327  -3.865  6.757   1.00 30.63  ? 87  ALA A C   1 
ATOM   461  O  O   . ALA A 1 58  ? -7.313  -4.516  6.451   1.00 32.17  ? 87  ALA A O   1 
ATOM   462  C  CB  . ALA A 1 58  ? -7.822  -1.480  7.303   1.00 25.25  ? 87  ALA A CB  1 
ATOM   463  N  N   . THR A 1 59  ? -9.294  -4.421  7.494   1.00 29.01  ? 88  THR A N   1 
ATOM   464  C  CA  . THR A 1 59  ? -9.149  -5.844  7.916   1.00 26.72  ? 88  THR A CA  1 
ATOM   465  C  C   . THR A 1 59  ? -10.092 -6.758  7.125   1.00 30.72  ? 88  THR A C   1 
ATOM   466  O  O   . THR A 1 59  ? -10.290 -7.910  7.522   1.00 30.11  ? 88  THR A O   1 
ATOM   467  C  CB  . THR A 1 59  ? -9.379  -6.003  9.449   1.00 31.35  ? 88  THR A CB  1 
ATOM   468  O  OG1 . THR A 1 59  ? -10.675 -5.481  9.736   1.00 30.21  ? 88  THR A OG1 1 
ATOM   469  C  CG2 . THR A 1 59  ? -8.393  -5.135  10.219  1.00 32.58  ? 88  THR A CG2 1 
ATOM   470  N  N   . PHE A 1 60  ? -10.644 -6.295  5.991   1.00 27.46  ? 89  PHE A N   1 
ATOM   471  C  CA  . PHE A 1 60  ? -11.466 -7.178  5.178   1.00 27.82  ? 89  PHE A CA  1 
ATOM   472  C  C   . PHE A 1 60  ? -10.585 -8.227  4.496   1.00 31.78  ? 89  PHE A C   1 
ATOM   473  O  O   . PHE A 1 60  ? -9.639  -7.853  3.760   1.00 28.34  ? 89  PHE A O   1 
ATOM   474  C  CB  . PHE A 1 60  ? -12.248 -6.410  4.069   1.00 28.70  ? 89  PHE A CB  1 
ATOM   475  C  CG  . PHE A 1 60  ? -12.974 -7.333  3.160   1.00 32.74  ? 89  PHE A CG  1 
ATOM   476  C  CD1 . PHE A 1 60  ? -13.947 -8.217  3.688   1.00 36.52  ? 89  PHE A CD1 1 
ATOM   477  C  CD2 . PHE A 1 60  ? -12.565 -7.515  1.846   1.00 28.92  ? 89  PHE A CD2 1 
ATOM   478  C  CE1 . PHE A 1 60  ? -14.610 -9.123  2.866   1.00 40.54  ? 89  PHE A CE1 1 
ATOM   479  C  CE2 . PHE A 1 60  ? -13.225 -8.421  1.039   1.00 33.30  ? 89  PHE A CE2 1 
ATOM   480  C  CZ  . PHE A 1 60  ? -14.239 -9.231  1.542   1.00 36.52  ? 89  PHE A CZ  1 
ATOM   481  N  N   . GLU A 1 61  ? -10.874 -9.522  4.732   1.00 26.40  ? 90  GLU A N   1 
ATOM   482  C  CA  . GLU A 1 61  ? -10.157 -10.606 4.055   1.00 28.32  ? 90  GLU A CA  1 
ATOM   483  C  C   . GLU A 1 61  ? -11.230 -11.610 3.692   1.00 30.58  ? 90  GLU A C   1 
ATOM   484  O  O   . GLU A 1 61  ? -11.950 -12.012 4.606   1.00 31.39  ? 90  GLU A O   1 
ATOM   485  C  CB  . GLU A 1 61  ? -9.166  -11.239 5.066   1.00 26.57  ? 90  GLU A CB  1 
ATOM   486  C  CG  . GLU A 1 61  ? -8.479  -12.466 4.506   1.00 30.09  ? 90  GLU A CG  1 
ATOM   487  C  CD  . GLU A 1 61  ? -7.203  -12.769 5.278   1.00 32.95  ? 90  GLU A CD  1 
ATOM   488  O  OE1 . GLU A 1 61  ? -6.229  -11.998 5.138   1.00 26.88  ? 90  GLU A OE1 1 
ATOM   489  O  OE2 . GLU A 1 61  ? -7.175  -13.813 6.015   1.00 31.22  ? 90  GLU A OE2 1 
ATOM   490  N  N   . GLY A 1 62  ? -11.402 -11.965 2.422   1.00 27.75  ? 91  GLY A N   1 
ATOM   491  C  CA  . GLY A 1 62  ? -12.553 -12.852 2.046   1.00 29.62  ? 91  GLY A CA  1 
ATOM   492  C  C   . GLY A 1 62  ? -12.794 -12.721 0.548   1.00 34.69  ? 91  GLY A C   1 
ATOM   493  O  O   . GLY A 1 62  ? -11.886 -12.381 -0.198  1.00 32.72  ? 91  GLY A O   1 
ATOM   494  N  N   . VAL A 1 63  ? -14.025 -12.916 0.102   1.00 28.50  ? 92  VAL A N   1 
ATOM   495  C  CA  . VAL A 1 63  ? -14.279 -13.023 -1.324  1.00 30.89  ? 92  VAL A CA  1 
ATOM   496  C  C   . VAL A 1 63  ? -15.378 -12.048 -1.684  1.00 33.73  ? 92  VAL A C   1 
ATOM   497  O  O   . VAL A 1 63  ? -16.382 -11.966 -0.979  1.00 31.85  ? 92  VAL A O   1 
ATOM   498  C  CB  . VAL A 1 63  ? -14.750 -14.454 -1.678  1.00 36.35  ? 92  VAL A CB  1 
ATOM   499  C  CG1 . VAL A 1 63  ? -15.239 -14.523 -3.122  1.00 37.37  ? 92  VAL A CG1 1 
ATOM   500  C  CG2 . VAL A 1 63  ? -13.614 -15.468 -1.411  1.00 38.78  ? 92  VAL A CG2 1 
ATOM   501  N  N   . ILE A 1 64  ? -15.151 -11.307 -2.777  1.00 31.23  ? 93  ILE A N   1 
ATOM   502  C  CA  . ILE A 1 64  ? -16.169 -10.378 -3.350  1.00 32.65  ? 93  ILE A CA  1 
ATOM   503  C  C   . ILE A 1 64  ? -16.693 -11.035 -4.628  1.00 35.74  ? 93  ILE A C   1 
ATOM   504  O  O   . ILE A 1 64  ? -15.890 -11.609 -5.390  1.00 32.11  ? 93  ILE A O   1 
ATOM   505  C  CB  . ILE A 1 64  ? -15.598 -8.980  -3.570  1.00 33.17  ? 93  ILE A CB  1 
ATOM   506  C  CG1 . ILE A 1 64  ? -15.276 -8.355  -2.183  1.00 37.87  ? 93  ILE A CG1 1 
ATOM   507  C  CG2 . ILE A 1 64  ? -16.638 -8.095  -4.329  1.00 31.61  ? 93  ILE A CG2 1 
ATOM   508  C  CD1 . ILE A 1 64  ? -14.569 -7.020  -2.271  1.00 40.61  ? 93  ILE A CD1 1 
ATOM   509  N  N   . PRO A 1 65  ? -18.031 -11.036 -4.846  1.00 34.47  ? 94  PRO A N   1 
ATOM   510  C  CA  . PRO A 1 65  ? -18.538 -11.769 -6.050  1.00 34.84  ? 94  PRO A CA  1 
ATOM   511  C  C   . PRO A 1 65  ? -17.872 -11.303 -7.362  1.00 31.57  ? 94  PRO A C   1 
ATOM   512  O  O   . PRO A 1 65  ? -17.671 -10.084 -7.581  1.00 34.43  ? 94  PRO A O   1 
ATOM   513  C  CB  . PRO A 1 65  ? -20.031 -11.433 -6.061  1.00 35.52  ? 94  PRO A CB  1 
ATOM   514  C  CG  . PRO A 1 65  ? -20.353 -11.208 -4.596  1.00 33.87  ? 94  PRO A CG  1 
ATOM   515  C  CD  . PRO A 1 65  ? -19.127 -10.531 -3.993  1.00 34.17  ? 94  PRO A CD  1 
ATOM   516  N  N   . GLU A 1 66  ? -17.511 -12.295 -8.168  1.00 39.05  ? 95  GLU A N   1 
ATOM   517  C  CA  . GLU A 1 66  ? -16.980 -12.121 -9.519  1.00 47.12  ? 95  GLU A CA  1 
ATOM   518  C  C   . GLU A 1 66  ? -17.944 -11.252 -10.301 1.00 48.57  ? 95  GLU A C   1 
ATOM   519  O  O   . GLU A 1 66  ? -19.169 -11.456 -10.258 1.00 50.06  ? 95  GLU A O   1 
ATOM   520  C  CB  . GLU A 1 66  ? -16.851 -13.489 -10.205 1.00 56.98  ? 95  GLU A CB  1 
ATOM   521  C  CG  . GLU A 1 66  ? -15.506 -13.684 -10.901 1.00 72.39  ? 95  GLU A CG  1 
ATOM   522  C  CD  . GLU A 1 66  ? -14.325 -13.602 -9.930  1.00 75.07  ? 95  GLU A CD  1 
ATOM   523  O  OE1 . GLU A 1 66  ? -14.249 -14.411 -8.977  1.00 76.90  ? 95  GLU A OE1 1 
ATOM   524  O  OE2 . GLU A 1 66  ? -13.459 -12.723 -10.106 1.00 69.56  ? 95  GLU A OE2 1 
ATOM   525  N  N   . GLY A 1 67  ? -17.412 -10.246 -10.949 1.00 44.13  ? 96  GLY A N   1 
ATOM   526  C  CA  . GLY A 1 67  ? -18.250 -9.317  -11.710 1.00 46.88  ? 96  GLY A CA  1 
ATOM   527  C  C   . GLY A 1 67  ? -18.543 -8.012  -10.994 1.00 50.60  ? 96  GLY A C   1 
ATOM   528  O  O   . GLY A 1 67  ? -19.115 -7.098  -11.611 1.00 49.86  ? 96  GLY A O   1 
ATOM   529  N  N   . GLN A 1 68  ? -18.161 -7.894  -9.711  1.00 36.29  ? 97  GLN A N   1 
ATOM   530  C  CA  . GLN A 1 68  ? -18.296 -6.621  -9.014  1.00 33.31  ? 97  GLN A CA  1 
ATOM   531  C  C   . GLN A 1 68  ? -17.021 -5.901  -8.977  1.00 32.94  ? 97  GLN A C   1 
ATOM   532  O  O   . GLN A 1 68  ? -15.983 -6.537  -9.094  1.00 41.02  ? 97  GLN A O   1 
ATOM   533  C  CB  . GLN A 1 68  ? -18.835 -6.831  -7.558  1.00 32.29  ? 97  GLN A CB  1 
ATOM   534  C  CG  . GLN A 1 68  ? -20.171 -7.599  -7.553  1.00 33.68  ? 97  GLN A CG  1 
ATOM   535  C  CD  . GLN A 1 68  ? -21.230 -6.827  -8.336  1.00 32.32  ? 97  GLN A CD  1 
ATOM   536  O  OE1 . GLN A 1 68  ? -21.328 -5.635  -8.214  1.00 30.10  ? 97  GLN A OE1 1 
ATOM   537  N  NE2 . GLN A 1 68  ? -22.024 -7.525  -9.125  1.00 34.92  ? 97  GLN A NE2 1 
ATOM   538  N  N   . TYR A 1 69  ? -17.053 -4.592  -8.757  1.00 33.86  ? 98  TYR A N   1 
ATOM   539  C  CA  . TYR A 1 69  ? -15.817 -3.882  -8.436  1.00 38.13  ? 98  TYR A CA  1 
ATOM   540  C  C   . TYR A 1 69  ? -15.247 -4.488  -7.161  1.00 45.01  ? 98  TYR A C   1 
ATOM   541  O  O   . TYR A 1 69  ? -15.957 -4.637  -6.181  1.00 37.85  ? 98  TYR A O   1 
ATOM   542  C  CB  . TYR A 1 69  ? -15.979 -2.382  -8.235  1.00 41.06  ? 98  TYR A CB  1 
ATOM   543  C  CG  . TYR A 1 69  ? -16.221 -1.688  -9.535  1.00 52.12  ? 98  TYR A CG  1 
ATOM   544  C  CD1 . TYR A 1 69  ? -15.181 -1.469  -10.466 1.00 57.45  ? 98  TYR A CD1 1 
ATOM   545  C  CD2 . TYR A 1 69  ? -17.508 -1.310  -9.887  1.00 56.69  ? 98  TYR A CD2 1 
ATOM   546  C  CE1 . TYR A 1 69  ? -15.446 -0.848  -11.691 1.00 58.35  ? 98  TYR A CE1 1 
ATOM   547  C  CE2 . TYR A 1 69  ? -17.778 -0.708  -11.085 1.00 52.69  ? 98  TYR A CE2 1 
ATOM   548  C  CZ  . TYR A 1 69  ? -16.763 -0.467  -11.980 1.00 59.49  ? 98  TYR A CZ  1 
ATOM   549  O  OH  . TYR A 1 69  ? -17.144 0.137   -13.152 1.00 60.91  ? 98  TYR A OH  1 
ATOM   550  N  N   . GLY A 1 70  ? -13.964 -4.857  -7.214  1.00 47.70  ? 99  GLY A N   1 
ATOM   551  C  CA  . GLY A 1 70  ? -13.291 -5.462  -6.077  1.00 44.85  ? 99  GLY A CA  1 
ATOM   552  C  C   . GLY A 1 70  ? -13.475 -6.955  -6.107  1.00 41.65  ? 99  GLY A C   1 
ATOM   553  O  O   . GLY A 1 70  ? -13.046 -7.616  -5.161  1.00 50.28  ? 99  GLY A O   1 
ATOM   554  N  N   . GLY A 1 71  ? -14.129 -7.475  -7.172  1.00 39.06  ? 100 GLY A N   1 
ATOM   555  C  CA  . GLY A 1 71  ? -14.445 -8.920  -7.409  1.00 39.42  ? 100 GLY A CA  1 
ATOM   556  C  C   . GLY A 1 71  ? -13.200 -9.813  -7.322  1.00 49.49  ? 100 GLY A C   1 
ATOM   557  O  O   . GLY A 1 71  ? -12.132 -9.423  -7.835  1.00 45.45  ? 100 GLY A O   1 
ATOM   558  N  N   . GLY A 1 72  ? -13.331 -10.984 -6.682  1.00 39.54  ? 101 GLY A N   1 
ATOM   559  C  CA  . GLY A 1 72  ? -12.190 -11.903 -6.468  1.00 33.35  ? 101 GLY A CA  1 
ATOM   560  C  C   . GLY A 1 72  ? -11.854 -12.105 -4.982  1.00 32.84  ? 101 GLY A C   1 
ATOM   561  O  O   . GLY A 1 72  ? -12.729 -11.932 -4.093  1.00 34.83  ? 101 GLY A O   1 
ATOM   562  N  N   . THR A 1 73  ? -10.618 -12.504 -4.726  1.00 28.27  ? 102 THR A N   1 
ATOM   563  C  CA  . THR A 1 73  ? -10.189 -12.890 -3.362  1.00 30.48  ? 102 THR A CA  1 
ATOM   564  C  C   . THR A 1 73  ? -9.319  -11.780 -2.842  1.00 30.21  ? 102 THR A C   1 
ATOM   565  O  O   . THR A 1 73  ? -8.464  -11.310 -3.541  1.00 28.69  ? 102 THR A O   1 
ATOM   566  C  CB  . THR A 1 73  ? -9.343  -14.153 -3.389  1.00 32.65  ? 102 THR A CB  1 
ATOM   567  O  OG1 . THR A 1 73  ? -10.073 -15.158 -4.086  1.00 37.24  ? 102 THR A OG1 1 
ATOM   568  C  CG2 . THR A 1 73  ? -9.127  -14.662 -1.958  1.00 32.55  ? 102 THR A CG2 1 
ATOM   569  N  N   . VAL A 1 74  ? -9.559  -11.384 -1.595  1.00 27.91  ? 103 VAL A N   1 
ATOM   570  C  CA  . VAL A 1 74  ? -8.849  -10.290 -0.968  1.00 25.21  ? 103 VAL A CA  1 
ATOM   571  C  C   . VAL A 1 74  ? -8.170  -10.824 0.276   1.00 28.58  ? 103 VAL A C   1 
ATOM   572  O  O   . VAL A 1 74  ? -8.833  -11.419 1.152   1.00 30.60  ? 103 VAL A O   1 
ATOM   573  C  CB  . VAL A 1 74  ? -9.817  -9.181  -0.539  1.00 27.48  ? 103 VAL A CB  1 
ATOM   574  C  CG1 . VAL A 1 74  ? -9.084  -8.034  0.170   1.00 27.45  ? 103 VAL A CG1 1 
ATOM   575  C  CG2 . VAL A 1 74  ? -10.598 -8.694  -1.780  1.00 30.10  ? 103 VAL A CG2 1 
ATOM   576  N  N   . MET A 1 75  ? -6.864  -10.618 0.338   1.00 25.94  ? 104 MET A N   1 
ATOM   577  C  CA  . MET A 1 75  ? -6.058  -11.014 1.475   1.00 27.57  ? 104 MET A CA  1 
ATOM   578  C  C   . MET A 1 75  ? -5.508  -9.778  2.145   1.00 25.82  ? 104 MET A C   1 
ATOM   579  O  O   . MET A 1 75  ? -5.042  -8.868  1.449   1.00 28.48  ? 104 MET A O   1 
ATOM   580  C  CB  . MET A 1 75  ? -4.859  -11.844 0.963   1.00 27.59  ? 104 MET A CB  1 
ATOM   581  C  CG  . MET A 1 75  ? -3.763  -11.981 2.029   1.00 27.60  ? 104 MET A CG  1 
ATOM   582  S  SD  . MET A 1 75  ? -2.232  -12.720 1.393   1.00 30.80  ? 104 MET A SD  1 
ATOM   583  C  CE  . MET A 1 75  ? -2.823  -14.353 0.883   1.00 27.24  ? 104 MET A CE  1 
ATOM   584  N  N   . VAL A 1 76  ? -5.483  -9.730  3.473   1.00 26.67  ? 105 VAL A N   1 
ATOM   585  C  CA  . VAL A 1 76  ? -4.834  -8.616  4.150   1.00 25.49  ? 105 VAL A CA  1 
ATOM   586  C  C   . VAL A 1 76  ? -3.385  -9.030  4.209   1.00 25.63  ? 105 VAL A C   1 
ATOM   587  O  O   . VAL A 1 76  ? -2.978  -9.893  4.995   1.00 25.78  ? 105 VAL A O   1 
ATOM   588  C  CB  . VAL A 1 76  ? -5.418  -8.317  5.566   1.00 25.63  ? 105 VAL A CB  1 
ATOM   589  C  CG1 . VAL A 1 76  ? -4.598  -7.192  6.210   1.00 27.23  ? 105 VAL A CG1 1 
ATOM   590  C  CG2 . VAL A 1 76  ? -6.883  -7.848  5.367   1.00 23.27  ? 105 VAL A CG2 1 
ATOM   591  N  N   . TRP A 1 77  ? -2.611  -8.438  3.310   1.00 25.36  ? 106 TRP A N   1 
ATOM   592  C  CA  . TRP A 1 77  ? -1.255  -8.856  3.054   1.00 27.64  ? 106 TRP A CA  1 
ATOM   593  C  C   . TRP A 1 77  ? -0.250  -8.195  4.012   1.00 25.71  ? 106 TRP A C   1 
ATOM   594  O  O   . TRP A 1 77  ? 0.743   -8.817  4.385   1.00 26.47  ? 106 TRP A O   1 
ATOM   595  C  CB  . TRP A 1 77  ? -0.938  -8.658  1.522   1.00 27.86  ? 106 TRP A CB  1 
ATOM   596  C  CG  . TRP A 1 77  ? 0.459   -9.130  1.114   1.00 26.61  ? 106 TRP A CG  1 
ATOM   597  C  CD1 . TRP A 1 77  ? 0.811   -10.380 0.607   1.00 27.69  ? 106 TRP A CD1 1 
ATOM   598  C  CD2 . TRP A 1 77  ? 1.690   -8.342  1.151   1.00 26.85  ? 106 TRP A CD2 1 
ATOM   599  N  NE1 . TRP A 1 77  ? 2.201   -10.379 0.305   1.00 28.88  ? 106 TRP A NE1 1 
ATOM   600  C  CE2 . TRP A 1 77  ? 2.745   -9.175  0.675   1.00 27.02  ? 106 TRP A CE2 1 
ATOM   601  C  CE3 . TRP A 1 77  ? 1.990   -7.031  1.569   1.00 26.99  ? 106 TRP A CE3 1 
ATOM   602  C  CZ2 . TRP A 1 77  ? 4.085   -8.710  0.581   1.00 26.88  ? 106 TRP A CZ2 1 
ATOM   603  C  CZ3 . TRP A 1 77  ? 3.322   -6.548  1.477   1.00 28.19  ? 106 TRP A CZ3 1 
ATOM   604  C  CH2 . TRP A 1 77  ? 4.358   -7.430  0.987   1.00 29.26  ? 106 TRP A CH2 1 
ATOM   605  N  N   . ASP A 1 78  ? -0.461  -6.919  4.421   1.00 22.88  ? 107 ASP A N   1 
ATOM   606  C  CA  . ASP A 1 78  ? 0.345   -6.329  5.455   1.00 23.68  ? 107 ASP A CA  1 
ATOM   607  C  C   . ASP A 1 78  ? -0.521  -5.259  6.097   1.00 24.43  ? 107 ASP A C   1 
ATOM   608  O  O   . ASP A 1 78  ? -1.459  -4.762  5.459   1.00 23.98  ? 107 ASP A O   1 
ATOM   609  C  CB  . ASP A 1 78  ? 1.609   -5.617  4.888   1.00 27.23  ? 107 ASP A CB  1 
ATOM   610  C  CG  . ASP A 1 78  ? 2.621   -5.294  5.964   1.00 27.55  ? 107 ASP A CG  1 
ATOM   611  O  OD1 . ASP A 1 78  ? 2.527   -5.850  7.098   1.00 30.51  ? 107 ASP A OD1 1 
ATOM   612  O  OD2 . ASP A 1 78  ? 3.587   -4.464  5.764   1.00 29.53  ? 107 ASP A OD2 1 
ATOM   613  N  N   . ILE A 1 79  ? -0.286  -4.965  7.359   1.00 26.82  ? 108 ILE A N   1 
ATOM   614  C  CA  . ILE A 1 79  ? -1.106  -3.946  8.035   1.00 27.12  ? 108 ILE A CA  1 
ATOM   615  C  C   . ILE A 1 79  ? -0.252  -3.349  9.177   1.00 26.98  ? 108 ILE A C   1 
ATOM   616  O  O   . ILE A 1 79  ? 0.705   -3.963  9.709   1.00 27.42  ? 108 ILE A O   1 
ATOM   617  C  CB  . ILE A 1 79  ? -2.444  -4.558  8.558   1.00 27.26  ? 108 ILE A CB  1 
ATOM   618  C  CG1 . ILE A 1 79  ? -3.452  -3.435  8.895   1.00 29.02  ? 108 ILE A CG1 1 
ATOM   619  C  CG2 . ILE A 1 79  ? -2.125  -5.470  9.786   1.00 28.01  ? 108 ILE A CG2 1 
ATOM   620  C  CD1 . ILE A 1 79  ? -4.895  -3.948  9.023   1.00 28.06  ? 108 ILE A CD1 1 
ATOM   621  N  N   . GLY A 1 80  ? -0.541  -2.115  9.531   1.00 25.88  ? 109 GLY A N   1 
ATOM   622  C  CA  . GLY A 1 80  ? 0.130   -1.470  10.655  1.00 28.65  ? 109 GLY A CA  1 
ATOM   623  C  C   . GLY A 1 80  ? -0.296  -0.007  10.613  1.00 27.53  ? 109 GLY A C   1 
ATOM   624  O  O   . GLY A 1 80  ? -1.458  0.317   10.381  1.00 28.66  ? 109 GLY A O   1 
ATOM   625  N  N   . THR A 1 81  ? 0.659   0.856   10.860  1.00 26.11  ? 110 THR A N   1 
ATOM   626  C  CA  . THR A 1 81  ? 0.413   2.283   10.900  1.00 27.06  ? 110 THR A CA  1 
ATOM   627  C  C   . THR A 1 81  ? 1.525   2.954   10.092  1.00 26.55  ? 110 THR A C   1 
ATOM   628  O  O   . THR A 1 81  ? 2.375   2.239   9.507   1.00 27.18  ? 110 THR A O   1 
ATOM   629  C  CB  . THR A 1 81  ? 0.467   2.813   12.382  1.00 31.62  ? 110 THR A CB  1 
ATOM   630  O  OG1 . THR A 1 81  ? 1.729   2.499   12.976  1.00 31.04  ? 110 THR A OG1 1 
ATOM   631  C  CG2 . THR A 1 81  ? -0.648  2.139   13.255  1.00 37.26  ? 110 THR A CG2 1 
ATOM   632  N  N   . TYR A 1 82  ? 1.524   4.282   10.004  1.00 25.80  ? 111 TYR A N   1 
ATOM   633  C  CA  . TYR A 1 82  ? 2.638   4.960   9.334   1.00 26.48  ? 111 TYR A CA  1 
ATOM   634  C  C   . TYR A 1 82  ? 2.858   6.300   9.983   1.00 29.75  ? 111 TYR A C   1 
ATOM   635  O  O   . TYR A 1 82  ? 1.980   6.783   10.712  1.00 30.71  ? 111 TYR A O   1 
ATOM   636  C  CB  . TYR A 1 82  ? 2.294   5.138   7.815   1.00 26.32  ? 111 TYR A CB  1 
ATOM   637  C  CG  . TYR A 1 82  ? 1.206   6.150   7.539   1.00 24.84  ? 111 TYR A CG  1 
ATOM   638  C  CD1 . TYR A 1 82  ? 1.533   7.490   7.298   1.00 29.71  ? 111 TYR A CD1 1 
ATOM   639  C  CD2 . TYR A 1 82  ? -0.156  5.756   7.473   1.00 26.31  ? 111 TYR A CD2 1 
ATOM   640  C  CE1 . TYR A 1 82  ? 0.556   8.431   7.000   1.00 34.06  ? 111 TYR A CE1 1 
ATOM   641  C  CE2 . TYR A 1 82  ? -1.152  6.704   7.207   1.00 25.83  ? 111 TYR A CE2 1 
ATOM   642  C  CZ  . TYR A 1 82  ? -0.811  8.001   6.985   1.00 31.88  ? 111 TYR A CZ  1 
ATOM   643  O  OH  . TYR A 1 82  ? -1.796  8.898   6.721   1.00 34.11  ? 111 TYR A OH  1 
ATOM   644  N  N   . ARG A 1 83  ? 4.005   6.905   9.713   1.00 26.66  ? 112 ARG A N   1 
ATOM   645  C  CA  . ARG A 1 83  ? 4.326   8.228   10.219  1.00 31.61  ? 112 ARG A CA  1 
ATOM   646  C  C   . ARG A 1 83  ? 4.611   9.089   8.994   1.00 32.82  ? 112 ARG A C   1 
ATOM   647  O  O   . ARG A 1 83  ? 5.237   8.650   8.014   1.00 29.83  ? 112 ARG A O   1 
ATOM   648  C  CB  . ARG A 1 83  ? 5.620   8.221   11.108  1.00 30.53  ? 112 ARG A CB  1 
ATOM   649  C  CG  . ARG A 1 83  ? 5.522   7.348   12.335  1.00 40.03  ? 112 ARG A CG  1 
ATOM   650  C  CD  . ARG A 1 83  ? 6.784   7.487   13.191  1.00 39.50  ? 112 ARG A CD  1 
ATOM   651  N  NE  . ARG A 1 83  ? 7.801   6.428   12.963  1.00 39.64  ? 112 ARG A NE  1 
ATOM   652  C  CZ  . ARG A 1 83  ? 8.918   6.704   12.368  1.00 35.52  ? 112 ARG A CZ  1 
ATOM   653  N  NH1 . ARG A 1 83  ? 9.116   7.955   11.889  1.00 47.24  ? 112 ARG A NH1 1 
ATOM   654  N  NH2 . ARG A 1 83  ? 9.864   5.763   12.271  1.00 31.34  ? 112 ARG A NH2 1 
ATOM   655  N  N   . ASN A 1 84  ? 4.185   10.347  9.062   1.00 28.31  ? 113 ASN A N   1 
ATOM   656  C  CA  . ASN A 1 84  ? 4.377   11.230  7.919   1.00 30.29  ? 113 ASN A CA  1 
ATOM   657  C  C   . ASN A 1 84  ? 5.774   11.887  8.062   1.00 31.83  ? 113 ASN A C   1 
ATOM   658  O  O   . ASN A 1 84  ? 5.958   12.736  8.946   1.00 32.98  ? 113 ASN A O   1 
ATOM   659  C  CB  . ASN A 1 84  ? 3.312   12.323  7.988   1.00 31.16  ? 113 ASN A CB  1 
ATOM   660  C  CG  . ASN A 1 84  ? 3.549   13.406  6.945   1.00 34.97  ? 113 ASN A CG  1 
ATOM   661  O  OD1 . ASN A 1 84  ? 4.389   13.261  6.035   1.00 31.32  ? 113 ASN A OD1 1 
ATOM   662  N  ND2 . ASN A 1 84  ? 2.779   14.471  7.048   1.00 38.47  ? 113 ASN A ND2 1 
ATOM   663  N  N   . LEU A 1 85  ? 6.733   11.529  7.191   1.00 29.81  ? 114 LEU A N   1 
ATOM   664  C  CA  . LEU A 1 85  ? 8.095   12.065  7.302   1.00 27.49  ? 114 LEU A CA  1 
ATOM   665  C  C   . LEU A 1 85  ? 8.125   13.564  6.971   1.00 31.85  ? 114 LEU A C   1 
ATOM   666  O  O   . LEU A 1 85  ? 9.071   14.264  7.384   1.00 34.67  ? 114 LEU A O   1 
ATOM   667  C  CB  . LEU A 1 85  ? 9.054   11.294  6.378   1.00 29.08  ? 114 LEU A CB  1 
ATOM   668  C  CG  . LEU A 1 85  ? 9.263   9.852   6.894   1.00 30.12  ? 114 LEU A CG  1 
ATOM   669  C  CD1 . LEU A 1 85  ? 10.052  9.049   5.905   1.00 35.04  ? 114 LEU A CD1 1 
ATOM   670  C  CD2 . LEU A 1 85  ? 9.933   9.870   8.252   1.00 32.08  ? 114 LEU A CD2 1 
ATOM   671  N  N   . ARG A 1 86  ? 7.136   14.037  6.213   1.00 32.75  ? 115 ARG A N   1 
ATOM   672  C  CA  . ARG A 1 86  ? 7.138   15.459  5.790   1.00 34.73  ? 115 ARG A CA  1 
ATOM   673  C  C   . ARG A 1 86  ? 6.766   16.461  6.878   1.00 40.33  ? 115 ARG A C   1 
ATOM   674  O  O   . ARG A 1 86  ? 6.827   17.671  6.631   1.00 41.60  ? 115 ARG A O   1 
ATOM   675  C  CB  . ARG A 1 86  ? 6.350   15.675  4.487   1.00 31.53  ? 115 ARG A CB  1 
ATOM   676  C  CG  . ARG A 1 86  ? 7.012   14.909  3.335   1.00 35.31  ? 115 ARG A CG  1 
ATOM   677  C  CD  . ARG A 1 86  ? 6.408   15.197  1.995   1.00 34.20  ? 115 ARG A CD  1 
ATOM   678  N  NE  . ARG A 1 86  ? 6.853   16.534  1.579   1.00 37.96  ? 115 ARG A NE  1 
ATOM   679  C  CZ  . ARG A 1 86  ? 6.248   17.315  0.680   1.00 41.20  ? 115 ARG A CZ  1 
ATOM   680  N  NH1 . ARG A 1 86  ? 5.154   16.921  0.031   1.00 33.07  ? 115 ARG A NH1 1 
ATOM   681  N  NH2 . ARG A 1 86  ? 6.791   18.520  0.406   1.00 39.21  ? 115 ARG A NH2 1 
ATOM   682  N  N   . GLU A 1 87  ? 6.384   15.971  8.059   1.00 42.21  ? 116 GLU A N   1 
ATOM   683  C  CA  . GLU A 1 87  ? 6.278   16.797  9.303   1.00 47.54  ? 116 GLU A CA  1 
ATOM   684  C  C   . GLU A 1 87  ? 7.594   17.021  9.993   1.00 54.89  ? 116 GLU A C   1 
ATOM   685  O  O   . GLU A 1 87  ? 7.715   17.937  10.847  1.00 43.26  ? 116 GLU A O   1 
ATOM   686  C  CB  . GLU A 1 87  ? 5.336   16.165  10.322  1.00 50.32  ? 116 GLU A CB  1 
ATOM   687  C  CG  . GLU A 1 87  ? 3.871   16.228  9.948   1.00 50.79  ? 116 GLU A CG  1 
ATOM   688  C  CD  . GLU A 1 87  ? 3.214   17.626  10.116  1.00 59.72  ? 116 GLU A CD  1 
ATOM   689  O  OE1 . GLU A 1 87  ? 1.962   17.675  10.099  1.00 64.52  ? 116 GLU A OE1 1 
ATOM   690  O  OE2 . GLU A 1 87  ? 3.898   18.676  10.255  1.00 59.05  ? 116 GLU A OE2 1 
ATOM   691  N  N   . GLU A 1 88  ? 8.593   16.217  9.628   1.00 44.17  ? 117 GLU A N   1 
ATOM   692  C  CA  . GLU A 1 88  ? 9.941   16.330  10.239  1.00 41.44  ? 117 GLU A CA  1 
ATOM   693  C  C   . GLU A 1 88  ? 10.894  17.236  9.555   1.00 49.47  ? 117 GLU A C   1 
ATOM   694  O  O   . GLU A 1 88  ? 11.995  16.844  9.155   1.00 44.59  ? 117 GLU A O   1 
ATOM   695  C  CB  . GLU A 1 88  ? 10.517  14.954  10.409  1.00 44.53  ? 117 GLU A CB  1 
ATOM   696  C  CG  . GLU A 1 88  ? 9.527   14.071  11.166  1.00 41.82  ? 117 GLU A CG  1 
ATOM   697  C  CD  . GLU A 1 88  ? 10.217  12.850  11.745  1.00 53.87  ? 117 GLU A CD  1 
ATOM   698  O  OE1 . GLU A 1 88  ? 11.400  12.986  12.192  1.00 51.97  ? 117 GLU A OE1 1 
ATOM   699  O  OE2 . GLU A 1 88  ? 9.598   11.762  11.721  1.00 51.72  ? 117 GLU A OE2 1 
ATOM   700  N  N   . LYS A 1 89  ? 10.497  18.502  9.440   1.00 43.07  ? 118 LYS A N   1 
ATOM   701  C  CA  . LYS A 1 89  ? 11.213  19.410  8.553   1.00 47.41  ? 118 LYS A CA  1 
ATOM   702  C  C   . LYS A 1 89  ? 11.345  20.754  9.243   1.00 40.12  ? 118 LYS A C   1 
ATOM   703  O  O   . LYS A 1 89  ? 10.606  21.022  10.179  1.00 44.61  ? 118 LYS A O   1 
ATOM   704  C  CB  . LYS A 1 89  ? 10.437  19.578  7.240   1.00 46.73  ? 118 LYS A CB  1 
ATOM   705  C  CG  . LYS A 1 89  ? 10.116  18.276  6.524   1.00 47.77  ? 118 LYS A CG  1 
ATOM   706  C  CD  . LYS A 1 89  ? 11.217  17.896  5.573   1.00 52.22  ? 118 LYS A CD  1 
ATOM   707  C  CE  . LYS A 1 89  ? 10.866  16.540  5.003   1.00 56.42  ? 118 LYS A CE  1 
ATOM   708  N  NZ  . LYS A 1 89  ? 12.098  15.769  4.698   1.00 61.76  ? 118 LYS A NZ  1 
ATOM   709  N  N   . PRO A 1 90  ? 12.276  21.591  8.775   1.00 46.70  ? 119 PRO A N   1 
ATOM   710  C  CA  . PRO A 1 90  ? 12.309  22.959  9.314   1.00 46.70  ? 119 PRO A CA  1 
ATOM   711  C  C   . PRO A 1 90  ? 11.016  23.745  8.947   1.00 52.56  ? 119 PRO A C   1 
ATOM   712  O  O   . PRO A 1 90  ? 10.223  23.297  8.078   1.00 49.63  ? 119 PRO A O   1 
ATOM   713  C  CB  . PRO A 1 90  ? 13.577  23.538  8.676   1.00 53.71  ? 119 PRO A CB  1 
ATOM   714  C  CG  . PRO A 1 90  ? 13.812  22.744  7.418   1.00 53.59  ? 119 PRO A CG  1 
ATOM   715  C  CD  . PRO A 1 90  ? 13.221  21.394  7.651   1.00 46.49  ? 119 PRO A CD  1 
ATOM   716  N  N   . GLU A 1 91  ? 10.782  24.865  9.636   1.00 64.18  ? 120 GLU A N   1 
ATOM   717  C  CA  . GLU A 1 91  ? 9.496   25.599  9.558   1.00 66.24  ? 120 GLU A CA  1 
ATOM   718  C  C   . GLU A 1 91  ? 9.318   26.022  8.115   1.00 65.66  ? 120 GLU A C   1 
ATOM   719  O  O   . GLU A 1 91  ? 10.275  26.491  7.489   1.00 65.80  ? 120 GLU A O   1 
ATOM   720  C  CB  . GLU A 1 91  ? 9.715   26.980  10.205  0.00 71.65  ? 120 GLU A CB  1 
ATOM   721  C  CG  . GLU A 1 91  ? 8.502   27.897  10.081  0.00 74.98  ? 120 GLU A CG  1 
ATOM   722  C  CD  . GLU A 1 91  ? 8.279   28.801  11.281  0.00 84.83  ? 120 GLU A CD  1 
ATOM   723  O  OE1 . GLU A 1 91  ? 7.140   28.826  11.781  0.00 90.13  ? 120 GLU A OE1 1 
ATOM   724  O  OE2 . GLU A 1 91  ? 9.217   29.491  11.728  0.00 73.87  ? 120 GLU A OE2 1 
ATOM   725  N  N   . GLY A 1 92  ? 8.140   25.808  7.551   1.00 64.12  ? 121 GLY A N   1 
ATOM   726  C  CA  . GLY A 1 92  ? 7.954   26.213  6.167   1.00 60.01  ? 121 GLY A CA  1 
ATOM   727  C  C   . GLY A 1 92  ? 8.472   25.205  5.162   1.00 61.44  ? 121 GLY A C   1 
ATOM   728  O  O   . GLY A 1 92  ? 8.540   25.490  3.973   1.00 68.04  ? 121 GLY A O   1 
ATOM   729  N  N   . SER A 1 93  ? 8.863   24.026  5.627   1.00 50.78  ? 122 SER A N   1 
ATOM   730  C  CA  . SER A 1 93  ? 8.963   22.868  4.750   1.00 52.21  ? 122 SER A CA  1 
ATOM   731  C  C   . SER A 1 93  ? 8.011   21.757  5.223   1.00 47.53  ? 122 SER A C   1 
ATOM   732  O  O   . SER A 1 93  ? 7.963   20.697  4.626   1.00 47.51  ? 122 SER A O   1 
ATOM   733  C  CB  . SER A 1 93  ? 10.361  22.293  4.762   1.00 50.99  ? 122 SER A CB  1 
ATOM   734  O  OG  . SER A 1 93  ? 11.114  22.858  3.734   1.00 61.71  ? 122 SER A OG  1 
ATOM   735  N  N   . ARG A 1 94  ? 7.342   21.978  6.347   1.00 43.98  ? 123 ARG A N   1 
ATOM   736  C  CA  . ARG A 1 94  ? 6.494   20.943  6.935   1.00 45.07  ? 123 ARG A CA  1 
ATOM   737  C  C   . ARG A 1 94  ? 5.219   20.828  6.098   1.00 52.67  ? 123 ARG A C   1 
ATOM   738  O  O   . ARG A 1 94  ? 4.742   21.837  5.571   1.00 47.30  ? 123 ARG A O   1 
ATOM   739  C  CB  . ARG A 1 94  ? 6.157   21.278  8.358   1.00 48.73  ? 123 ARG A CB  1 
ATOM   740  C  CG  . ARG A 1 94  ? 7.339   21.796  9.108   1.00 58.86  ? 123 ARG A CG  1 
ATOM   741  C  CD  . ARG A 1 94  ? 7.440   21.037  10.390  1.00 66.85  ? 123 ARG A CD  1 
ATOM   742  N  NE  . ARG A 1 94  ? 6.806   21.693  11.510  1.00 67.56  ? 123 ARG A NE  1 
ATOM   743  C  CZ  . ARG A 1 94  ? 6.235   21.024  12.510  1.00 74.94  ? 123 ARG A CZ  1 
ATOM   744  N  NH1 . ARG A 1 94  ? 6.173   19.690  12.489  1.00 74.71  ? 123 ARG A NH1 1 
ATOM   745  N  NH2 . ARG A 1 94  ? 5.712   21.679  13.525  1.00 67.40  ? 123 ARG A NH2 1 
ATOM   746  N  N   . MET A 1 95  ? 4.728   19.600  5.915   1.00 39.80  ? 124 MET A N   1 
ATOM   747  C  CA  . MET A 1 95  ? 3.553   19.308  5.102   1.00 39.55  ? 124 MET A CA  1 
ATOM   748  C  C   . MET A 1 95  ? 2.755   18.254  5.862   1.00 40.74  ? 124 MET A C   1 
ATOM   749  O  O   . MET A 1 95  ? 3.333   17.214  6.228   1.00 39.69  ? 124 MET A O   1 
ATOM   750  C  CB  . MET A 1 95  ? 3.981   18.761  3.733   1.00 37.96  ? 124 MET A CB  1 
ATOM   751  C  CG  . MET A 1 95  ? 4.572   19.794  2.813   1.00 46.62  ? 124 MET A CG  1 
ATOM   752  S  SD  . MET A 1 95  ? 3.498   21.170  2.250   1.00 55.52  ? 124 MET A SD  1 
ATOM   753  C  CE  . MET A 1 95  ? 4.653   21.964  1.115   1.00 58.01  ? 124 MET A CE  1 
ATOM   754  N  N   . THR A 1 96  ? 1.460   18.489  6.135   1.00 36.82  ? 125 THR A N   1 
ATOM   755  C  CA  . THR A 1 96  ? 0.583   17.445  6.731   1.00 35.51  ? 125 THR A CA  1 
ATOM   756  C  C   . THR A 1 96  ? 0.395   16.353  5.673   1.00 31.74  ? 125 THR A C   1 
ATOM   757  O  O   . THR A 1 96  ? 0.823   16.516  4.539   1.00 34.07  ? 125 THR A O   1 
ATOM   758  C  CB  . THR A 1 96  ? -0.807  18.013  7.071   1.00 38.71  ? 125 THR A CB  1 
ATOM   759  O  OG1 . THR A 1 96  ? -1.435  18.440  5.853   1.00 38.84  ? 125 THR A OG1 1 
ATOM   760  C  CG2 . THR A 1 96  ? -0.647  19.210  8.004   1.00 40.23  ? 125 THR A CG2 1 
ATOM   761  N  N   . ILE A 1 97  ? -0.195  15.211  6.035   1.00 36.37  ? 126 ILE A N   1 
ATOM   762  C  CA  . ILE A 1 97  ? -0.370  14.143  5.077   1.00 34.17  ? 126 ILE A CA  1 
ATOM   763  C  C   . ILE A 1 97  ? -1.343  14.572  3.980   1.00 36.83  ? 126 ILE A C   1 
ATOM   764  O  O   . ILE A 1 97  ? -1.149  14.263  2.801   1.00 34.07  ? 126 ILE A O   1 
ATOM   765  C  CB  . ILE A 1 97  ? -0.777  12.790  5.796   1.00 35.83  ? 126 ILE A CB  1 
ATOM   766  C  CG1 . ILE A 1 97  ? -0.557  11.559  4.863   1.00 35.15  ? 126 ILE A CG1 1 
ATOM   767  C  CG2 . ILE A 1 97  ? -2.251  12.851  6.273   1.00 36.09  ? 126 ILE A CG2 1 
ATOM   768  C  CD1 . ILE A 1 97  ? 0.922   11.309  4.448   1.00 34.99  ? 126 ILE A CD1 1 
ATOM   769  N  N   . GLU A 1 98  ? -2.407  15.319  4.363   1.00 36.91  ? 127 GLU A N   1 
ATOM   770  C  CA  . GLU A 1 98  ? -3.335  15.819  3.371   1.00 39.38  ? 127 GLU A CA  1 
ATOM   771  C  C   . GLU A 1 98  ? -2.679  16.816  2.424   1.00 34.96  ? 127 GLU A C   1 
ATOM   772  O  O   . GLU A 1 98  ? -2.896  16.746  1.211   1.00 38.97  ? 127 GLU A O   1 
ATOM   773  C  CB  . GLU A 1 98  ? -4.638  16.387  4.025   1.00 43.09  ? 127 GLU A CB  1 
ATOM   774  C  CG  . GLU A 1 98  ? -5.460  15.379  4.857   1.00 43.79  ? 127 GLU A CG  1 
ATOM   775  C  CD  . GLU A 1 98  ? -4.935  15.172  6.289   1.00 56.14  ? 127 GLU A CD  1 
ATOM   776  O  OE1 . GLU A 1 98  ? -3.962  15.858  6.741   1.00 52.06  ? 127 GLU A OE1 1 
ATOM   777  O  OE2 . GLU A 1 98  ? -5.507  14.282  6.989   1.00 61.89  ? 127 GLU A OE2 1 
ATOM   778  N  N   . GLN A 1 99  ? -1.861  17.724  2.956   1.00 39.19  ? 128 GLN A N   1 
ATOM   779  C  CA  . GLN A 1 99  ? -1.086  18.673  2.092   1.00 39.53  ? 128 GLN A CA  1 
ATOM   780  C  C   . GLN A 1 99  ? -0.117  17.923  1.185   1.00 38.04  ? 128 GLN A C   1 
ATOM   781  O  O   . GLN A 1 99  ? 0.017   18.249  -0.009  1.00 34.87  ? 128 GLN A O   1 
ATOM   782  C  CB  . GLN A 1 99  ? -0.248  19.648  2.912   1.00 39.13  ? 128 GLN A CB  1 
ATOM   783  C  CG  . GLN A 1 99  ? -1.096  20.587  3.722   1.00 47.55  ? 128 GLN A CG  1 
ATOM   784  C  CD  . GLN A 1 99  ? -0.297  21.482  4.625   1.00 54.24  ? 128 GLN A CD  1 
ATOM   785  O  OE1 . GLN A 1 99  ? 0.710   21.083  5.243   1.00 45.46  ? 128 GLN A OE1 1 
ATOM   786  N  NE2 . GLN A 1 99  ? -0.785  22.716  4.757   1.00 56.67  ? 128 GLN A NE2 1 
ATOM   787  N  N   . SER A 1 100 ? 0.564   16.920  1.765   1.00 35.88  ? 129 SER A N   1 
ATOM   788  C  CA  . SER A 1 100 ? 1.376   15.996  0.942   1.00 34.67  ? 129 SER A CA  1 
ATOM   789  C  C   . SER A 1 100 ? 0.604   15.350  -0.199  1.00 32.21  ? 129 SER A C   1 
ATOM   790  O  O   . SER A 1 100 ? 1.087   15.321  -1.357  1.00 33.98  ? 129 SER A O   1 
ATOM   791  C  CB  . SER A 1 100 ? 2.010   14.896  1.851   1.00 29.90  ? 129 SER A CB  1 
ATOM   792  O  OG  . SER A 1 100 ? 2.863   15.516  2.812   1.00 31.90  ? 129 SER A OG  1 
ATOM   793  N  N   . TYR A 1 101 ? -0.582  14.789  0.094   1.00 31.49  ? 130 TYR A N   1 
ATOM   794  C  CA  . TYR A 1 101 ? -1.350  14.111  -0.919  1.00 32.87  ? 130 TYR A CA  1 
ATOM   795  C  C   . TYR A 1 101 ? -1.761  15.126  -2.013  1.00 35.20  ? 130 TYR A C   1 
ATOM   796  O  O   . TYR A 1 101 ? -1.569  14.870  -3.223  1.00 34.22  ? 130 TYR A O   1 
ATOM   797  C  CB  . TYR A 1 101 ? -2.618  13.518  -0.299  1.00 38.38  ? 130 TYR A CB  1 
ATOM   798  C  CG  . TYR A 1 101 ? -3.490  12.820  -1.304  1.00 39.26  ? 130 TYR A CG  1 
ATOM   799  C  CD1 . TYR A 1 101 ? -4.470  13.515  -2.066  1.00 47.96  ? 130 TYR A CD1 1 
ATOM   800  C  CD2 . TYR A 1 101 ? -3.396  11.451  -1.460  1.00 41.17  ? 130 TYR A CD2 1 
ATOM   801  C  CE1 . TYR A 1 101 ? -5.269  12.824  -2.985  1.00 47.24  ? 130 TYR A CE1 1 
ATOM   802  C  CE2 . TYR A 1 101 ? -4.202  10.757  -2.352  1.00 42.00  ? 130 TYR A CE2 1 
ATOM   803  C  CZ  . TYR A 1 101 ? -5.107  11.438  -3.117  1.00 50.57  ? 130 TYR A CZ  1 
ATOM   804  O  OH  . TYR A 1 101 ? -5.804  10.634  -3.982  1.00 56.83  ? 130 TYR A OH  1 
ATOM   805  N  N   . ASP A 1 102 ? -2.319  16.265  -1.557  1.00 38.26  ? 131 ASP A N   1 
ATOM   806  C  CA  . ASP A 1 102 ? -2.701  17.360  -2.495  1.00 42.01  ? 131 ASP A CA  1 
ATOM   807  C  C   . ASP A 1 102 ? -1.541  17.800  -3.365  1.00 40.41  ? 131 ASP A C   1 
ATOM   808  O  O   . ASP A 1 102 ? -1.719  17.956  -4.547  1.00 41.64  ? 131 ASP A O   1 
ATOM   809  C  CB  . ASP A 1 102 ? -3.338  18.542  -1.770  1.00 42.47  ? 131 ASP A CB  1 
ATOM   810  C  CG  . ASP A 1 102 ? -4.712  18.197  -1.192  1.00 50.64  ? 131 ASP A CG  1 
ATOM   811  O  OD1 . ASP A 1 102 ? -5.340  17.213  -1.649  1.00 49.35  ? 131 ASP A OD1 1 
ATOM   812  O  OD2 . ASP A 1 102 ? -5.163  18.911  -0.267  1.00 56.62  ? 131 ASP A OD2 1 
ATOM   813  N  N   . GLN A 1 103 ? -0.344  17.922  -2.806  1.00 41.38  ? 132 GLN A N   1 
ATOM   814  C  CA  . GLN A 1 103 ? 0.823   18.261  -3.619  1.00 39.29  ? 132 GLN A CA  1 
ATOM   815  C  C   . GLN A 1 103 ? 1.372   17.118  -4.513  1.00 42.03  ? 132 GLN A C   1 
ATOM   816  O  O   . GLN A 1 103 ? 2.206   17.360  -5.389  1.00 39.61  ? 132 GLN A O   1 
ATOM   817  C  CB  . GLN A 1 103 ? 1.931   18.847  -2.736  1.00 46.35  ? 132 GLN A CB  1 
ATOM   818  C  CG  . GLN A 1 103 ? 3.236   19.214  -3.460  1.00 54.51  ? 132 GLN A CG  1 
ATOM   819  C  CD  . GLN A 1 103 ? 4.327   19.736  -2.511  1.00 59.24  ? 132 GLN A CD  1 
ATOM   820  O  OE1 . GLN A 1 103 ? 4.831   18.999  -1.677  1.00 57.99  ? 132 GLN A OE1 1 
ATOM   821  N  NE2 . GLN A 1 103 ? 4.675   21.022  -2.634  1.00 60.78  ? 132 GLN A NE2 1 
ATOM   822  N  N   . GLY A 1 104 ? 0.926   15.875  -4.314  1.00 37.22  ? 133 GLY A N   1 
ATOM   823  C  CA  . GLY A 1 104 ? 1.424   14.745  -5.142  1.00 32.63  ? 133 GLY A CA  1 
ATOM   824  C  C   . GLY A 1 104 ? 2.813   14.254  -4.704  1.00 32.56  ? 133 GLY A C   1 
ATOM   825  O  O   . GLY A 1 104 ? 3.565   13.680  -5.519  1.00 32.30  ? 133 GLY A O   1 
ATOM   826  N  N   . LYS A 1 105 ? 3.160   14.487  -3.428  1.00 31.42  ? 134 LYS A N   1 
ATOM   827  C  CA  . LYS A 1 105 ? 4.433   14.000  -2.893  1.00 31.41  ? 134 LYS A CA  1 
ATOM   828  C  C   . LYS A 1 105 ? 4.274   13.525  -1.455  1.00 28.07  ? 134 LYS A C   1 
ATOM   829  O  O   . LYS A 1 105 ? 4.211   14.316  -0.501  1.00 28.89  ? 134 LYS A O   1 
ATOM   830  C  CB  . LYS A 1 105 ? 5.533   15.099  -2.995  1.00 31.89  ? 134 LYS A CB  1 
ATOM   831  C  CG  . LYS A 1 105 ? 6.883   14.694  -2.393  1.00 33.10  ? 134 LYS A CG  1 
ATOM   832  C  CD  . LYS A 1 105 ? 7.853   15.842  -2.717  1.00 39.95  ? 134 LYS A CD  1 
ATOM   833  C  CE  . LYS A 1 105 ? 9.179   15.678  -2.030  1.00 45.68  ? 134 LYS A CE  1 
ATOM   834  N  NZ  . LYS A 1 105 ? 9.991   16.863  -2.437  1.00 53.60  ? 134 LYS A NZ  1 
ATOM   835  N  N   . ILE A 1 106 ? 4.186   12.203  -1.289  1.00 30.56  ? 135 ILE A N   1 
ATOM   836  C  CA  . ILE A 1 106 ? 3.960   11.662  0.039   1.00 28.82  ? 135 ILE A CA  1 
ATOM   837  C  C   . ILE A 1 106 ? 5.230   10.880  0.412   1.00 27.00  ? 135 ILE A C   1 
ATOM   838  O  O   . ILE A 1 106 ? 5.708   10.034  -0.389  1.00 27.18  ? 135 ILE A O   1 
ATOM   839  C  CB  . ILE A 1 106 ? 2.752   10.659  -0.013  1.00 29.53  ? 135 ILE A CB  1 
ATOM   840  C  CG1 . ILE A 1 106 ? 1.412   11.410  -0.304  1.00 30.80  ? 135 ILE A CG1 1 
ATOM   841  C  CG2 . ILE A 1 106 ? 2.660   9.820   1.277   1.00 27.49  ? 135 ILE A CG2 1 
ATOM   842  C  CD1 . ILE A 1 106 ? 0.245   10.467  -0.704  1.00 29.39  ? 135 ILE A CD1 1 
ATOM   843  N  N   . GLU A 1 107 ? 5.774   11.191  1.579   1.00 25.98  ? 136 GLU A N   1 
ATOM   844  C  CA  . GLU A 1 107 ? 6.928   10.408  2.135   1.00 26.72  ? 136 GLU A CA  1 
ATOM   845  C  C   . GLU A 1 107 ? 6.583   9.953   3.517   1.00 29.10  ? 136 GLU A C   1 
ATOM   846  O  O   . GLU A 1 107 ? 6.358   10.797  4.406   1.00 27.71  ? 136 GLU A O   1 
ATOM   847  C  CB  . GLU A 1 107 ? 8.196   11.288  2.162   1.00 29.29  ? 136 GLU A CB  1 
ATOM   848  C  CG  . GLU A 1 107 ? 8.492   11.756  0.732   1.00 30.28  ? 136 GLU A CG  1 
ATOM   849  C  CD  . GLU A 1 107 ? 9.629   12.778  0.604   1.00 40.44  ? 136 GLU A CD  1 
ATOM   850  O  OE1 . GLU A 1 107 ? 9.887   13.530  1.570   1.00 44.78  ? 136 GLU A OE1 1 
ATOM   851  O  OE2 . GLU A 1 107 ? 10.303  12.789  -0.469  1.00 38.06  ? 136 GLU A OE2 1 
ATOM   852  N  N   . VAL A 1 108 ? 6.530   8.615   3.721   1.00 26.01  ? 137 VAL A N   1 
ATOM   853  C  CA  . VAL A 1 108 ? 6.044   8.080   4.992   1.00 25.84  ? 137 VAL A CA  1 
ATOM   854  C  C   . VAL A 1 108 ? 6.972   6.954   5.481   1.00 27.46  ? 137 VAL A C   1 
ATOM   855  O  O   . VAL A 1 108 ? 7.691   6.298   4.656   1.00 25.97  ? 137 VAL A O   1 
ATOM   856  C  CB  . VAL A 1 108 ? 4.618   7.489   4.815   1.00 25.93  ? 137 VAL A CB  1 
ATOM   857  C  CG1 . VAL A 1 108 ? 3.593   8.672   4.704   1.00 27.67  ? 137 VAL A CG1 1 
ATOM   858  C  CG2 . VAL A 1 108 ? 4.488   6.504   3.609   1.00 25.93  ? 137 VAL A CG2 1 
ATOM   859  N  N   . PHE A 1 109 ? 6.957   6.735   6.786   1.00 24.78  ? 138 PHE A N   1 
ATOM   860  C  CA  . PHE A 1 109 ? 7.651   5.609   7.338   1.00 25.76  ? 138 PHE A CA  1 
ATOM   861  C  C   . PHE A 1 109 ? 6.557   4.556   7.609   1.00 25.28  ? 138 PHE A C   1 
ATOM   862  O  O   . PHE A 1 109 ? 5.681   4.790   8.457   1.00 26.33  ? 138 PHE A O   1 
ATOM   863  C  CB  . PHE A 1 109 ? 8.318   5.975   8.649   1.00 26.72  ? 138 PHE A CB  1 
ATOM   864  C  CG  . PHE A 1 109 ? 9.264   4.886   9.118   1.00 26.79  ? 138 PHE A CG  1 
ATOM   865  C  CD1 . PHE A 1 109 ? 8.747   3.757   9.803   1.00 27.38  ? 138 PHE A CD1 1 
ATOM   866  C  CD2 . PHE A 1 109 ? 10.648  4.948   8.808   1.00 28.34  ? 138 PHE A CD2 1 
ATOM   867  C  CE1 . PHE A 1 109 ? 9.599   2.704   10.205  1.00 30.04  ? 138 PHE A CE1 1 
ATOM   868  C  CE2 . PHE A 1 109 ? 11.503  3.931   9.245   1.00 28.28  ? 138 PHE A CE2 1 
ATOM   869  C  CZ  . PHE A 1 109 ? 10.980  2.792   9.889   1.00 29.50  ? 138 PHE A CZ  1 
ATOM   870  N  N   . LEU A 1 110 ? 6.580   3.445   6.877   1.00 24.80  ? 139 LEU A N   1 
ATOM   871  C  CA  . LEU A 1 110 ? 5.513   2.449   7.064   1.00 25.09  ? 139 LEU A CA  1 
ATOM   872  C  C   . LEU A 1 110 ? 5.941   1.550   8.259   1.00 27.70  ? 139 LEU A C   1 
ATOM   873  O  O   . LEU A 1 110 ? 7.090   1.059   8.327   1.00 28.60  ? 139 LEU A O   1 
ATOM   874  C  CB  . LEU A 1 110 ? 5.389   1.562   5.829   1.00 23.53  ? 139 LEU A CB  1 
ATOM   875  C  CG  . LEU A 1 110 ? 4.954   2.322   4.560   1.00 23.89  ? 139 LEU A CG  1 
ATOM   876  C  CD1 . LEU A 1 110 ? 4.860   1.334   3.387   1.00 27.38  ? 139 LEU A CD1 1 
ATOM   877  C  CD2 . LEU A 1 110 ? 3.647   3.141   4.762   1.00 23.30  ? 139 LEU A CD2 1 
ATOM   878  N  N   . GLU A 1 111 ? 5.008   1.317   9.173   1.00 28.67  ? 140 GLU A N   1 
ATOM   879  C  CA  . GLU A 1 111 ? 5.233   0.414   10.312  1.00 29.32  ? 140 GLU A CA  1 
ATOM   880  C  C   . GLU A 1 111 ? 4.325   -0.803  10.155  1.00 30.01  ? 140 GLU A C   1 
ATOM   881  O  O   . GLU A 1 111 ? 3.247   -0.943  10.793  1.00 30.13  ? 140 GLU A O   1 
ATOM   882  C  CB  . GLU A 1 111 ? 4.878   1.162   11.605  1.00 33.85  ? 140 GLU A CB  1 
ATOM   883  C  CG  . GLU A 1 111 ? 5.730   2.432   11.765  1.00 41.21  ? 140 GLU A CG  1 
ATOM   884  C  CD  . GLU A 1 111 ? 5.148   3.458   12.735  1.00 58.76  ? 140 GLU A CD  1 
ATOM   885  O  OE1 . GLU A 1 111 ? 3.927   3.825   12.652  1.00 64.42  ? 140 GLU A OE1 1 
ATOM   886  O  OE2 . GLU A 1 111 ? 5.928   3.948   13.577  1.00 71.59  ? 140 GLU A OE2 1 
ATOM   887  N  N   . GLY A 1 112 ? 4.738   -1.690  9.287   1.00 26.61  ? 141 GLY A N   1 
ATOM   888  C  CA  . GLY A 1 112 ? 3.993   -2.890  9.024   1.00 26.94  ? 141 GLY A CA  1 
ATOM   889  C  C   . GLY A 1 112 ? 4.687   -4.132  9.616   1.00 29.31  ? 141 GLY A C   1 
ATOM   890  O  O   . GLY A 1 112 ? 5.732   -4.021  10.337  1.00 30.31  ? 141 GLY A O   1 
ATOM   891  N  N   . LYS A 1 113 ? 4.175   -5.305  9.268   1.00 31.62  ? 142 LYS A N   1 
ATOM   892  C  CA  . LYS A 1 113 ? 4.836   -6.558  9.592   1.00 32.67  ? 142 LYS A CA  1 
ATOM   893  C  C   . LYS A 1 113 ? 5.744   -6.967  8.446   1.00 35.13  ? 142 LYS A C   1 
ATOM   894  O  O   . LYS A 1 113 ? 6.763   -7.641  8.684   1.00 39.21  ? 142 LYS A O   1 
ATOM   895  C  CB  . LYS A 1 113 ? 3.831   -7.685  9.868   1.00 37.89  ? 142 LYS A CB  1 
ATOM   896  C  CG  . LYS A 1 113 ? 2.785   -7.312  10.923  1.00 43.86  ? 142 LYS A CG  1 
ATOM   897  C  CD  . LYS A 1 113 ? 3.354   -7.275  12.340  1.00 58.63  ? 142 LYS A CD  1 
ATOM   898  C  CE  . LYS A 1 113 ? 2.880   -8.482  13.148  1.00 67.93  ? 142 LYS A CE  1 
ATOM   899  N  NZ  . LYS A 1 113 ? 3.855   -8.737  14.238  1.00 73.17  ? 142 LYS A NZ  1 
ATOM   900  N  N   . LYS A 1 114 ? 5.410   -6.582  7.217   1.00 28.77  ? 143 LYS A N   1 
ATOM   901  C  CA  . LYS A 1 114 ? 6.240   -6.968  6.086   1.00 28.23  ? 143 LYS A CA  1 
ATOM   902  C  C   . LYS A 1 114 ? 7.096   -5.808  5.584   1.00 35.25  ? 143 LYS A C   1 
ATOM   903  O  O   . LYS A 1 114 ? 8.283   -5.995  5.209   1.00 35.49  ? 143 LYS A O   1 
ATOM   904  C  CB  . LYS A 1 114 ? 5.455   -7.592  4.941   1.00 29.56  ? 143 LYS A CB  1 
ATOM   905  C  CG  . LYS A 1 114 ? 4.711   -8.913  5.371   1.00 29.31  ? 143 LYS A CG  1 
ATOM   906  C  CD  . LYS A 1 114 ? 3.918   -9.459  4.208   1.00 29.95  ? 143 LYS A CD  1 
ATOM   907  C  CE  . LYS A 1 114 ? 3.088   -10.707 4.637   1.00 26.18  ? 143 LYS A CE  1 
ATOM   908  N  NZ  . LYS A 1 114 ? 2.164   -11.094 3.533   1.00 27.11  ? 143 LYS A NZ  1 
ATOM   909  N  N   . LEU A 1 115 ? 6.492   -4.630  5.514   1.00 28.43  ? 144 LEU A N   1 
ATOM   910  C  CA  . LEU A 1 115 ? 7.189   -3.394  5.125   1.00 27.46  ? 144 LEU A CA  1 
ATOM   911  C  C   . LEU A 1 115 ? 7.435   -2.550  6.337   1.00 30.20  ? 144 LEU A C   1 
ATOM   912  O  O   . LEU A 1 115 ? 6.516   -2.290  7.141   1.00 29.89  ? 144 LEU A O   1 
ATOM   913  C  CB  . LEU A 1 115 ? 6.325   -2.600  4.114   1.00 28.91  ? 144 LEU A CB  1 
ATOM   914  C  CG  . LEU A 1 115 ? 5.902   -3.165  2.772   1.00 31.05  ? 144 LEU A CG  1 
ATOM   915  C  CD1 . LEU A 1 115 ? 5.395   -1.998  1.932   1.00 28.73  ? 144 LEU A CD1 1 
ATOM   916  C  CD2 . LEU A 1 115 ? 7.150   -3.834  2.115   1.00 33.37  ? 144 LEU A CD2 1 
ATOM   917  N  N   . LYS A 1 116 ? 8.686   -2.146  6.542   1.00 28.72  ? 145 LYS A N   1 
ATOM   918  C  CA  . LYS A 1 116 ? 9.008   -1.311  7.705   1.00 31.49  ? 145 LYS A CA  1 
ATOM   919  C  C   . LYS A 1 116 ? 10.063  -0.399  7.284   1.00 36.69  ? 145 LYS A C   1 
ATOM   920  O  O   . LYS A 1 116 ? 11.245  -0.767  7.302   1.00 40.61  ? 145 LYS A O   1 
ATOM   921  C  CB  . LYS A 1 116 ? 9.668   -2.067  8.885   1.00 39.84  ? 145 LYS A CB  1 
ATOM   922  C  CG  . LYS A 1 116 ? 9.151   -3.402  9.315   1.00 50.92  ? 145 LYS A CG  1 
ATOM   923  C  CD  . LYS A 1 116 ? 9.775   -3.711  10.696  1.00 58.40  ? 145 LYS A CD  1 
ATOM   924  C  CE  . LYS A 1 116 ? 9.515   -5.159  11.119  1.00 64.92  ? 145 LYS A CE  1 
ATOM   925  N  NZ  . LYS A 1 116 ? 8.128   -5.345  11.645  1.00 59.39  ? 145 LYS A NZ  1 
ATOM   926  N  N   . GLY A 1 117 ? 9.702   0.809   6.958   1.00 27.27  ? 146 GLY A N   1 
ATOM   927  C  CA  . GLY A 1 117 ? 10.755  1.768   6.574   1.00 26.51  ? 146 GLY A CA  1 
ATOM   928  C  C   . GLY A 1 117 ? 10.173  2.833   5.672   1.00 27.03  ? 146 GLY A C   1 
ATOM   929  O  O   . GLY A 1 117 ? 8.937   2.919   5.520   1.00 26.11  ? 146 GLY A O   1 
ATOM   930  N  N   . SER A 1 118 ? 11.047  3.687   5.148   1.00 24.27  ? 147 SER A N   1 
ATOM   931  C  CA  . SER A 1 118 ? 10.613  4.867   4.413   1.00 25.39  ? 147 SER A CA  1 
ATOM   932  C  C   . SER A 1 118 ? 10.238  4.565   2.965   1.00 29.54  ? 147 SER A C   1 
ATOM   933  O  O   . SER A 1 118 ? 11.006  3.899   2.257   1.00 27.31  ? 147 SER A O   1 
ATOM   934  C  CB  . SER A 1 118 ? 11.710  5.936   4.532   1.00 28.86  ? 147 SER A CB  1 
ATOM   935  O  OG  . SER A 1 118 ? 12.905  5.374   4.019   1.00 27.52  ? 147 SER A OG  1 
ATOM   936  N  N   . TYR A 1 119 ? 9.041   5.035   2.535   1.00 25.42  ? 148 TYR A N   1 
ATOM   937  C  CA  . TYR A 1 119 ? 8.510   4.839   1.195   1.00 24.92  ? 148 TYR A CA  1 
ATOM   938  C  C   . TYR A 1 119 ? 7.922   6.167   0.698   1.00 23.22  ? 148 TYR A C   1 
ATOM   939  O  O   . TYR A 1 119 ? 7.473   7.005   1.502   1.00 25.72  ? 148 TYR A O   1 
ATOM   940  C  CB  . TYR A 1 119 ? 7.378   3.758   1.109   1.00 27.13  ? 148 TYR A CB  1 
ATOM   941  C  CG  . TYR A 1 119 ? 7.944   2.358   1.197   1.00 25.48  ? 148 TYR A CG  1 
ATOM   942  C  CD1 . TYR A 1 119 ? 8.292   1.814   2.426   1.00 24.43  ? 148 TYR A CD1 1 
ATOM   943  C  CD2 . TYR A 1 119 ? 8.121   1.614   0.015   1.00 29.39  ? 148 TYR A CD2 1 
ATOM   944  C  CE1 . TYR A 1 119 ? 8.846   0.532   2.507   1.00 28.88  ? 148 TYR A CE1 1 
ATOM   945  C  CE2 . TYR A 1 119 ? 8.663   0.332   0.071   1.00 30.98  ? 148 TYR A CE2 1 
ATOM   946  C  CZ  . TYR A 1 119 ? 9.019   -0.168  1.303   1.00 30.35  ? 148 TYR A CZ  1 
ATOM   947  O  OH  . TYR A 1 119 ? 9.555   -1.442  1.380   1.00 33.85  ? 148 TYR A OH  1 
ATOM   948  N  N   . ALA A 1 120 ? 8.055   6.349   -0.617  1.00 23.94  ? 149 ALA A N   1 
ATOM   949  C  CA  . ALA A 1 120 ? 7.516   7.573   -1.301  1.00 27.42  ? 149 ALA A CA  1 
ATOM   950  C  C   . ALA A 1 120 ? 6.400   7.180   -2.285  1.00 25.02  ? 149 ALA A C   1 
ATOM   951  O  O   . ALA A 1 120 ? 6.457   6.141   -2.999  1.00 29.01  ? 149 ALA A O   1 
ATOM   952  C  CB  . ALA A 1 120 ? 8.614   8.315   -2.043  1.00 27.74  ? 149 ALA A CB  1 
ATOM   953  N  N   . LEU A 1 121 ? 5.436   8.094   -2.413  1.00 26.50  ? 150 LEU A N   1 
ATOM   954  C  CA  . LEU A 1 121 ? 4.362   8.000   -3.421  1.00 26.50  ? 150 LEU A CA  1 
ATOM   955  C  C   . LEU A 1 121 ? 4.388   9.362   -4.150  1.00 26.74  ? 150 LEU A C   1 
ATOM   956  O  O   . LEU A 1 121 ? 4.192   10.369  -3.493  1.00 29.95  ? 150 LEU A O   1 
ATOM   957  C  CB  . LEU A 1 121 ? 2.980   7.878   -2.738  1.00 28.86  ? 150 LEU A CB  1 
ATOM   958  C  CG  . LEU A 1 121 ? 2.562   6.447   -2.487  1.00 33.34  ? 150 LEU A CG  1 
ATOM   959  C  CD1 . LEU A 1 121 ? 1.383   6.534   -1.484  1.00 33.64  ? 150 LEU A CD1 1 
ATOM   960  C  CD2 . LEU A 1 121 ? 2.144   5.744   -3.786  1.00 28.14  ? 150 LEU A CD2 1 
ATOM   961  N  N   . ILE A 1 122 ? 4.678   9.336   -5.453  1.00 28.65  ? 151 ILE A N   1 
ATOM   962  C  CA  . ILE A 1 122 ? 4.898   10.624  -6.187  1.00 30.64  ? 151 ILE A CA  1 
ATOM   963  C  C   . ILE A 1 122 ? 3.906   10.713  -7.324  1.00 30.62  ? 151 ILE A C   1 
ATOM   964  O  O   . ILE A 1 122 ? 3.913   9.827   -8.206  1.00 32.67  ? 151 ILE A O   1 
ATOM   965  C  CB  . ILE A 1 122 ? 6.345   10.664  -6.808  1.00 31.50  ? 151 ILE A CB  1 
ATOM   966  C  CG1 . ILE A 1 122 ? 7.395   10.550  -5.667  1.00 33.40  ? 151 ILE A CG1 1 
ATOM   967  C  CG2 . ILE A 1 122 ? 6.566   12.002  -7.614  1.00 34.41  ? 151 ILE A CG2 1 
ATOM   968  C  CD1 . ILE A 1 122 ? 7.296   11.674  -4.648  1.00 33.97  ? 151 ILE A CD1 1 
ATOM   969  N  N   . ARG A 1 123 ? 3.101   11.810  -7.378  1.00 31.05  ? 152 ARG A N   1 
ATOM   970  C  CA  . ARG A 1 123 ? 2.070   11.856  -8.428  1.00 30.83  ? 152 ARG A CA  1 
ATOM   971  C  C   . ARG A 1 123 ? 2.724   12.225  -9.773  1.00 40.25  ? 152 ARG A C   1 
ATOM   972  O  O   . ARG A 1 123 ? 3.674   13.000  -9.792  1.00 39.32  ? 152 ARG A O   1 
ATOM   973  C  CB  . ARG A 1 123 ? 0.976   12.852  -8.102  1.00 32.62  ? 152 ARG A CB  1 
ATOM   974  C  CG  . ARG A 1 123 ? -0.072  12.824  -9.190  1.00 37.71  ? 152 ARG A CG  1 
ATOM   975  C  CD  . ARG A 1 123 ? -1.285  13.581  -8.717  1.00 42.26  ? 152 ARG A CD  1 
ATOM   976  N  NE  . ARG A 1 123 ? -0.890  14.933  -8.417  1.00 46.40  ? 152 ARG A NE  1 
ATOM   977  C  CZ  . ARG A 1 123 ? -1.314  15.585  -7.340  1.00 48.64  ? 152 ARG A CZ  1 
ATOM   978  N  NH1 . ARG A 1 123 ? -2.105  14.974  -6.445  1.00 48.24  ? 152 ARG A NH1 1 
ATOM   979  N  NH2 . ARG A 1 123 ? -0.907  16.831  -7.141  1.00 48.49  ? 152 ARG A NH2 1 
ATOM   980  N  N   . THR A 1 124 ? 2.270   11.615  -10.873 1.00 50.37  ? 153 THR A N   1 
ATOM   981  C  CA  . THR A 1 124 ? 2.775   11.981  -12.206 1.00 52.89  ? 153 THR A CA  1 
ATOM   982  C  C   . THR A 1 124 ? 1.663   12.677  -13.052 1.00 60.23  ? 153 THR A C   1 
ATOM   983  O  O   . THR A 1 124 ? 0.482   12.522  -12.767 1.00 56.57  ? 153 THR A O   1 
ATOM   984  C  CB  . THR A 1 124 ? 3.316   10.780  -12.987 1.00 51.20  ? 153 THR A CB  1 
ATOM   985  O  OG1 . THR A 1 124 ? 2.260   10.151  -13.724 1.00 43.50  ? 153 THR A OG1 1 
ATOM   986  C  CG2 . THR A 1 124 ? 4.021   9.746   -12.068 1.00 42.12  ? 153 THR A CG2 1 
ATOM   987  N  N   . GLY A 1 125 ? 2.032   13.410  -14.102 1.00 63.49  ? 154 GLY A N   1 
ATOM   988  C  CA  . GLY A 1 125 ? 1.015   14.104  -14.921 1.00 68.64  ? 154 GLY A CA  1 
ATOM   989  C  C   . GLY A 1 125 ? 0.552   13.278  -16.118 1.00 65.70  ? 154 GLY A C   1 
ATOM   990  O  O   . GLY A 1 125 ? -0.548  13.503  -16.685 1.00 60.49  ? 154 GLY A O   1 
ATOM   991  N  N   . GLY A 1 126 ? 1.394   12.311  -16.494 1.00 58.31  ? 155 GLY A N   1 
ATOM   992  C  CA  . GLY A 1 126 ? 1.268   11.639  -17.782 1.00 54.56  ? 155 GLY A CA  1 
ATOM   993  C  C   . GLY A 1 126 ? 1.452   10.129  -17.823 1.00 60.67  ? 155 GLY A C   1 
ATOM   994  O  O   . GLY A 1 126 ? 1.508   9.569   -18.929 1.00 55.59  ? 155 GLY A O   1 
ATOM   995  N  N   . ILE A 1 127 ? 1.558   9.465   -16.655 1.00 48.67  ? 156 ILE A N   1 
ATOM   996  C  CA  . ILE A 1 127 ? 1.476   8.006   -16.655 1.00 45.53  ? 156 ILE A CA  1 
ATOM   997  C  C   . ILE A 1 127 ? -0.008  7.630   -16.716 1.00 51.91  ? 156 ILE A C   1 
ATOM   998  O  O   . ILE A 1 127 ? -0.875  8.301   -16.046 1.00 45.39  ? 156 ILE A O   1 
ATOM   999  C  CB  . ILE A 1 127 ? 2.219   7.372   -15.463 1.00 50.50  ? 156 ILE A CB  1 
ATOM   1000 C  CG1 . ILE A 1 127 ? 3.745   7.402   -15.736 1.00 42.45  ? 156 ILE A CG1 1 
ATOM   1001 C  CG2 . ILE A 1 127 ? 1.771   5.933   -15.214 1.00 48.42  ? 156 ILE A CG2 1 
ATOM   1002 C  CD1 . ILE A 1 127 ? 4.535   6.870   -14.559 1.00 47.31  ? 156 ILE A CD1 1 
ATOM   1003 N  N   . GLU A 1 128 ? -0.285  6.596   -17.548 1.00 54.59  ? 157 GLU A N   1 
ATOM   1004 C  CA  . GLU A 1 128 ? -1.640  6.060   -17.800 1.00 54.47  ? 157 GLU A CA  1 
ATOM   1005 C  C   . GLU A 1 128 ? -2.352  5.760   -16.470 1.00 58.56  ? 157 GLU A C   1 
ATOM   1006 O  O   . GLU A 1 128 ? -1.680  5.476   -15.449 1.00 52.48  ? 157 GLU A O   1 
ATOM   1007 C  CB  . GLU A 1 128 ? -1.401  4.636   -18.412 0.00 61.40  ? 157 GLU A CB  1 
ATOM   1008 C  CG  . GLU A 1 128 ? -1.452  4.568   -19.939 0.00 72.07  ? 157 GLU A CG  1 
ATOM   1009 C  CD  . GLU A 1 128 ? -1.590  3.137   -20.482 0.00 83.87  ? 157 GLU A CD  1 
ATOM   1010 O  OE1 . GLU A 1 128 ? -2.459  2.397   -19.996 0.00 91.65  ? 157 GLU A OE1 1 
ATOM   1011 O  OE2 . GLU A 1 128 ? -0.828  2.722   -21.399 0.00 90.20  ? 157 GLU A OE2 1 
ATOM   1012 N  N   . LYS A 1 129 ? -3.691  5.853   -16.472 1.00 59.02  ? 158 LYS A N   1 
ATOM   1013 C  CA  . LYS A 1 129 ? -4.531  5.576   -15.272 1.00 53.88  ? 158 LYS A CA  1 
ATOM   1014 C  C   . LYS A 1 129 ? -4.171  6.476   -14.068 1.00 56.61  ? 158 LYS A C   1 
ATOM   1015 O  O   . LYS A 1 129 ? -4.190  5.977   -12.931 1.00 52.60  ? 158 LYS A O   1 
ATOM   1016 C  CB  . LYS A 1 129 ? -4.465  4.296   -15.012 0.00 61.87  ? 158 LYS A CB  1 
ATOM   1017 C  CG  . LYS A 1 129 ? -5.035  3.323   -16.033 0.00 70.81  ? 158 LYS A CG  1 
ATOM   1018 C  CD  . LYS A 1 129 ? -5.357  1.998   -15.350 0.00 71.96  ? 158 LYS A CD  1 
ATOM   1019 C  CE  . LYS A 1 129 ? -6.052  1.010   -16.260 0.00 74.21  ? 158 LYS A CE  1 
ATOM   1020 N  NZ  . LYS A 1 129 ? -6.681  -0.106  -15.507 0.00 70.27  ? 158 LYS A NZ  1 
ATOM   1021 N  N   . ARG A 1 130 ? -3.836  7.768   -14.322 1.00 52.31  ? 159 ARG A N   1 
ATOM   1022 C  CA  . ARG A 1 130 ? -3.401  8.778   -13.301 1.00 48.23  ? 159 ARG A CA  1 
ATOM   1023 C  C   . ARG A 1 130 ? -2.299  8.241   -12.375 1.00 46.86  ? 159 ARG A C   1 
ATOM   1024 O  O   . ARG A 1 130 ? -2.334  8.465   -11.130 1.00 43.03  ? 159 ARG A O   1 
ATOM   1025 C  CB  . ARG A 1 130 ? -4.547  9.239   -12.402 1.00 50.93  ? 159 ARG A CB  1 
ATOM   1026 C  CG  . ARG A 1 130 ? -5.679  10.036  -13.013 1.00 65.15  ? 159 ARG A CG  1 
ATOM   1027 C  CD  . ARG A 1 130 ? -6.593  10.512  -11.878 1.00 74.91  ? 159 ARG A CD  1 
ATOM   1028 N  NE  . ARG A 1 130 ? -7.729  11.299  -12.384 1.00 87.83  ? 159 ARG A NE  1 
ATOM   1029 C  CZ  . ARG A 1 130 ? -7.716  12.613  -12.635 1.00 83.56  ? 159 ARG A CZ  1 
ATOM   1030 N  NH1 . ARG A 1 130 ? -6.615  13.351  -12.426 1.00 71.80  ? 159 ARG A NH1 1 
ATOM   1031 N  NH2 . ARG A 1 130 ? -8.817  13.193  -13.107 1.00 78.94  ? 159 ARG A NH2 1 
ATOM   1032 N  N   . GLY A 1 131 ? -1.357  7.516   -12.965 1.00 41.32  ? 160 GLY A N   1 
ATOM   1033 C  CA  . GLY A 1 131 ? -0.275  6.930   -12.224 1.00 42.12  ? 160 GLY A CA  1 
ATOM   1034 C  C   . GLY A 1 131 ? 0.447   7.796   -11.200 1.00 39.08  ? 160 GLY A C   1 
ATOM   1035 O  O   . GLY A 1 131 ? 0.663   9.015   -11.355 1.00 40.91  ? 160 GLY A O   1 
ATOM   1036 N  N   . TRP A 1 132 ? 0.843   7.136   -10.122 1.00 30.75  ? 161 TRP A N   1 
ATOM   1037 C  CA  . TRP A 1 132 ? 1.830   7.678   -9.196  1.00 27.99  ? 161 TRP A CA  1 
ATOM   1038 C  C   . TRP A 1 132 ? 2.932   6.659   -9.220  1.00 27.35  ? 161 TRP A C   1 
ATOM   1039 O  O   . TRP A 1 132 ? 2.746   5.552   -9.673  1.00 29.91  ? 161 TRP A O   1 
ATOM   1040 C  CB  . TRP A 1 132 ? 1.253   7.692   -7.773  1.00 27.95  ? 161 TRP A CB  1 
ATOM   1041 C  CG  . TRP A 1 132 ? 0.140   8.679   -7.491  1.00 24.97  ? 161 TRP A CG  1 
ATOM   1042 C  CD1 . TRP A 1 132 ? -1.018  8.835   -8.173  1.00 29.32  ? 161 TRP A CD1 1 
ATOM   1043 C  CD2 . TRP A 1 132 ? 0.106   9.589   -6.397  1.00 25.64  ? 161 TRP A CD2 1 
ATOM   1044 N  NE1 . TRP A 1 132 ? -1.779  9.854   -7.594  1.00 29.06  ? 161 TRP A NE1 1 
ATOM   1045 C  CE2 . TRP A 1 132 ? -1.128  10.305  -6.475  1.00 26.35  ? 161 TRP A CE2 1 
ATOM   1046 C  CE3 . TRP A 1 132 ? 1.020   9.890   -5.367  1.00 26.85  ? 161 TRP A CE3 1 
ATOM   1047 C  CZ2 . TRP A 1 132 ? -1.490  11.295  -5.539  1.00 28.84  ? 161 TRP A CZ2 1 
ATOM   1048 C  CZ3 . TRP A 1 132 ? 0.690   10.888  -4.412  1.00 29.25  ? 161 TRP A CZ3 1 
ATOM   1049 C  CH2 . TRP A 1 132 ? -0.566  11.596  -4.514  1.00 31.52  ? 161 TRP A CH2 1 
ATOM   1050 N  N   . LEU A 1 133 ? 4.106   7.075   -8.751  1.00 27.76  ? 162 LEU A N   1 
ATOM   1051 C  CA  . LEU A 1 133 ? 5.249   6.171   -8.642  1.00 29.96  ? 162 LEU A CA  1 
ATOM   1052 C  C   . LEU A 1 133 ? 5.274   5.816   -7.131  1.00 27.08  ? 162 LEU A C   1 
ATOM   1053 O  O   . LEU A 1 133 ? 5.086   6.696   -6.304  1.00 29.51  ? 162 LEU A O   1 
ATOM   1054 C  CB  . LEU A 1 133 ? 6.527   6.966   -8.898  1.00 30.65  ? 162 LEU A CB  1 
ATOM   1055 C  CG  . LEU A 1 133 ? 6.670   7.548   -10.323 1.00 36.08  ? 162 LEU A CG  1 
ATOM   1056 C  CD1 . LEU A 1 133 ? 7.991   8.314   -10.368 1.00 37.11  ? 162 LEU A CD1 1 
ATOM   1057 C  CD2 . LEU A 1 133 ? 6.581   6.363   -11.273 1.00 33.10  ? 162 LEU A CD2 1 
ATOM   1058 N  N   . PHE A 1 134 ? 5.527   4.544   -6.806  1.00 24.82  ? 163 PHE A N   1 
ATOM   1059 C  CA  . PHE A 1 134 ? 5.588   4.110   -5.426  1.00 23.79  ? 163 PHE A CA  1 
ATOM   1060 C  C   . PHE A 1 134 ? 6.972   3.441   -5.267  1.00 25.90  ? 163 PHE A C   1 
ATOM   1061 O  O   . PHE A 1 134 ? 7.278   2.486   -5.991  1.00 27.87  ? 163 PHE A O   1 
ATOM   1062 C  CB  . PHE A 1 134 ? 4.482   3.054   -5.201  1.00 25.11  ? 163 PHE A CB  1 
ATOM   1063 C  CG  . PHE A 1 134 ? 4.532   2.330   -3.865  1.00 28.78  ? 163 PHE A CG  1 
ATOM   1064 C  CD1 . PHE A 1 134 ? 4.701   3.015   -2.659  1.00 29.17  ? 163 PHE A CD1 1 
ATOM   1065 C  CD2 . PHE A 1 134 ? 4.288   0.956   -3.827  1.00 31.81  ? 163 PHE A CD2 1 
ATOM   1066 C  CE1 . PHE A 1 134 ? 4.683   2.340   -1.433  1.00 27.42  ? 163 PHE A CE1 1 
ATOM   1067 C  CE2 . PHE A 1 134 ? 4.255   0.265   -2.622  1.00 33.88  ? 163 PHE A CE2 1 
ATOM   1068 C  CZ  . PHE A 1 134 ? 4.463   0.956   -1.402  1.00 31.72  ? 163 PHE A CZ  1 
ATOM   1069 N  N   . PHE A 1 135 ? 7.783   3.938   -4.360  1.00 25.66  ? 164 PHE A N   1 
ATOM   1070 C  CA  . PHE A 1 135 ? 9.109   3.278   -4.218  1.00 26.31  ? 164 PHE A CA  1 
ATOM   1071 C  C   . PHE A 1 135 ? 9.647   3.375   -2.793  1.00 26.08  ? 164 PHE A C   1 
ATOM   1072 O  O   . PHE A 1 135 ? 9.380   4.316   -2.041  1.00 24.77  ? 164 PHE A O   1 
ATOM   1073 C  CB  . PHE A 1 135 ? 10.137  3.834   -5.299  1.00 26.90  ? 164 PHE A CB  1 
ATOM   1074 C  CG  . PHE A 1 135 ? 10.272  5.292   -5.274  1.00 27.27  ? 164 PHE A CG  1 
ATOM   1075 C  CD1 . PHE A 1 135 ? 11.241  5.910   -4.445  1.00 29.27  ? 164 PHE A CD1 1 
ATOM   1076 C  CD2 . PHE A 1 135 ? 9.429   6.114   -6.077  1.00 30.42  ? 164 PHE A CD2 1 
ATOM   1077 C  CE1 . PHE A 1 135 ? 11.384  7.303   -4.419  1.00 33.13  ? 164 PHE A CE1 1 
ATOM   1078 C  CE2 . PHE A 1 135 ? 9.577   7.503   -6.040  1.00 31.53  ? 164 PHE A CE2 1 
ATOM   1079 C  CZ  . PHE A 1 135 ? 10.534  8.109   -5.224  1.00 34.28  ? 164 PHE A CZ  1 
ATOM   1080 N  N   . LYS A 1 136 ? 10.475  2.377   -2.477  1.00 26.93  ? 165 LYS A N   1 
ATOM   1081 C  CA  . LYS A 1 136 ? 11.295  2.454   -1.256  1.00 27.23  ? 165 LYS A CA  1 
ATOM   1082 C  C   . LYS A 1 136 ? 12.223  3.649   -1.356  1.00 29.21  ? 165 LYS A C   1 
ATOM   1083 O  O   . LYS A 1 136 ? 12.857  3.895   -2.400  1.00 29.50  ? 165 LYS A O   1 
ATOM   1084 C  CB  . LYS A 1 136 ? 12.097  1.150   -1.134  1.00 25.03  ? 165 LYS A CB  1 
ATOM   1085 C  CG  . LYS A 1 136 ? 13.143  1.133   0.050   1.00 22.55  ? 165 LYS A CG  1 
ATOM   1086 C  CD  . LYS A 1 136 ? 12.435  0.960   1.434   1.00 23.79  ? 165 LYS A CD  1 
ATOM   1087 C  CE  . LYS A 1 136 ? 13.403  1.424   2.571   1.00 28.08  ? 165 LYS A CE  1 
ATOM   1088 N  NZ  . LYS A 1 136 ? 13.602  2.919   2.668   1.00 27.15  ? 165 LYS A NZ  1 
ATOM   1089 N  N   . MET A 1 137 ? 12.323  4.423   -0.282  1.00 24.21  ? 166 MET A N   1 
ATOM   1090 C  CA  . MET A 1 137 ? 13.214  5.583   -0.304  1.00 26.53  ? 166 MET A CA  1 
ATOM   1091 C  C   . MET A 1 137 ? 14.683  5.106   -0.083  1.00 27.33  ? 166 MET A C   1 
ATOM   1092 O  O   . MET A 1 137 ? 14.951  4.099   0.556   1.00 28.53  ? 166 MET A O   1 
ATOM   1093 C  CB  . MET A 1 137 ? 12.828  6.656   0.691   1.00 26.13  ? 166 MET A CB  1 
ATOM   1094 C  CG  . MET A 1 137 ? 11.530  7.375   0.228   1.00 27.07  ? 166 MET A CG  1 
ATOM   1095 S  SD  . MET A 1 137 ? 10.857  8.435   1.515   1.00 33.63  ? 166 MET A SD  1 
ATOM   1096 C  CE  . MET A 1 137 ? 12.049  9.805   1.415   1.00 31.90  ? 166 MET A CE  1 
ATOM   1097 N  N   . LYS A 1 138 ? 15.602  5.841   -0.693  1.00 30.31  ? 167 LYS A N   1 
ATOM   1098 C  CA  . LYS A 1 138 ? 16.990  5.424   -0.705  1.00 31.03  ? 167 LYS A CA  1 
ATOM   1099 C  C   . LYS A 1 138 ? 17.574  5.543   0.726   1.00 32.63  ? 167 LYS A C   1 
ATOM   1100 O  O   . LYS A 1 138 ? 17.359  6.522   1.438   1.00 34.11  ? 167 LYS A O   1 
ATOM   1101 C  CB  . LYS A 1 138 ? 17.756  6.343   -1.662  1.00 37.29  ? 167 LYS A CB  1 
ATOM   1102 C  CG  . LYS A 1 138 ? 19.281  6.152   -1.614  1.00 42.58  ? 167 LYS A CG  1 
ATOM   1103 C  CD  . LYS A 1 138 ? 19.940  6.934   -2.746  1.00 53.47  ? 167 LYS A CD  1 
ATOM   1104 C  CE  . LYS A 1 138 ? 21.419  6.545   -2.903  1.00 62.15  ? 167 LYS A CE  1 
ATOM   1105 N  NZ  . LYS A 1 138 ? 21.929  7.038   -4.215  1.00 66.89  ? 167 LYS A NZ  1 
ATOM   1106 N  N   . GLU A 1 139 ? 18.287  4.519   1.133   1.00 34.60  ? 168 GLU A N   1 
ATOM   1107 C  CA  . GLU A 1 139 ? 19.031  4.568   2.421   1.00 32.17  ? 168 GLU A CA  1 
ATOM   1108 C  C   . GLU A 1 139 ? 20.151  3.560   2.240   1.00 36.11  ? 168 GLU A C   1 
ATOM   1109 O  O   . GLU A 1 139 ? 20.082  2.715   1.304   1.00 37.27  ? 168 GLU A O   1 
ATOM   1110 C  CB  . GLU A 1 139 ? 18.123  4.136   3.563   1.00 30.42  ? 168 GLU A CB  1 
ATOM   1111 C  CG  . GLU A 1 139 ? 17.517  2.778   3.356   1.00 34.60  ? 168 GLU A CG  1 
ATOM   1112 C  CD  . GLU A 1 139 ? 16.650  2.340   4.555   1.00 41.74  ? 168 GLU A CD  1 
ATOM   1113 O  OE1 . GLU A 1 139 ? 17.128  1.616   5.452   1.00 48.48  ? 168 GLU A OE1 1 
ATOM   1114 O  OE2 . GLU A 1 139 ? 15.500  2.785   4.688   1.00 43.54  ? 168 GLU A OE2 1 
ATOM   1115 N  N   . PRO A 1 140 ? 21.160  3.569   3.162   1.00 42.10  ? 169 PRO A N   1 
ATOM   1116 C  CA  . PRO A 1 140 ? 22.273  2.607   3.041   1.00 41.31  ? 169 PRO A CA  1 
ATOM   1117 C  C   . PRO A 1 140 ? 21.853  1.151   3.112   1.00 39.12  ? 169 PRO A C   1 
ATOM   1118 O  O   . PRO A 1 140 ? 20.958  0.729   3.873   1.00 40.29  ? 169 PRO A O   1 
ATOM   1119 C  CB  . PRO A 1 140 ? 23.222  2.997   4.204   1.00 43.99  ? 169 PRO A CB  1 
ATOM   1120 C  CG  . PRO A 1 140 ? 22.969  4.460   4.453   1.00 42.14  ? 169 PRO A CG  1 
ATOM   1121 C  CD  . PRO A 1 140 ? 21.471  4.683   4.087   1.00 42.11  ? 169 PRO A CD  1 
ATOM   1122 N  N   . HIS A 1 141 ? 22.458  0.351   2.262   1.00 38.06  ? 170 HIS A N   1 
ATOM   1123 C  CA  . HIS A 1 141 ? 22.143  -1.087  2.224   1.00 38.67  ? 170 HIS A CA  1 
ATOM   1124 C  C   . HIS A 1 141 ? 23.321  -1.724  1.468   1.00 50.08  ? 170 HIS A C   1 
ATOM   1125 O  O   . HIS A 1 141 ? 23.833  -1.131  0.509   1.00 53.30  ? 170 HIS A O   1 
ATOM   1126 C  CB  . HIS A 1 141 ? 20.809  -1.327  1.457   1.00 40.70  ? 170 HIS A CB  1 
ATOM   1127 C  CG  . HIS A 1 141 ? 20.392  -2.764  1.323   1.00 35.80  ? 170 HIS A CG  1 
ATOM   1128 N  ND1 . HIS A 1 141 ? 19.604  -3.408  2.255   1.00 41.28  ? 170 HIS A ND1 1 
ATOM   1129 C  CD2 . HIS A 1 141 ? 20.613  -3.669  0.337   1.00 37.86  ? 170 HIS A CD2 1 
ATOM   1130 C  CE1 . HIS A 1 141 ? 19.342  -4.640  1.846   1.00 39.29  ? 170 HIS A CE1 1 
ATOM   1131 N  NE2 . HIS A 1 141 ? 19.955  -4.824  0.687   1.00 41.43  ? 170 HIS A NE2 1 
ATOM   1132 N  N   . GLU A 1 142 ? 23.758  -2.900  1.912   1.00 59.85  ? 171 GLU A N   1 
ATOM   1133 C  CA  . GLU A 1 142 ? 24.780  -3.658  1.205   1.00 62.09  ? 171 GLU A CA  1 
ATOM   1134 C  C   . GLU A 1 142 ? 24.067  -4.947  0.911   1.00 59.65  ? 171 GLU A C   1 
ATOM   1135 O  O   . GLU A 1 142 ? 23.326  -5.452  1.743   1.00 62.38  ? 171 GLU A O   1 
ATOM   1136 C  CB  . GLU A 1 142 ? 25.911  -3.779  2.050   0.00 20.00  ? 171 GLU A CB  1 
ATOM   1137 C  CG  . GLU A 1 142 ? 26.556  -2.420  2.330   0.00 20.00  ? 171 GLU A CG  1 
ATOM   1138 C  CD  . GLU A 1 142 ? 26.999  -1.673  1.086   0.00 20.00  ? 171 GLU A CD  1 
ATOM   1139 O  OE1 . GLU A 1 142 ? 27.533  -2.301  0.142   0.00 20.00  ? 171 GLU A OE1 1 
ATOM   1140 O  OE2 . GLU A 1 142 ? 26.792  -0.449  1.040   0.00 20.00  ? 171 GLU A OE2 1 
ATOM   1141 N  N   . GLY A 1 143 ? 24.259  -5.481  -0.279  1.00 56.92  ? 172 GLY A N   1 
ATOM   1142 C  CA  . GLY A 1 143 ? 23.660  -6.773  -0.568  1.00 58.81  ? 172 GLY A CA  1 
ATOM   1143 C  C   . GLY A 1 143 ? 22.490  -6.614  -1.501  1.00 56.66  ? 172 GLY A C   1 
ATOM   1144 O  O   . GLY A 1 143 ? 22.115  -5.475  -1.868  1.00 59.01  ? 172 GLY A O   1 
ATOM   1145 N  N   . SER A 1 144 ? 21.961  -7.759  -1.923  1.00 51.26  ? 173 SER A N   1 
ATOM   1146 C  CA  . SER A 1 144 ? 20.785  -7.806  -2.792  1.00 54.73  ? 173 SER A CA  1 
ATOM   1147 C  C   . SER A 1 144 ? 19.555  -7.661  -1.893  1.00 46.28  ? 173 SER A C   1 
ATOM   1148 O  O   . SER A 1 144 ? 19.674  -7.676  -0.676  1.00 42.33  ? 173 SER A O   1 
ATOM   1149 C  CB  . SER A 1 144 ? 20.729  -9.135  -3.515  1.00 56.38  ? 173 SER A CB  1 
ATOM   1150 O  OG  . SER A 1 144 ? 20.776  -10.157 -2.544  1.00 63.49  ? 173 SER A OG  1 
ATOM   1151 N  N   . TYR A 1 145 ? 18.387  -7.514  -2.486  1.00 42.90  ? 174 TYR A N   1 
ATOM   1152 C  CA  . TYR A 1 145 ? 17.189  -7.279  -1.694  1.00 37.09  ? 174 TYR A CA  1 
ATOM   1153 C  C   . TYR A 1 145 ? 16.309  -8.458  -1.790  1.00 39.04  ? 174 TYR A C   1 
ATOM   1154 O  O   . TYR A 1 145 ? 16.165  -9.046  -2.864  1.00 42.94  ? 174 TYR A O   1 
ATOM   1155 C  CB  . TYR A 1 145 ? 16.434  -6.099  -2.306  1.00 35.44  ? 174 TYR A CB  1 
ATOM   1156 C  CG  . TYR A 1 145 ? 17.078  -4.804  -2.017  1.00 31.74  ? 174 TYR A CG  1 
ATOM   1157 C  CD1 . TYR A 1 145 ? 16.766  -4.086  -0.853  1.00 30.25  ? 174 TYR A CD1 1 
ATOM   1158 C  CD2 . TYR A 1 145 ? 17.998  -4.248  -2.929  1.00 35.48  ? 174 TYR A CD2 1 
ATOM   1159 C  CE1 . TYR A 1 145 ? 17.394  -2.857  -0.592  1.00 33.18  ? 174 TYR A CE1 1 
ATOM   1160 C  CE2 . TYR A 1 145 ? 18.638  -3.050  -2.677  1.00 32.39  ? 174 TYR A CE2 1 
ATOM   1161 C  CZ  . TYR A 1 145 ? 18.338  -2.353  -1.504  1.00 34.50  ? 174 TYR A CZ  1 
ATOM   1162 O  OH  . TYR A 1 145 ? 18.939  -1.153  -1.308  1.00 34.08  ? 174 TYR A OH  1 
ATOM   1163 N  N   . GLU A 1 146 ? 15.733  -8.840  -0.668  1.00 38.87  ? 175 GLU A N   1 
ATOM   1164 C  CA  . GLU A 1 146 ? 14.650  -9.794  -0.666  1.00 39.08  ? 175 GLU A CA  1 
ATOM   1165 C  C   . GLU A 1 146 ? 13.477  -9.408  -1.633  1.00 42.46  ? 175 GLU A C   1 
ATOM   1166 O  O   . GLU A 1 146 ? 13.150  -8.239  -1.767  1.00 41.48  ? 175 GLU A O   1 
ATOM   1167 C  CB  . GLU A 1 146 ? 14.104  -9.836  0.759   1.00 45.29  ? 175 GLU A CB  1 
ATOM   1168 C  CG  . GLU A 1 146 ? 13.305  -11.083 1.102   1.00 52.95  ? 175 GLU A CG  1 
ATOM   1169 C  CD  . GLU A 1 146 ? 12.589  -10.944 2.435   1.00 62.31  ? 175 GLU A CD  1 
ATOM   1170 O  OE1 . GLU A 1 146 ? 11.608  -11.678 2.650   1.00 63.61  ? 175 GLU A OE1 1 
ATOM   1171 O  OE2 . GLU A 1 146 ? 12.986  -10.086 3.256   1.00 61.40  ? 175 GLU A OE2 1 
ATOM   1172 N  N   . ASP A 1 147 ? 12.910  -10.400 -2.321  1.00 37.37  ? 176 ASP A N   1 
ATOM   1173 C  CA  . ASP A 1 147 ? 11.659  -10.278 -3.046  1.00 42.91  ? 176 ASP A CA  1 
ATOM   1174 C  C   . ASP A 1 147 ? 10.574  -10.537 -1.999  1.00 37.32  ? 176 ASP A C   1 
ATOM   1175 O  O   . ASP A 1 147 ? 10.256  -11.696 -1.676  1.00 37.42  ? 176 ASP A O   1 
ATOM   1176 C  CB  . ASP A 1 147 ? 11.587  -11.333 -4.130  1.00 44.18  ? 176 ASP A CB  1 
ATOM   1177 C  CG  . ASP A 1 147 ? 10.318  -11.268 -4.945  1.00 47.21  ? 176 ASP A CG  1 
ATOM   1178 O  OD1 . ASP A 1 147 ? 9.244   -10.816 -4.464  1.00 45.26  ? 176 ASP A OD1 1 
ATOM   1179 O  OD2 . ASP A 1 147 ? 10.373  -11.728 -6.092  1.00 50.46  ? 176 ASP A OD2 1 
ATOM   1180 N  N   . ILE A 1 148 ? 10.024  -9.455  -1.439  1.00 35.80  ? 177 ILE A N   1 
ATOM   1181 C  CA  . ILE A 1 148 ? 9.089   -9.593  -0.296  1.00 33.25  ? 177 ILE A CA  1 
ATOM   1182 C  C   . ILE A 1 148 ? 7.821   -10.340 -0.752  1.00 33.45  ? 177 ILE A C   1 
ATOM   1183 O  O   . ILE A 1 148 ? 7.179   -11.092 0.029   1.00 35.59  ? 177 ILE A O   1 
ATOM   1184 C  CB  . ILE A 1 148 ? 8.763   -8.176  0.329   1.00 36.07  ? 177 ILE A CB  1 
ATOM   1185 C  CG1 . ILE A 1 148 ? 8.020   -8.354  1.694   1.00 34.96  ? 177 ILE A CG1 1 
ATOM   1186 C  CG2 . ILE A 1 148 ? 7.997   -7.299  -0.694  1.00 30.70  ? 177 ILE A CG2 1 
ATOM   1187 C  CD1 . ILE A 1 148 ? 8.920   -8.960  2.741   1.00 37.49  ? 177 ILE A CD1 1 
ATOM   1188 N  N   . GLU A 1 149 ? 7.462   -10.208 -2.020  1.00 33.74  ? 178 GLU A N   1 
ATOM   1189 C  CA  . GLU A 1 149 ? 6.238   -10.879 -2.477  1.00 32.72  ? 178 GLU A CA  1 
ATOM   1190 C  C   . GLU A 1 149 ? 6.392   -12.387 -2.496  1.00 37.03  ? 178 GLU A C   1 
ATOM   1191 O  O   . GLU A 1 149 ? 5.426   -13.090 -2.300  1.00 35.49  ? 178 GLU A O   1 
ATOM   1192 C  CB  . GLU A 1 149 ? 5.829   -10.450 -3.864  1.00 35.38  ? 178 GLU A CB  1 
ATOM   1193 C  CG  . GLU A 1 149 ? 5.073   -9.153  -3.863  1.00 38.25  ? 178 GLU A CG  1 
ATOM   1194 C  CD  . GLU A 1 149 ? 5.987   -7.978  -3.879  1.00 43.88  ? 178 GLU A CD  1 
ATOM   1195 O  OE1 . GLU A 1 149 ? 7.150   -8.170  -4.330  1.00 44.60  ? 178 GLU A OE1 1 
ATOM   1196 O  OE2 . GLU A 1 149 ? 5.572   -6.868  -3.413  1.00 36.98  ? 178 GLU A OE2 1 
ATOM   1197 N  N   . LYS A 1 150 ? 7.586   -12.847 -2.867  1.00 35.71  ? 179 LYS A N   1 
ATOM   1198 C  CA  . LYS A 1 150 ? 7.924   -14.272 -2.824  1.00 37.89  ? 179 LYS A CA  1 
ATOM   1199 C  C   . LYS A 1 150 ? 8.176   -14.767 -1.418  1.00 35.18  ? 179 LYS A C   1 
ATOM   1200 O  O   . LYS A 1 150 ? 7.662   -15.835 -1.001  1.00 39.20  ? 179 LYS A O   1 
ATOM   1201 C  CB  . LYS A 1 150 ? 9.116   -14.549 -3.778  1.00 40.43  ? 179 LYS A CB  1 
ATOM   1202 C  CG  . LYS A 1 150 ? 8.606   -14.745 -5.205  1.00 55.33  ? 179 LYS A CG  1 
ATOM   1203 C  CD  . LYS A 1 150 ? 9.661   -15.000 -6.296  1.00 67.59  ? 179 LYS A CD  1 
ATOM   1204 C  CE  . LYS A 1 150 ? 9.029   -14.864 -7.691  1.00 69.76  ? 179 LYS A CE  1 
ATOM   1205 N  NZ  . LYS A 1 150 ? 9.991   -14.667 -8.826  1.00 71.51  ? 179 LYS A NZ  1 
ATOM   1206 N  N   . ALA A 1 151 ? 8.915   -13.994 -0.655  1.00 34.04  ? 180 ALA A N   1 
ATOM   1207 C  CA  . ALA A 1 151 ? 9.282   -14.406 0.699   1.00 39.55  ? 180 ALA A CA  1 
ATOM   1208 C  C   . ALA A 1 151 ? 8.084   -14.462 1.657   1.00 43.23  ? 180 ALA A C   1 
ATOM   1209 O  O   . ALA A 1 151 ? 8.037   -15.283 2.619   1.00 36.63  ? 180 ALA A O   1 
ATOM   1210 C  CB  . ALA A 1 151 ? 10.293  -13.442 1.251   1.00 39.98  ? 180 ALA A CB  1 
ATOM   1211 N  N   . ALA A 1 152 ? 7.089   -13.605 1.407   1.00 37.29  ? 181 ALA A N   1 
ATOM   1212 C  CA  . ALA A 1 152 ? 6.024   -13.448 2.437   1.00 36.85  ? 181 ALA A CA  1 
ATOM   1213 C  C   . ALA A 1 152 ? 4.697   -13.273 1.777   1.00 34.74  ? 181 ALA A C   1 
ATOM   1214 O  O   . ALA A 1 152 ? 4.135   -12.147 1.768   1.00 38.10  ? 181 ALA A O   1 
ATOM   1215 C  CB  . ALA A 1 152 ? 6.350   -12.292 3.381   1.00 36.08  ? 181 ALA A CB  1 
ATOM   1216 N  N   . PRO A 1 153 ? 4.160   -14.384 1.222   1.00 33.92  ? 182 PRO A N   1 
ATOM   1217 C  CA  . PRO A 1 153 ? 3.024   -14.283 0.356   1.00 36.25  ? 182 PRO A CA  1 
ATOM   1218 C  C   . PRO A 1 153 ? 1.693   -14.339 1.069   1.00 33.84  ? 182 PRO A C   1 
ATOM   1219 O  O   . PRO A 1 153 ? 0.684   -14.097 0.439   1.00 34.60  ? 182 PRO A O   1 
ATOM   1220 C  CB  . PRO A 1 153 ? 3.193   -15.503 -0.604  1.00 37.32  ? 182 PRO A CB  1 
ATOM   1221 C  CG  . PRO A 1 153 ? 4.003   -16.502 0.205   1.00 36.45  ? 182 PRO A CG  1 
ATOM   1222 C  CD  . PRO A 1 153 ? 4.803   -15.736 1.195   1.00 34.42  ? 182 PRO A CD  1 
ATOM   1223 N  N   . ASP A 1 154 ? 1.679   -14.654 2.376   1.00 33.07  ? 183 ASP A N   1 
ATOM   1224 C  CA  . ASP A 1 154 ? 0.424   -15.057 3.024   1.00 31.75  ? 183 ASP A CA  1 
ATOM   1225 C  C   . ASP A 1 154 ? -0.186  -13.979 3.941   1.00 28.92  ? 183 ASP A C   1 
ATOM   1226 O  O   . ASP A 1 154 ? 0.452   -12.963 4.226   1.00 29.25  ? 183 ASP A O   1 
ATOM   1227 C  CB  . ASP A 1 154 ? 0.534   -16.442 3.742   1.00 32.10  ? 183 ASP A CB  1 
ATOM   1228 C  CG  . ASP A 1 154 ? 0.988   -17.532 2.772   1.00 41.85  ? 183 ASP A CG  1 
ATOM   1229 O  OD1 . ASP A 1 154 ? 0.578   -17.458 1.574   1.00 39.35  ? 183 ASP A OD1 1 
ATOM   1230 O  OD2 . ASP A 1 154 ? 1.830   -18.383 3.189   1.00 41.31  ? 183 ASP A OD2 1 
ATOM   1231 N  N   . SER A 1 155 ? -1.404  -14.248 4.393   1.00 27.33  ? 184 SER A N   1 
ATOM   1232 C  CA  . SER A 1 155 ? -2.152  -13.233 5.199   1.00 28.58  ? 184 SER A CA  1 
ATOM   1233 C  C   . SER A 1 155 ? -1.432  -12.903 6.484   1.00 31.17  ? 184 SER A C   1 
ATOM   1234 O  O   . SER A 1 155 ? -1.061  -13.791 7.271   1.00 26.92  ? 184 SER A O   1 
ATOM   1235 C  CB  . SER A 1 155 ? -3.596  -13.711 5.485   1.00 26.11  ? 184 SER A CB  1 
ATOM   1236 O  OG  . SER A 1 155 ? -4.172  -12.928 6.482   1.00 26.39  ? 184 SER A OG  1 
ATOM   1237 N  N   . VAL A 1 156 ? -1.281  -11.604 6.717   1.00 28.65  ? 185 VAL A N   1 
ATOM   1238 C  CA  . VAL A 1 156 ? -0.731  -11.092 7.983   1.00 30.18  ? 185 VAL A CA  1 
ATOM   1239 C  C   . VAL A 1 156 ? -1.772  -11.299 9.090   1.00 31.66  ? 185 VAL A C   1 
ATOM   1240 O  O   . VAL A 1 156 ? -1.414  -11.382 10.272  1.00 31.07  ? 185 VAL A O   1 
ATOM   1241 C  CB  . VAL A 1 156 ? -0.291  -9.603  7.778   1.00 34.33  ? 185 VAL A CB  1 
ATOM   1242 C  CG1 . VAL A 1 156 ? -1.450  -8.630  7.781   1.00 29.61  ? 185 VAL A CG1 1 
ATOM   1243 C  CG2 . VAL A 1 156 ? 0.747   -9.202  8.756   1.00 38.87  ? 185 VAL A CG2 1 
ATOM   1244 N  N   . LEU A 1 157 ? -3.040  -11.391 8.726   1.00 28.06  ? 186 LEU A N   1 
ATOM   1245 C  CA  . LEU A 1 157 ? -4.097  -11.546 9.784   1.00 31.55  ? 186 LEU A CA  1 
ATOM   1246 C  C   . LEU A 1 157 ? -4.294  -13.017 10.207  1.00 34.97  ? 186 LEU A C   1 
ATOM   1247 O  O   . LEU A 1 157 ? -4.541  -13.306 11.391  1.00 35.83  ? 186 LEU A O   1 
ATOM   1248 C  CB  . LEU A 1 157 ? -5.474  -11.025 9.304   1.00 31.56  ? 186 LEU A CB  1 
ATOM   1249 C  CG  . LEU A 1 157 ? -5.475  -9.464  9.223   1.00 39.12  ? 186 LEU A CG  1 
ATOM   1250 C  CD1 . LEU A 1 157 ? -6.882  -8.995  8.895   1.00 40.72  ? 186 LEU A CD1 1 
ATOM   1251 C  CD2 . LEU A 1 157 ? -4.997  -8.775  10.472  1.00 41.17  ? 186 LEU A CD2 1 
ATOM   1252 N  N   . THR A 1 158 ? -4.243  -13.921 9.238   1.00 28.38  ? 187 THR A N   1 
ATOM   1253 C  CA  . THR A 1 158 ? -4.604  -15.310 9.531   1.00 29.55  ? 187 THR A CA  1 
ATOM   1254 C  C   . THR A 1 158 ? -3.540  -16.327 9.154   1.00 29.54  ? 187 THR A C   1 
ATOM   1255 O  O   . THR A 1 158 ? -3.678  -17.535 9.452   1.00 29.18  ? 187 THR A O   1 
ATOM   1256 C  CB  . THR A 1 158 ? -5.872  -15.710 8.762   1.00 29.42  ? 187 THR A CB  1 
ATOM   1257 O  OG1 . THR A 1 158 ? -5.637  -15.592 7.344   1.00 26.77  ? 187 THR A OG1 1 
ATOM   1258 C  CG2 . THR A 1 158 ? -7.056  -14.844 9.134   1.00 28.70  ? 187 THR A CG2 1 
ATOM   1259 N  N   . GLY A 1 159 ? -2.515  -15.902 8.439   1.00 27.28  ? 188 GLY A N   1 
ATOM   1260 C  CA  . GLY A 1 159 ? -1.497  -16.818 7.902   1.00 28.74  ? 188 GLY A CA  1 
ATOM   1261 C  C   . GLY A 1 159 ? -1.965  -17.640 6.710   1.00 29.47  ? 188 GLY A C   1 
ATOM   1262 O  O   . GLY A 1 159 ? -1.175  -18.400 6.160   1.00 28.83  ? 188 GLY A O   1 
ATOM   1263 N  N   . ARG A 1 160 ? -3.234  -17.477 6.285   1.00 29.31  ? 189 ARG A N   1 
ATOM   1264 C  CA  . ARG A 1 160 ? -3.776  -18.209 5.111   1.00 29.15  ? 189 ARG A CA  1 
ATOM   1265 C  C   . ARG A 1 160 ? -3.137  -17.855 3.793   1.00 30.68  ? 189 ARG A C   1 
ATOM   1266 O  O   . ARG A 1 160 ? -2.743  -16.683 3.564   1.00 28.83  ? 189 ARG A O   1 
ATOM   1267 C  CB  . ARG A 1 160 ? -5.305  -18.051 4.973   1.00 27.43  ? 189 ARG A CB  1 
ATOM   1268 C  CG  . ARG A 1 160 ? -6.065  -18.841 6.063   1.00 30.14  ? 189 ARG A CG  1 
ATOM   1269 C  CD  . ARG A 1 160 ? -7.575  -18.647 5.973   1.00 30.77  ? 189 ARG A CD  1 
ATOM   1270 N  NE  . ARG A 1 160 ? -7.968  -17.233 6.121   1.00 31.08  ? 189 ARG A NE  1 
ATOM   1271 C  CZ  . ARG A 1 160 ? -9.203  -16.779 5.928   1.00 34.47  ? 189 ARG A CZ  1 
ATOM   1272 N  NH1 . ARG A 1 160 ? -10.236 -17.621 5.612   1.00 29.13  ? 189 ARG A NH1 1 
ATOM   1273 N  NH2 . ARG A 1 160 ? -9.403  -15.475 6.049   1.00 31.15  ? 189 ARG A NH2 1 
ATOM   1274 N  N   . THR A 1 161 ? -3.126  -18.830 2.871   1.00 29.30  ? 190 THR A N   1 
ATOM   1275 C  CA  . THR A 1 161 ? -2.792  -18.548 1.501   1.00 28.66  ? 190 THR A CA  1 
ATOM   1276 C  C   . THR A 1 161 ? -3.998  -17.941 0.774   1.00 30.87  ? 190 THR A C   1 
ATOM   1277 O  O   . THR A 1 161 ? -5.125  -18.016 1.265   1.00 28.05  ? 190 THR A O   1 
ATOM   1278 C  CB  . THR A 1 161 ? -2.418  -19.816 0.716   1.00 31.21  ? 190 THR A CB  1 
ATOM   1279 O  OG1 . THR A 1 161 ? -3.582  -20.688 0.679   1.00 29.78  ? 190 THR A OG1 1 
ATOM   1280 C  CG2 . THR A 1 161 ? -1.209  -20.517 1.347   1.00 32.12  ? 190 THR A CG2 1 
ATOM   1281 N  N   . MET A 1 162 ? -3.753  -17.407 -0.437  1.00 30.75  ? 191 MET A N   1 
ATOM   1282 C  CA  . MET A 1 162 ? -4.863  -16.922 -1.276  1.00 32.74  ? 191 MET A CA  1 
ATOM   1283 C  C   . MET A 1 162 ? -5.885  -18.024 -1.562  1.00 31.38  ? 191 MET A C   1 
ATOM   1284 O  O   . MET A 1 162 ? -7.074  -17.816 -1.445  1.00 29.37  ? 191 MET A O   1 
ATOM   1285 C  CB  . MET A 1 162 ? -4.327  -16.230 -2.564  1.00 33.12  ? 191 MET A CB  1 
ATOM   1286 C  CG  . MET A 1 162 ? -5.427  -15.443 -3.275  1.00 39.37  ? 191 MET A CG  1 
ATOM   1287 S  SD  . MET A 1 162 ? -5.624  -13.819 -2.404  1.00 45.03  ? 191 MET A SD  1 
ATOM   1288 C  CE  . MET A 1 162 ? -4.009  -13.402 -1.979  1.00 28.11  ? 191 MET A CE  1 
ATOM   1289 N  N   . ASP A 1 163 ? -5.422  -19.235 -1.850  1.00 32.57  ? 192 ASP A N   1 
ATOM   1290 C  CA  . ASP A 1 163 ? -6.401  -20.303 -2.154  1.00 36.98  ? 192 ASP A CA  1 
ATOM   1291 C  C   . ASP A 1 163 ? -7.201  -20.731 -0.916  1.00 34.76  ? 192 ASP A C   1 
ATOM   1292 O  O   . ASP A 1 163 ? -8.396  -20.995 -1.010  1.00 37.28  ? 192 ASP A O   1 
ATOM   1293 C  CB  . ASP A 1 163 ? -5.680  -21.515 -2.763  1.00 39.97  ? 192 ASP A CB  1 
ATOM   1294 C  CG  . ASP A 1 163 ? -6.667  -22.635 -3.157  1.00 61.20  ? 192 ASP A CG  1 
ATOM   1295 O  OD1 . ASP A 1 163 ? -7.730  -22.332 -3.768  1.00 67.52  ? 192 ASP A OD1 1 
ATOM   1296 O  OD2 . ASP A 1 163 ? -6.405  -23.821 -2.833  1.00 69.16  ? 192 ASP A OD2 1 
ATOM   1297 N  N   . GLU A 1 164 ? -6.574  -20.746 0.271   1.00 30.97  ? 193 GLU A N   1 
ATOM   1298 C  CA  . GLU A 1 164 ? -7.354  -20.951 1.492   1.00 34.02  ? 193 GLU A CA  1 
ATOM   1299 C  C   . GLU A 1 164 ? -8.429  -19.909 1.757   1.00 36.18  ? 193 GLU A C   1 
ATOM   1300 O  O   . GLU A 1 164 ? -9.572  -20.271 2.182   1.00 38.47  ? 193 GLU A O   1 
ATOM   1301 C  CB  . GLU A 1 164 ? -6.454  -21.081 2.739   1.00 31.49  ? 193 GLU A CB  1 
ATOM   1302 C  CG  . GLU A 1 164 ? -5.691  -22.400 2.705   1.00 39.70  ? 193 GLU A CG  1 
ATOM   1303 C  CD  . GLU A 1 164 ? -4.398  -22.425 3.553   1.00 41.89  ? 193 GLU A CD  1 
ATOM   1304 O  OE1 . GLU A 1 164 ? -3.908  -21.378 4.022   1.00 33.92  ? 193 GLU A OE1 1 
ATOM   1305 O  OE2 . GLU A 1 164 ? -3.826  -23.542 3.696   1.00 43.54  ? 193 GLU A OE2 1 
ATOM   1306 N  N   . ILE A 1 165 ? -8.102  -18.627 1.492   1.00 32.00  ? 194 ILE A N   1 
ATOM   1307 C  CA  . ILE A 1 165 ? -9.113  -17.569 1.649   1.00 31.66  ? 194 ILE A CA  1 
ATOM   1308 C  C   . ILE A 1 165 ? -10.275 -17.796 0.621   1.00 30.50  ? 194 ILE A C   1 
ATOM   1309 O  O   . ILE A 1 165 ? -11.431 -17.769 0.998   1.00 35.56  ? 194 ILE A O   1 
ATOM   1310 C  CB  . ILE A 1 165 ? -8.508  -16.132 1.496   1.00 28.26  ? 194 ILE A CB  1 
ATOM   1311 C  CG1 . ILE A 1 165 ? -7.476  -15.928 2.629   1.00 27.52  ? 194 ILE A CG1 1 
ATOM   1312 C  CG2 . ILE A 1 165 ? -9.584  -15.029 1.556   1.00 27.94  ? 194 ILE A CG2 1 
ATOM   1313 C  CD1 . ILE A 1 165 ? -6.594  -14.722 2.297   1.00 26.92  ? 194 ILE A CD1 1 
ATOM   1314 N  N   . ALA A 1 166 ? -9.923  -18.054 -0.627  1.00 30.96  ? 195 ALA A N   1 
ATOM   1315 C  CA  . ALA A 1 166 ? -10.933 -18.291 -1.724  1.00 35.71  ? 195 ALA A CA  1 
ATOM   1316 C  C   . ALA A 1 166 ? -11.846 -19.493 -1.306  1.00 42.48  ? 195 ALA A C   1 
ATOM   1317 O  O   . ALA A 1 166 ? -13.065 -19.390 -1.385  1.00 42.28  ? 195 ALA A O   1 
ATOM   1318 C  CB  . ALA A 1 166 ? -10.235 -18.533 -3.064  1.00 37.69  ? 195 ALA A CB  1 
ATOM   1319 N  N   . LYS A 1 167 ? -11.265 -20.587 -0.800  1.00 42.14  ? 196 LYS A N   1 
ATOM   1320 C  CA  . LYS A 1 167 ? -12.075 -21.768 -0.396  1.00 45.73  ? 196 LYS A CA  1 
ATOM   1321 C  C   . LYS A 1 167 ? -12.912 -21.513 0.815   1.00 51.34  ? 196 LYS A C   1 
ATOM   1322 O  O   . LYS A 1 167 ? -14.045 -21.958 0.874   1.00 50.17  ? 196 LYS A O   1 
ATOM   1323 C  CB  . LYS A 1 167 ? -11.179 -22.962 -0.121  1.00 48.97  ? 196 LYS A CB  1 
ATOM   1324 C  CG  . LYS A 1 167 ? -10.596 -23.497 -1.425  1.00 56.19  ? 196 LYS A CG  1 
ATOM   1325 C  CD  . LYS A 1 167 ? -9.418  -24.414 -1.134  1.00 69.77  ? 196 LYS A CD  1 
ATOM   1326 C  CE  . LYS A 1 167 ? -9.312  -25.549 -2.145  1.00 72.26  ? 196 LYS A CE  1 
ATOM   1327 N  NZ  . LYS A 1 167 ? -8.876  -25.055 -3.480  1.00 72.31  ? 196 LYS A NZ  1 
ATOM   1328 N  N   . GLU A 1 168 ? -12.375 -20.789 1.787   1.00 43.57  ? 197 GLU A N   1 
ATOM   1329 C  CA  . GLU A 1 168 ? -13.123 -20.540 2.994   1.00 44.83  ? 197 GLU A CA  1 
ATOM   1330 C  C   . GLU A 1 168 ? -14.136 -19.403 2.894   1.00 57.35  ? 197 GLU A C   1 
ATOM   1331 O  O   . GLU A 1 168 ? -14.905 -19.234 3.827   1.00 59.59  ? 197 GLU A O   1 
ATOM   1332 C  CB  . GLU A 1 168 ? -12.196 -20.363 4.187   1.00 47.88  ? 197 GLU A CB  1 
ATOM   1333 C  CG  . GLU A 1 168 ? -11.321 -21.606 4.448   1.00 51.81  ? 197 GLU A CG  1 
ATOM   1334 C  CD  . GLU A 1 168 ? -10.240 -21.435 5.508   1.00 56.35  ? 197 GLU A CD  1 
ATOM   1335 O  OE1 . GLU A 1 168 ? -9.379  -22.331 5.572   1.00 64.94  ? 197 GLU A OE1 1 
ATOM   1336 O  OE2 . GLU A 1 168 ? -10.245 -20.465 6.295   1.00 42.26  ? 197 GLU A OE2 1 
ATOM   1337 N  N   . GLY A 1 169 ? -14.131 -18.633 1.793   1.00 53.88  ? 198 GLY A N   1 
ATOM   1338 C  CA  . GLY A 1 169 ? -15.019 -17.460 1.608   1.00 53.21  ? 198 GLY A CA  1 
ATOM   1339 C  C   . GLY A 1 169 ? -14.423 -16.106 1.914   0.00 30.00  ? 198 GLY A C   1 
ATOM   1340 O  O   . GLY A 1 169 ? -15.212 -15.142 1.635   0.00 30.00  ? 198 GLY A O   1 
ATOM   1341 O  OXT . GLY A 1 169 ? -13.252 -15.994 2.409   0.00 30.00  ? 198 GLY A OXT 1 
HETATM 1342 C  C1  . EDO B 2 .   ? -1.076  -19.292 -2.778  1.00 56.15  ? 201 EDO A C1  1 
HETATM 1343 O  O1  . EDO B 2 .   ? -2.474  -19.728 -2.810  1.00 41.74  ? 201 EDO A O1  1 
HETATM 1344 C  C2  . EDO B 2 .   ? -0.911  -17.774 -2.722  1.00 58.10  ? 201 EDO A C2  1 
HETATM 1345 O  O2  . EDO B 2 .   ? -1.132  -17.210 -1.400  1.00 49.79  ? 201 EDO A O2  1 
HETATM 1346 C  C1  . EDO C 2 .   ? 2.870   -13.376 6.857   1.00 51.28  ? 202 EDO A C1  1 
HETATM 1347 O  O1  . EDO C 2 .   ? 2.912   -12.558 8.047   1.00 54.37  ? 202 EDO A O1  1 
HETATM 1348 C  C2  . EDO C 2 .   ? 2.137   -14.666 7.189   1.00 44.30  ? 202 EDO A C2  1 
HETATM 1349 O  O2  . EDO C 2 .   ? 1.574   -14.476 8.487   1.00 52.08  ? 202 EDO A O2  1 
HETATM 1350 C  C1  . EDO D 2 .   ? 13.761  1.171   8.636   1.00 39.65  ? 203 EDO A C1  1 
HETATM 1351 O  O1  . EDO D 2 .   ? 15.081  1.305   8.145   1.00 50.01  ? 203 EDO A O1  1 
HETATM 1352 C  C2  . EDO D 2 .   ? 13.471  -0.310  8.945   1.00 54.88  ? 203 EDO A C2  1 
HETATM 1353 O  O2  . EDO D 2 .   ? 12.709  -0.455  10.135  1.00 47.01  ? 203 EDO A O2  1 
HETATM 1354 C  C1  . EDO E 2 .   ? 14.685  -1.600  5.849   1.00 67.28  ? 204 EDO A C1  1 
HETATM 1355 O  O1  . EDO E 2 .   ? 15.515  -0.628  6.464   1.00 80.12  ? 204 EDO A O1  1 
HETATM 1356 C  C2  . EDO E 2 .   ? 13.616  -0.779  5.172   1.00 63.65  ? 204 EDO A C2  1 
HETATM 1357 O  O2  . EDO E 2 .   ? 13.069  -1.582  4.122   1.00 45.02  ? 204 EDO A O2  1 
HETATM 1358 C  C1  . EDO F 2 .   ? 0.416   14.657  9.212   1.00 48.80  ? 205 EDO A C1  1 
HETATM 1359 O  O1  . EDO F 2 .   ? 0.592   13.260  9.077   1.00 74.39  ? 205 EDO A O1  1 
HETATM 1360 C  C2  . EDO F 2 .   ? -0.326  14.818  10.500  1.00 59.07  ? 205 EDO A C2  1 
HETATM 1361 O  O2  . EDO F 2 .   ? -1.406  15.695  10.163  1.00 77.76  ? 205 EDO A O2  1 
HETATM 1362 C  C1  . EDO G 2 .   ? -16.240 5.948   0.452   1.00 63.34  ? 206 EDO A C1  1 
HETATM 1363 O  O1  . EDO G 2 .   ? -16.091 7.342   0.729   1.00 68.61  ? 206 EDO A O1  1 
HETATM 1364 C  C2  . EDO G 2 .   ? -15.689 5.132   1.623   1.00 55.78  ? 206 EDO A C2  1 
HETATM 1365 O  O2  . EDO G 2 .   ? -15.593 5.902   2.834   1.00 48.41  ? 206 EDO A O2  1 
HETATM 1366 C  C1  . EDO H 2 .   ? 14.244  -13.556 -3.070  1.00 70.92  ? 207 EDO A C1  1 
HETATM 1367 O  O1  . EDO H 2 .   ? 13.962  -13.220 -1.706  1.00 61.93  ? 207 EDO A O1  1 
HETATM 1368 C  C2  . EDO H 2 .   ? 13.434  -14.816 -3.390  1.00 77.34  ? 207 EDO A C2  1 
HETATM 1369 O  O2  . EDO H 2 .   ? 12.776  -15.260 -2.190  1.00 79.51  ? 207 EDO A O2  1 
HETATM 1370 MG MG  . MG  I 3 .   ? -9.588  -3.964  -6.136  1.00 76.69  ? 208 MG  A MG  1 
HETATM 1371 V  V   . VN4 J 4 .   ? -11.189 -3.167  -3.452  1.00 64.29  ? 209 VN4 A V   1 
HETATM 1372 O  O1  . VN4 J 4 .   ? -12.983 -2.605  -3.065  1.00 56.12  ? 209 VN4 A O1  1 
HETATM 1373 O  O2  . VN4 J 4 .   ? -10.940 -4.918  -2.671  1.00 46.00  ? 209 VN4 A O2  1 
HETATM 1374 O  O3  . VN4 J 4 .   ? -9.996  -2.071  -4.440  1.00 58.94  ? 209 VN4 A O3  1 
HETATM 1375 O  O   . HOH K 5 .   ? 10.681  -2.130  3.937   1.00 40.49  ? 301 HOH A O   1 
HETATM 1376 O  O   . HOH K 5 .   ? -7.834  -2.749  -6.958  1.00 48.80  ? 302 HOH A O   1 
HETATM 1377 O  O   . HOH K 5 .   ? 4.343   14.324  -13.612 1.00 49.47  ? 303 HOH A O   1 
HETATM 1378 O  O   . HOH K 5 .   ? 19.926  1.897   5.892   1.00 43.88  ? 304 HOH A O   1 
HETATM 1379 O  O   . HOH K 5 .   ? 13.630  3.114   6.410   1.00 28.38  ? 305 HOH A O   1 
HETATM 1380 O  O   . HOH K 5 .   ? -8.430  6.905   -2.789  1.00 32.08  ? 306 HOH A O   1 
HETATM 1381 O  O   . HOH K 5 .   ? 5.682   -8.762  -7.472  1.00 50.02  ? 307 HOH A O   1 
HETATM 1382 O  O   . HOH K 5 .   ? 2.966   -11.243 -6.227  1.00 39.69  ? 308 HOH A O   1 
HETATM 1383 O  O   . HOH K 5 .   ? 1.117   -4.518  12.213  1.00 40.63  ? 309 HOH A O   1 
HETATM 1384 O  O   . HOH K 5 .   ? -8.107  -0.286  -4.370  1.00 43.91  ? 310 HOH A O   1 
HETATM 1385 O  O   . HOH K 5 .   ? -2.938  -23.100 -0.119  1.00 45.99  ? 311 HOH A O   1 
HETATM 1386 O  O   . HOH K 5 .   ? 14.659  3.384   -10.926 1.00 57.27  ? 312 HOH A O   1 
HETATM 1387 O  O   . HOH K 5 .   ? -8.446  -5.225  -1.852  1.00 44.91  ? 313 HOH A O   1 
HETATM 1388 O  O   . HOH K 5 .   ? 13.128  4.056   -7.417  1.00 50.76  ? 314 HOH A O   1 
HETATM 1389 O  O   . HOH K 5 .   ? -14.592 9.510   0.310   1.00 55.89  ? 315 HOH A O   1 
HETATM 1390 O  O   . HOH K 5 .   ? 1.605   22.077  7.554   1.00 62.28  ? 316 HOH A O   1 
HETATM 1391 O  O   . HOH K 5 .   ? 10.678  13.505  4.623   1.00 68.94  ? 317 HOH A O   1 
HETATM 1392 O  O   . HOH K 5 .   ? 1.122   -11.789 11.054  1.00 47.62  ? 318 HOH A O   1 
HETATM 1393 O  O   . HOH K 5 .   ? 14.634  -2.097  1.903   1.00 34.16  ? 319 HOH A O   1 
HETATM 1394 O  O   . HOH K 5 .   ? 2.967   -12.010 -2.084  1.00 33.18  ? 320 HOH A O   1 
HETATM 1395 O  O   . HOH K 5 .   ? 18.154  0.645   0.543   1.00 40.60  ? 321 HOH A O   1 
HETATM 1396 O  O   . HOH K 5 .   ? 6.629   -2.193  12.105  1.00 48.26  ? 322 HOH A O   1 
HETATM 1397 O  O   . HOH K 5 .   ? 2.972   -20.229 1.575   1.00 49.04  ? 323 HOH A O   1 
HETATM 1398 O  O   . HOH K 5 .   ? -6.410  5.133   -11.635 1.00 48.37  ? 324 HOH A O   1 
HETATM 1399 O  O   . HOH K 5 .   ? -11.965 -14.303 6.065   1.00 46.07  ? 325 HOH A O   1 
HETATM 1400 O  O   . HOH K 5 .   ? -8.133  -16.539 -5.401  1.00 54.53  ? 326 HOH A O   1 
HETATM 1401 O  O   . HOH K 5 .   ? 15.668  8.654   1.425   1.00 34.60  ? 327 HOH A O   1 
HETATM 1402 O  O   . HOH K 5 .   ? -18.778 -13.052 -1.700  1.00 44.46  ? 328 HOH A O   1 
HETATM 1403 O  O   . HOH K 5 .   ? 1.225   -9.031  -9.135  1.00 63.62  ? 329 HOH A O   1 
HETATM 1404 O  O   . HOH K 5 .   ? 4.116   11.999  -16.518 1.00 40.42  ? 330 HOH A O   1 
HETATM 1405 O  O   . HOH K 5 .   ? 10.950  -6.848  -2.628  1.00 34.66  ? 331 HOH A O   1 
HETATM 1406 O  O   . HOH K 5 .   ? -15.030 -14.247 -6.351  1.00 46.34  ? 332 HOH A O   1 
HETATM 1407 O  O   . HOH K 5 .   ? 8.017   -8.046  11.163  1.00 53.50  ? 333 HOH A O   1 
HETATM 1408 O  O   . HOH K 5 .   ? 16.086  -7.031  1.368   1.00 44.95  ? 334 HOH A O   1 
HETATM 1409 O  O   . HOH K 5 .   ? 10.687  -4.670  5.071   1.00 35.60  ? 335 HOH A O   1 
HETATM 1410 O  O   . HOH K 5 .   ? 18.603  -7.307  -5.222  1.00 42.85  ? 336 HOH A O   1 
HETATM 1411 O  O   . HOH K 5 .   ? 2.780   11.191  11.277  1.00 46.59  ? 337 HOH A O   1 
HETATM 1412 O  O   . HOH K 5 .   ? 7.950   -0.255  -3.913  1.00 32.76  ? 338 HOH A O   1 
HETATM 1413 O  O   . HOH K 5 .   ? -3.407  -0.479  12.169  1.00 36.66  ? 339 HOH A O   1 
HETATM 1414 O  O   . HOH K 5 .   ? -12.855 8.016   -4.050  1.00 41.49  ? 340 HOH A O   1 
HETATM 1415 O  O   . HOH K 5 .   ? 10.782  0.317   -4.506  1.00 26.63  ? 341 HOH A O   1 
HETATM 1416 O  O   . HOH K 5 .   ? 2.329   20.949  9.868   1.00 59.37  ? 342 HOH A O   1 
HETATM 1417 O  O   . HOH K 5 .   ? 7.777   -2.111  -11.322 1.00 37.40  ? 343 HOH A O   1 
HETATM 1418 O  O   . HOH K 5 .   ? -4.138  4.295   17.432  1.00 61.54  ? 344 HOH A O   1 
HETATM 1419 O  O   . HOH K 5 .   ? 12.338  0.597   -11.798 1.00 39.53  ? 345 HOH A O   1 
HETATM 1420 O  O   . HOH K 5 .   ? -12.529 -15.864 -5.259  1.00 47.08  ? 346 HOH A O   1 
HETATM 1421 O  O   . HOH K 5 .   ? 10.272  16.304  1.323   1.00 52.18  ? 347 HOH A O   1 
HETATM 1422 O  O   . HOH K 5 .   ? -13.932 5.556   6.899   1.00 38.95  ? 348 HOH A O   1 
HETATM 1423 O  O   . HOH K 5 .   ? -19.910 -7.160  -14.319 1.00 59.68  ? 349 HOH A O   1 
HETATM 1424 O  O   . HOH K 5 .   ? 14.817  7.438   4.327   1.00 40.60  ? 350 HOH A O   1 
HETATM 1425 O  O   . HOH K 5 .   ? -21.706 -10.378 -9.609  1.00 46.95  ? 351 HOH A O   1 
HETATM 1426 O  O   . HOH K 5 .   ? 5.986   -17.526 -2.542  1.00 58.48  ? 352 HOH A O   1 
HETATM 1427 O  O   . HOH K 5 .   ? -5.809  7.799   -3.864  1.00 40.26  ? 353 HOH A O   1 
HETATM 1428 O  O   . HOH K 5 .   ? -4.559  -11.335 13.437  1.00 42.44  ? 354 HOH A O   1 
HETATM 1429 O  O   . HOH K 5 .   ? 8.402   -18.103 2.397   1.00 62.83  ? 355 HOH A O   1 
HETATM 1430 O  O   . HOH K 5 .   ? 4.099   12.884  3.155   1.00 31.15  ? 356 HOH A O   1 
HETATM 1431 O  O   . HOH K 5 .   ? 2.116   -14.445 -5.541  1.00 64.42  ? 357 HOH A O   1 
HETATM 1432 O  O   . HOH K 5 .   ? 6.017   14.054  -11.061 1.00 51.79  ? 358 HOH A O   1 
HETATM 1433 O  O   . HOH K 5 .   ? -4.173  19.175  6.370   1.00 54.92  ? 359 HOH A O   1 
HETATM 1434 O  O   . HOH K 5 .   ? -19.533 -3.435  -7.722  1.00 35.22  ? 360 HOH A O   1 
HETATM 1435 O  O   . HOH K 5 .   ? -4.275  11.269  -8.097  1.00 44.83  ? 361 HOH A O   1 
HETATM 1436 O  O   . HOH K 5 .   ? -15.172 2.417   8.825   1.00 37.41  ? 362 HOH A O   1 
HETATM 1437 O  O   . HOH K 5 .   ? 20.779  2.369   -1.523  1.00 59.06  ? 363 HOH A O   1 
HETATM 1438 O  O   . HOH K 5 .   ? 3.082   -1.817  -9.695  1.00 39.14  ? 364 HOH A O   1 
HETATM 1439 O  O   . HOH K 5 .   ? 1.973   8.801   12.875  1.00 58.26  ? 365 HOH A O   1 
HETATM 1440 O  O   . HOH K 5 .   ? -0.970  8.682   -20.282 1.00 58.55  ? 366 HOH A O   1 
HETATM 1441 O  O   . HOH K 5 .   ? -12.669 -8.250  -10.527 1.00 63.77  ? 367 HOH A O   1 
HETATM 1442 O  O   . HOH K 5 .   ? -9.114  8.098   -6.939  1.00 58.47  ? 368 HOH A O   1 
HETATM 1443 O  O   . HOH K 5 .   ? 11.916  12.672  3.635   1.00 59.70  ? 369 HOH A O   1 
HETATM 1444 O  O   . HOH K 5 .   ? 4.838   12.830  11.749  1.00 66.16  ? 370 HOH A O   1 
HETATM 1445 O  O   . HOH K 5 .   ? 2.061   -0.464  13.606  1.00 55.73  ? 371 HOH A O   1 
HETATM 1446 O  O   . HOH K 5 .   ? 22.059  -4.269  4.302   1.00 55.43  ? 372 HOH A O   1 
HETATM 1447 O  O   . HOH K 5 .   ? -9.936  -0.968  10.630  1.00 52.32  ? 373 HOH A O   1 
HETATM 1448 O  O   . HOH K 5 .   ? 4.886   -1.450  -11.809 1.00 27.05  ? 374 HOH A O   1 
HETATM 1449 O  O   . HOH K 5 .   ? -12.011 2.132   -7.697  1.00 59.70  ? 375 HOH A O   1 
HETATM 1450 O  O   . HOH K 5 .   ? 10.189  16.771  -5.581  1.00 50.80  ? 376 HOH A O   1 
HETATM 1451 O  O   . HOH K 5 .   ? 23.295  -10.813 -0.680  1.00 59.38  ? 377 HOH A O   1 
HETATM 1452 O  O   . HOH K 5 .   ? 24.779  6.481   -2.766  1.00 66.79  ? 378 HOH A O   1 
HETATM 1453 O  O   . HOH K 5 .   ? 9.323   20.117  -2.353  1.00 60.82  ? 379 HOH A O   1 
HETATM 1454 O  O   . HOH K 5 .   ? 13.757  26.288  10.158  1.00 45.21  ? 380 HOH A O   1 
HETATM 1455 O  O   . HOH K 5 .   ? -12.393 -5.512  -10.398 1.00 54.93  ? 381 HOH A O   1 
HETATM 1456 O  O   . HOH K 5 .   ? 14.170  -7.216  -5.378  1.00 52.48  ? 382 HOH A O   1 
HETATM 1457 O  O   . HOH K 5 .   ? 16.733  -0.434  2.386   1.00 39.52  ? 383 HOH A O   1 
HETATM 1458 O  O   . HOH K 5 .   ? -0.002  20.467  -6.759  1.00 61.36  ? 384 HOH A O   1 
HETATM 1459 O  O   . HOH K 5 .   ? 15.181  -4.683  2.876   1.00 39.98  ? 385 HOH A O   1 
HETATM 1460 O  O   . HOH K 5 .   ? -9.988  -12.509 8.694   1.00 65.14  ? 386 HOH A O   1 
HETATM 1461 O  O   . HOH K 5 .   ? -6.875  1.878   -11.732 1.00 60.59  ? 387 HOH A O   1 
HETATM 1462 O  O   . HOH K 5 .   ? 16.730  -4.336  5.081   1.00 54.04  ? 388 HOH A O   1 
HETATM 1463 O  O   . HOH K 5 .   ? -0.316  6.851   -22.210 1.00 65.65  ? 389 HOH A O   1 
HETATM 1464 O  O   . HOH K 5 .   ? -5.563  -6.163  13.052  1.00 63.74  ? 390 HOH A O   1 
# 
